data_7H4B
# 
_entry.id   7H4B 
# 
_audit_conform.dict_name       mmcif_pdbx.dic 
_audit_conform.dict_version    5.397 
_audit_conform.dict_location   http://mmcif.pdb.org/dictionaries/ascii/mmcif_pdbx.dic 
# 
loop_
_database_2.database_id 
_database_2.database_code 
_database_2.pdbx_database_accession 
_database_2.pdbx_DOI 
PDB   7H4B         pdb_00007h4b 10.2210/pdb7h4b/pdb 
WWPDB D_1001407006 ?            ?                   
# 
loop_
_pdbx_audit_revision_history.ordinal 
_pdbx_audit_revision_history.data_content_type 
_pdbx_audit_revision_history.major_revision 
_pdbx_audit_revision_history.minor_revision 
_pdbx_audit_revision_history.revision_date 
1 'Structure model' 1 0 2024-04-24 
2 'Structure model' 1 1 2024-10-16 
# 
_pdbx_audit_revision_details.ordinal             1 
_pdbx_audit_revision_details.revision_ordinal    1 
_pdbx_audit_revision_details.data_content_type   'Structure model' 
_pdbx_audit_revision_details.provider            repository 
_pdbx_audit_revision_details.type                'Initial release' 
_pdbx_audit_revision_details.description         ? 
_pdbx_audit_revision_details.details             ? 
# 
loop_
_pdbx_audit_revision_group.ordinal 
_pdbx_audit_revision_group.revision_ordinal 
_pdbx_audit_revision_group.data_content_type 
_pdbx_audit_revision_group.group 
1 2 'Structure model' 'Database references' 
2 2 'Structure model' 'Structure summary'   
# 
loop_
_pdbx_audit_revision_category.ordinal 
_pdbx_audit_revision_category.revision_ordinal 
_pdbx_audit_revision_category.data_content_type 
_pdbx_audit_revision_category.category 
1 2 'Structure model' citation           
2 2 'Structure model' citation_author    
3 2 'Structure model' pdbx_entry_details 
# 
loop_
_pdbx_audit_revision_item.ordinal 
_pdbx_audit_revision_item.revision_ordinal 
_pdbx_audit_revision_item.data_content_type 
_pdbx_audit_revision_item.item 
1 2 'Structure model' '_citation.country'                 
2 2 'Structure model' '_citation.journal_abbrev'          
3 2 'Structure model' '_citation.journal_id_CSD'          
4 2 'Structure model' '_citation.journal_id_ISSN'         
5 2 'Structure model' '_citation.pdbx_database_id_DOI'    
6 2 'Structure model' '_citation.pdbx_database_id_PubMed' 
7 2 'Structure model' '_citation.title'                   
8 2 'Structure model' '_citation.year'                    
# 
_pdbx_database_status.entry_id                        7H4B 
_pdbx_database_status.status_code                     REL 
_pdbx_database_status.status_code_sf                  REL 
_pdbx_database_status.status_code_mr                  ? 
_pdbx_database_status.status_code_cs                  ? 
_pdbx_database_status.recvd_initial_deposition_date   2024-04-04 
_pdbx_database_status.status_code_nmr_data            ? 
_pdbx_database_status.deposit_site                    RCSB 
_pdbx_database_status.process_site                    RCSB 
_pdbx_database_status.SG_entry                        ? 
_pdbx_database_status.pdb_format_compatible           Y 
_pdbx_database_status.methods_development_category    ? 
# 
_pdbx_contact_author.id                 1 
_pdbx_contact_author.email              frank.von-delft@diamond.ac.uk 
_pdbx_contact_author.name_first         Frank 
_pdbx_contact_author.name_last          'von Delft' 
_pdbx_contact_author.role               'principal investigator/group leader' 
_pdbx_contact_author.identifier_ORCID   0000-0003-0378-0017 
_pdbx_contact_author.name_mi            ? 
# 
loop_
_audit_author.name 
_audit_author.pdbx_ordinal 
'Lithgo, R.M.'        1  
'Fairhead, M.'        2  
'Koekemoer, L.'       3  
'Balcomb, B.H.'       4  
'Capkin, E.'          5  
'Chandran, A.V.'      6  
'Golding, M.'         7  
'Godoy, A.S.'         8  
'Aschenbrenner, J.C.' 9  
'Marples, P.G.'       10 
'Ni, X.'              11 
'Thompson, W.'        12 
'Tomlinson, C.W.E.'   13 
'Wild, C.'            14 
'Winokan, M.'         15 
'Xavier, M.-A.E.'     16 
'Fearon, D.'          17 
'von Delft, F.'       18 
# 
_citation.id                        primary 
_citation.title                     
;Crystallographic Fragment Screen of Coxsackievirus A16 2A Protease identifies new opportunities for the development of broad-spectrum anti-enterovirals.
;
_citation.journal_abbrev            Biorxiv 
_citation.journal_volume            ? 
_citation.page_first                ? 
_citation.page_last                 ? 
_citation.year                      2024 
_citation.journal_id_ASTM           ? 
_citation.country                   US 
_citation.journal_id_ISSN           2692-8205 
_citation.journal_id_CSD            ? 
_citation.book_publisher            ? 
_citation.pdbx_database_id_PubMed   38746446 
_citation.pdbx_database_id_DOI      10.1101/2024.04.29.591684 
# 
loop_
_citation_author.citation_id 
_citation_author.name 
_citation_author.identifier_ORCID 
_citation_author.ordinal 
primary 'Lithgo, R.M.'        0000-0002-4706-9916 1  
primary 'Tomlinson, C.W.E.'   0000-0002-1845-6028 2  
primary 'Fairhead, M.'        0000-0001-5361-3933 3  
primary 'Winokan, M.'         ?                   4  
primary 'Thompson, W.'        0000-0003-1474-7810 5  
primary 'Wild, C.'            0000-0003-0654-8141 6  
primary 'Aschenbrenner, J.C.' 0000-0002-4318-0481 7  
primary 'Balcomb, B.H.'       0000-0001-7599-8467 8  
primary 'Marples, P.G.'       0000-0002-8787-7969 9  
primary 'Chandran, A.V.'      0000-0001-9942-2614 10 
primary 'Golding, M.'         0009-0004-7472-8333 11 
primary 'Koekemoer, L.'       0000-0001-9226-9127 12 
primary 'Williams, E.P.'      0000-0002-1331-9518 13 
primary 'Wang, S.'            ?                   14 
primary 'Ni, X.'              0000-0002-7769-8297 15 
primary 'MacLean, E.'         0000-0003-1680-4292 16 
primary 'Giroud, C.'          0000-0002-1629-1581 17 
primary 'Godoy, A.S.'         0000-0002-0613-9164 18 
primary 'Xavier, M.A.'        0000-0002-1709-9479 19 
primary 'Walsh, M.'           0000-0001-5683-1151 20 
primary 'Fearon, D.'          0000-0003-3529-7863 21 
primary 'von Delft, F.'       0000-0003-0378-0017 22 
# 
loop_
_entity.id 
_entity.type 
_entity.src_method 
_entity.pdbx_description 
_entity.formula_weight 
_entity.pdbx_number_of_molecules 
_entity.pdbx_ec 
_entity.pdbx_mutation 
_entity.pdbx_fragment 
_entity.details 
1 polymer     man 'Protease 2A'                                 16493.311 1   3.4.22.29 ? ? ? 
2 non-polymer man N,N,3,5-tetramethyl-1H-pyrazole-4-sulfonamide 203.262   1   ?         ? ? ? 
3 non-polymer syn 'ZINC ION'                                    65.409    1   ?         ? ? ? 
4 non-polymer syn 'DIMETHYL SULFOXIDE'                          78.133    5   ?         ? ? ? 
5 non-polymer syn 'SULFATE ION'                                 96.063    1   ?         ? ? ? 
6 water       nat water                                         18.015    200 ?         ? ? ? 
# 
_entity_name_com.entity_id   1 
_entity_name_com.name        'P2A,Picornain 2A,Protein 2A' 
# 
_entity_poly.entity_id                      1 
_entity_poly.type                           'polypeptide(L)' 
_entity_poly.nstd_linkage                   no 
_entity_poly.nstd_monomer                   no 
_entity_poly.pdbx_seq_one_letter_code       
;QEQTGGSGAIYVGNYRVVNRHLATHNDWANLVWEDSSRDLLVSSTTAQGCDTIARCDCQTGVYYCSSRRKHYPVSFSKPS
LIFVEASEYYPARYQSHLMLAVGHSEPGDCGGILRCQHGVVGIVSTGGNGLVGFADVRDLLWLDEEAMEQ
;
_entity_poly.pdbx_seq_one_letter_code_can   
;QEQTGGSGAIYVGNYRVVNRHLATHNDWANLVWEDSSRDLLVSSTTAQGCDTIARCDCQTGVYYCSSRRKHYPVSFSKPS
LIFVEASEYYPARYQSHLMLAVGHSEPGDCGGILRCQHGVVGIVSTGGNGLVGFADVRDLLWLDEEAMEQ
;
_entity_poly.pdbx_strand_id                 A 
_entity_poly.pdbx_target_identifier         ? 
# 
loop_
_pdbx_entity_nonpoly.entity_id 
_pdbx_entity_nonpoly.name 
_pdbx_entity_nonpoly.comp_id 
2 N,N,3,5-tetramethyl-1H-pyrazole-4-sulfonamide K2S 
3 'ZINC ION'                                    ZN  
4 'DIMETHYL SULFOXIDE'                          DMS 
5 'SULFATE ION'                                 SO4 
6 water                                         HOH 
# 
loop_
_entity_poly_seq.entity_id 
_entity_poly_seq.num 
_entity_poly_seq.mon_id 
_entity_poly_seq.hetero 
1 1   GLN n 
1 2   GLU n 
1 3   GLN n 
1 4   THR n 
1 5   GLY n 
1 6   GLY n 
1 7   SER n 
1 8   GLY n 
1 9   ALA n 
1 10  ILE n 
1 11  TYR n 
1 12  VAL n 
1 13  GLY n 
1 14  ASN n 
1 15  TYR n 
1 16  ARG n 
1 17  VAL n 
1 18  VAL n 
1 19  ASN n 
1 20  ARG n 
1 21  HIS n 
1 22  LEU n 
1 23  ALA n 
1 24  THR n 
1 25  HIS n 
1 26  ASN n 
1 27  ASP n 
1 28  TRP n 
1 29  ALA n 
1 30  ASN n 
1 31  LEU n 
1 32  VAL n 
1 33  TRP n 
1 34  GLU n 
1 35  ASP n 
1 36  SER n 
1 37  SER n 
1 38  ARG n 
1 39  ASP n 
1 40  LEU n 
1 41  LEU n 
1 42  VAL n 
1 43  SER n 
1 44  SER n 
1 45  THR n 
1 46  THR n 
1 47  ALA n 
1 48  GLN n 
1 49  GLY n 
1 50  CYS n 
1 51  ASP n 
1 52  THR n 
1 53  ILE n 
1 54  ALA n 
1 55  ARG n 
1 56  CYS n 
1 57  ASP n 
1 58  CYS n 
1 59  GLN n 
1 60  THR n 
1 61  GLY n 
1 62  VAL n 
1 63  TYR n 
1 64  TYR n 
1 65  CYS n 
1 66  SER n 
1 67  SER n 
1 68  ARG n 
1 69  ARG n 
1 70  LYS n 
1 71  HIS n 
1 72  TYR n 
1 73  PRO n 
1 74  VAL n 
1 75  SER n 
1 76  PHE n 
1 77  SER n 
1 78  LYS n 
1 79  PRO n 
1 80  SER n 
1 81  LEU n 
1 82  ILE n 
1 83  PHE n 
1 84  VAL n 
1 85  GLU n 
1 86  ALA n 
1 87  SER n 
1 88  GLU n 
1 89  TYR n 
1 90  TYR n 
1 91  PRO n 
1 92  ALA n 
1 93  ARG n 
1 94  TYR n 
1 95  GLN n 
1 96  SER n 
1 97  HIS n 
1 98  LEU n 
1 99  MET n 
1 100 LEU n 
1 101 ALA n 
1 102 VAL n 
1 103 GLY n 
1 104 HIS n 
1 105 SER n 
1 106 GLU n 
1 107 PRO n 
1 108 GLY n 
1 109 ASP n 
1 110 CYS n 
1 111 GLY n 
1 112 GLY n 
1 113 ILE n 
1 114 LEU n 
1 115 ARG n 
1 116 CYS n 
1 117 GLN n 
1 118 HIS n 
1 119 GLY n 
1 120 VAL n 
1 121 VAL n 
1 122 GLY n 
1 123 ILE n 
1 124 VAL n 
1 125 SER n 
1 126 THR n 
1 127 GLY n 
1 128 GLY n 
1 129 ASN n 
1 130 GLY n 
1 131 LEU n 
1 132 VAL n 
1 133 GLY n 
1 134 PHE n 
1 135 ALA n 
1 136 ASP n 
1 137 VAL n 
1 138 ARG n 
1 139 ASP n 
1 140 LEU n 
1 141 LEU n 
1 142 TRP n 
1 143 LEU n 
1 144 ASP n 
1 145 GLU n 
1 146 GLU n 
1 147 ALA n 
1 148 MET n 
1 149 GLU n 
1 150 GLN n 
# 
loop_
_entity_src_gen.entity_id 
_entity_src_gen.pdbx_src_id 
_entity_src_gen.pdbx_alt_source_flag 
_entity_src_gen.pdbx_seq_type 
_entity_src_gen.pdbx_beg_seq_num 
_entity_src_gen.pdbx_end_seq_num 
_entity_src_gen.gene_src_common_name 
_entity_src_gen.gene_src_genus 
_entity_src_gen.pdbx_gene_src_gene 
_entity_src_gen.gene_src_species 
_entity_src_gen.gene_src_strain 
_entity_src_gen.gene_src_tissue 
_entity_src_gen.gene_src_tissue_fraction 
_entity_src_gen.gene_src_details 
_entity_src_gen.pdbx_gene_src_fragment 
_entity_src_gen.pdbx_gene_src_scientific_name 
_entity_src_gen.pdbx_gene_src_ncbi_taxonomy_id 
_entity_src_gen.pdbx_gene_src_variant 
_entity_src_gen.pdbx_gene_src_cell_line 
_entity_src_gen.pdbx_gene_src_atcc 
_entity_src_gen.pdbx_gene_src_organ 
_entity_src_gen.pdbx_gene_src_organelle 
_entity_src_gen.pdbx_gene_src_cell 
_entity_src_gen.pdbx_gene_src_cellular_location 
_entity_src_gen.host_org_common_name 
_entity_src_gen.pdbx_host_org_scientific_name 
_entity_src_gen.pdbx_host_org_ncbi_taxonomy_id 
_entity_src_gen.host_org_genus 
_entity_src_gen.pdbx_host_org_gene 
_entity_src_gen.pdbx_host_org_organ 
_entity_src_gen.host_org_species 
_entity_src_gen.pdbx_host_org_tissue 
_entity_src_gen.pdbx_host_org_tissue_fraction 
_entity_src_gen.pdbx_host_org_strain 
_entity_src_gen.pdbx_host_org_variant 
_entity_src_gen.pdbx_host_org_cell_line 
_entity_src_gen.pdbx_host_org_atcc 
_entity_src_gen.pdbx_host_org_culture_collection 
_entity_src_gen.pdbx_host_org_cell 
_entity_src_gen.pdbx_host_org_organelle 
_entity_src_gen.pdbx_host_org_cellular_location 
_entity_src_gen.pdbx_host_org_vector_type 
_entity_src_gen.pdbx_host_org_vector 
_entity_src_gen.host_org_details 
_entity_src_gen.expression_system_id 
_entity_src_gen.plasmid_name 
_entity_src_gen.plasmid_details 
_entity_src_gen.pdbx_description 
1 1 sample 'Biological sequence' 1 150 ? ? ? ? ? ? ? ? ? 'Coxsackievirus A16' 31704 ? ? ? ? ? ? ? ? 'Escherichia coli' 562 ? ? ? ? 
? ? ? ? ? ? ? ? ? ? ? ? ? ? ? ? ? 
2 1 sample ?                     ? ?   ? ? ? ? ? ? ? ? ? 'Coxsackievirus A16' 31704 ? ? ? ? ? ? ? ? 'Escherichia coli' 562 ? ? ? ? 
? ? ? ? ? ? ? ? ? ? ? ? ? ? ? ? ? 
# 
loop_
_chem_comp.id 
_chem_comp.type 
_chem_comp.mon_nstd_flag 
_chem_comp.name 
_chem_comp.pdbx_synonyms 
_chem_comp.formula 
_chem_comp.formula_weight 
ALA 'L-peptide linking' y ALANINE                                       ? 'C3 H7 N O2'     89.093  
ARG 'L-peptide linking' y ARGININE                                      ? 'C6 H15 N4 O2 1' 175.209 
ASN 'L-peptide linking' y ASPARAGINE                                    ? 'C4 H8 N2 O3'    132.118 
ASP 'L-peptide linking' y 'ASPARTIC ACID'                               ? 'C4 H7 N O4'     133.103 
CYS 'L-peptide linking' y CYSTEINE                                      ? 'C3 H7 N O2 S'   121.158 
DMS non-polymer         . 'DIMETHYL SULFOXIDE'                          ? 'C2 H6 O S'      78.133  
GLN 'L-peptide linking' y GLUTAMINE                                     ? 'C5 H10 N2 O3'   146.144 
GLU 'L-peptide linking' y 'GLUTAMIC ACID'                               ? 'C5 H9 N O4'     147.129 
GLY 'peptide linking'   y GLYCINE                                       ? 'C2 H5 N O2'     75.067  
HIS 'L-peptide linking' y HISTIDINE                                     ? 'C6 H10 N3 O2 1' 156.162 
HOH non-polymer         . WATER                                         ? 'H2 O'           18.015  
ILE 'L-peptide linking' y ISOLEUCINE                                    ? 'C6 H13 N O2'    131.173 
K2S non-polymer         . N,N,3,5-tetramethyl-1H-pyrazole-4-sulfonamide ? 'C7 H13 N3 O2 S' 203.262 
LEU 'L-peptide linking' y LEUCINE                                       ? 'C6 H13 N O2'    131.173 
LYS 'L-peptide linking' y LYSINE                                        ? 'C6 H15 N2 O2 1' 147.195 
MET 'L-peptide linking' y METHIONINE                                    ? 'C5 H11 N O2 S'  149.211 
PHE 'L-peptide linking' y PHENYLALANINE                                 ? 'C9 H11 N O2'    165.189 
PRO 'L-peptide linking' y PROLINE                                       ? 'C5 H9 N O2'     115.130 
SER 'L-peptide linking' y SERINE                                        ? 'C3 H7 N O3'     105.093 
SO4 non-polymer         . 'SULFATE ION'                                 ? 'O4 S -2'        96.063  
THR 'L-peptide linking' y THREONINE                                     ? 'C4 H9 N O3'     119.119 
TRP 'L-peptide linking' y TRYPTOPHAN                                    ? 'C11 H12 N2 O2'  204.225 
TYR 'L-peptide linking' y TYROSINE                                      ? 'C9 H11 N O3'    181.189 
VAL 'L-peptide linking' y VALINE                                        ? 'C5 H11 N O2'    117.146 
ZN  non-polymer         . 'ZINC ION'                                    ? 'Zn 2'           65.409  
# 
loop_
_pdbx_poly_seq_scheme.asym_id 
_pdbx_poly_seq_scheme.entity_id 
_pdbx_poly_seq_scheme.seq_id 
_pdbx_poly_seq_scheme.mon_id 
_pdbx_poly_seq_scheme.ndb_seq_num 
_pdbx_poly_seq_scheme.pdb_seq_num 
_pdbx_poly_seq_scheme.auth_seq_num 
_pdbx_poly_seq_scheme.pdb_mon_id 
_pdbx_poly_seq_scheme.auth_mon_id 
_pdbx_poly_seq_scheme.pdb_strand_id 
_pdbx_poly_seq_scheme.pdb_ins_code 
_pdbx_poly_seq_scheme.hetero 
A 1 1   GLN 1   1   ?   ?   ?   A . n 
A 1 2   GLU 2   2   ?   ?   ?   A . n 
A 1 3   GLN 3   3   ?   ?   ?   A . n 
A 1 4   THR 4   4   ?   ?   ?   A . n 
A 1 5   GLY 5   5   ?   ?   ?   A . n 
A 1 6   GLY 6   6   ?   ?   ?   A . n 
A 1 7   SER 7   7   7   SER SER A . n 
A 1 8   GLY 8   8   8   GLY GLY A . n 
A 1 9   ALA 9   9   9   ALA ALA A . n 
A 1 10  ILE 10  10  10  ILE ILE A . n 
A 1 11  TYR 11  11  11  TYR TYR A . n 
A 1 12  VAL 12  12  12  VAL VAL A . n 
A 1 13  GLY 13  13  13  GLY GLY A . n 
A 1 14  ASN 14  14  14  ASN ASN A . n 
A 1 15  TYR 15  15  15  TYR TYR A . n 
A 1 16  ARG 16  16  16  ARG ARG A . n 
A 1 17  VAL 17  17  17  VAL VAL A . n 
A 1 18  VAL 18  18  18  VAL VAL A . n 
A 1 19  ASN 19  19  19  ASN ASN A . n 
A 1 20  ARG 20  20  20  ARG ARG A . n 
A 1 21  HIS 21  21  21  HIS HIS A . n 
A 1 22  LEU 22  22  22  LEU LEU A . n 
A 1 23  ALA 23  23  23  ALA ALA A . n 
A 1 24  THR 24  24  24  THR THR A . n 
A 1 25  HIS 25  25  25  HIS HIS A . n 
A 1 26  ASN 26  26  26  ASN ASN A . n 
A 1 27  ASP 27  27  27  ASP ASP A . n 
A 1 28  TRP 28  28  28  TRP TRP A . n 
A 1 29  ALA 29  29  29  ALA ALA A . n 
A 1 30  ASN 30  30  30  ASN ASN A . n 
A 1 31  LEU 31  31  31  LEU LEU A . n 
A 1 32  VAL 32  32  32  VAL VAL A . n 
A 1 33  TRP 33  33  33  TRP TRP A . n 
A 1 34  GLU 34  34  34  GLU GLU A . n 
A 1 35  ASP 35  35  35  ASP ASP A . n 
A 1 36  SER 36  36  36  SER SER A . n 
A 1 37  SER 37  37  37  SER SER A . n 
A 1 38  ARG 38  38  38  ARG ARG A . n 
A 1 39  ASP 39  39  39  ASP ASP A . n 
A 1 40  LEU 40  40  40  LEU LEU A . n 
A 1 41  LEU 41  41  41  LEU LEU A . n 
A 1 42  VAL 42  42  42  VAL VAL A . n 
A 1 43  SER 43  43  43  SER SER A . n 
A 1 44  SER 44  44  44  SER SER A . n 
A 1 45  THR 45  45  45  THR THR A . n 
A 1 46  THR 46  46  46  THR THR A . n 
A 1 47  ALA 47  47  47  ALA ALA A . n 
A 1 48  GLN 48  48  48  GLN GLN A . n 
A 1 49  GLY 49  49  49  GLY GLY A . n 
A 1 50  CYS 50  50  50  CYS CYS A . n 
A 1 51  ASP 51  51  51  ASP ASP A . n 
A 1 52  THR 52  52  52  THR THR A . n 
A 1 53  ILE 53  53  53  ILE ILE A . n 
A 1 54  ALA 54  54  54  ALA ALA A . n 
A 1 55  ARG 55  55  55  ARG ARG A . n 
A 1 56  CYS 56  56  56  CYS CYS A . n 
A 1 57  ASP 57  57  57  ASP ASP A . n 
A 1 58  CYS 58  58  58  CYS CYS A . n 
A 1 59  GLN 59  59  59  GLN GLN A . n 
A 1 60  THR 60  60  60  THR THR A . n 
A 1 61  GLY 61  61  61  GLY GLY A . n 
A 1 62  VAL 62  62  62  VAL VAL A . n 
A 1 63  TYR 63  63  63  TYR TYR A . n 
A 1 64  TYR 64  64  64  TYR TYR A . n 
A 1 65  CYS 65  65  65  CYS CYS A . n 
A 1 66  SER 66  66  66  SER SER A . n 
A 1 67  SER 67  67  67  SER SER A . n 
A 1 68  ARG 68  68  68  ARG ARG A . n 
A 1 69  ARG 69  69  69  ARG ARG A . n 
A 1 70  LYS 70  70  70  LYS LYS A . n 
A 1 71  HIS 71  71  71  HIS HIS A . n 
A 1 72  TYR 72  72  72  TYR TYR A . n 
A 1 73  PRO 73  73  73  PRO PRO A . n 
A 1 74  VAL 74  74  74  VAL VAL A . n 
A 1 75  SER 75  75  75  SER SER A . n 
A 1 76  PHE 76  76  76  PHE PHE A . n 
A 1 77  SER 77  77  77  SER SER A . n 
A 1 78  LYS 78  78  78  LYS LYS A . n 
A 1 79  PRO 79  79  79  PRO PRO A . n 
A 1 80  SER 80  80  80  SER SER A . n 
A 1 81  LEU 81  81  81  LEU LEU A . n 
A 1 82  ILE 82  82  82  ILE ILE A . n 
A 1 83  PHE 83  83  83  PHE PHE A . n 
A 1 84  VAL 84  84  84  VAL VAL A . n 
A 1 85  GLU 85  85  85  GLU GLU A . n 
A 1 86  ALA 86  86  86  ALA ALA A . n 
A 1 87  SER 87  87  87  SER SER A . n 
A 1 88  GLU 88  88  88  GLU GLU A . n 
A 1 89  TYR 89  89  89  TYR TYR A . n 
A 1 90  TYR 90  90  90  TYR TYR A . n 
A 1 91  PRO 91  91  91  PRO PRO A . n 
A 1 92  ALA 92  92  92  ALA ALA A . n 
A 1 93  ARG 93  93  93  ARG ARG A . n 
A 1 94  TYR 94  94  94  TYR TYR A . n 
A 1 95  GLN 95  95  95  GLN GLN A . n 
A 1 96  SER 96  96  96  SER SER A . n 
A 1 97  HIS 97  97  97  HIS HIS A . n 
A 1 98  LEU 98  98  98  LEU LEU A . n 
A 1 99  MET 99  99  99  MET MET A . n 
A 1 100 LEU 100 100 100 LEU LEU A . n 
A 1 101 ALA 101 101 101 ALA ALA A . n 
A 1 102 VAL 102 102 102 VAL VAL A . n 
A 1 103 GLY 103 103 103 GLY GLY A . n 
A 1 104 HIS 104 104 104 HIS HIS A . n 
A 1 105 SER 105 105 105 SER SER A . n 
A 1 106 GLU 106 106 106 GLU GLU A . n 
A 1 107 PRO 107 107 107 PRO PRO A . n 
A 1 108 GLY 108 108 108 GLY GLY A . n 
A 1 109 ASP 109 109 109 ASP ASP A . n 
A 1 110 CYS 110 110 110 CYS CYS A . n 
A 1 111 GLY 111 111 111 GLY GLY A . n 
A 1 112 GLY 112 112 112 GLY GLY A . n 
A 1 113 ILE 113 113 113 ILE ILE A . n 
A 1 114 LEU 114 114 114 LEU LEU A . n 
A 1 115 ARG 115 115 115 ARG ARG A . n 
A 1 116 CYS 116 116 116 CYS CYS A . n 
A 1 117 GLN 117 117 117 GLN GLN A . n 
A 1 118 HIS 118 118 118 HIS HIS A . n 
A 1 119 GLY 119 119 119 GLY GLY A . n 
A 1 120 VAL 120 120 120 VAL VAL A . n 
A 1 121 VAL 121 121 121 VAL VAL A . n 
A 1 122 GLY 122 122 122 GLY GLY A . n 
A 1 123 ILE 123 123 123 ILE ILE A . n 
A 1 124 VAL 124 124 124 VAL VAL A . n 
A 1 125 SER 125 125 125 SER SER A . n 
A 1 126 THR 126 126 126 THR THR A . n 
A 1 127 GLY 127 127 127 GLY GLY A . n 
A 1 128 GLY 128 128 128 GLY GLY A . n 
A 1 129 ASN 129 129 129 ASN ASN A . n 
A 1 130 GLY 130 130 130 GLY GLY A . n 
A 1 131 LEU 131 131 131 LEU LEU A . n 
A 1 132 VAL 132 132 132 VAL VAL A . n 
A 1 133 GLY 133 133 133 GLY GLY A . n 
A 1 134 PHE 134 134 134 PHE PHE A . n 
A 1 135 ALA 135 135 135 ALA ALA A . n 
A 1 136 ASP 136 136 136 ASP ASP A . n 
A 1 137 VAL 137 137 137 VAL VAL A . n 
A 1 138 ARG 138 138 138 ARG ARG A . n 
A 1 139 ASP 139 139 139 ASP ASP A . n 
A 1 140 LEU 140 140 140 LEU LEU A . n 
A 1 141 LEU 141 141 141 LEU LEU A . n 
A 1 142 TRP 142 142 142 TRP TRP A . n 
A 1 143 LEU 143 143 143 LEU LEU A . n 
A 1 144 ASP 144 144 144 ASP ASP A . n 
A 1 145 GLU 145 145 145 GLU GLU A . n 
A 1 146 GLU 146 146 146 GLU GLU A . n 
A 1 147 ALA 147 147 ?   ?   ?   A . n 
A 1 148 MET 148 148 ?   ?   ?   A . n 
A 1 149 GLU 149 149 ?   ?   ?   A . n 
A 1 150 GLN 150 150 ?   ?   ?   A . n 
# 
loop_
_pdbx_nonpoly_scheme.asym_id 
_pdbx_nonpoly_scheme.entity_id 
_pdbx_nonpoly_scheme.mon_id 
_pdbx_nonpoly_scheme.ndb_seq_num 
_pdbx_nonpoly_scheme.pdb_seq_num 
_pdbx_nonpoly_scheme.auth_seq_num 
_pdbx_nonpoly_scheme.pdb_mon_id 
_pdbx_nonpoly_scheme.auth_mon_id 
_pdbx_nonpoly_scheme.pdb_strand_id 
_pdbx_nonpoly_scheme.pdb_ins_code 
B 2 K2S 1   201 147 K2S LIG A . 
C 3 ZN  1   202 1   ZN  ZN  A . 
D 4 DMS 1   203 -1  DMS DMS A . 
E 4 DMS 1   204 0   DMS DMS A . 
F 4 DMS 1   205 1   DMS DMS A . 
G 4 DMS 1   206 3   DMS DMS A . 
H 4 DMS 1   207 6   DMS DMS A . 
I 5 SO4 1   208 1   SO4 SO4 A . 
J 6 HOH 1   301 77  HOH HOH A . 
J 6 HOH 2   302 100 HOH HOH A . 
J 6 HOH 3   303 60  HOH HOH A . 
J 6 HOH 4   304 234 HOH HOH A . 
J 6 HOH 5   305 34  HOH HOH A . 
J 6 HOH 6   306 30  HOH HOH A . 
J 6 HOH 7   307 205 HOH HOH A . 
J 6 HOH 8   308 161 HOH HOH A . 
J 6 HOH 9   309 182 HOH HOH A . 
J 6 HOH 10  310 118 HOH HOH A . 
J 6 HOH 11  311 54  HOH HOH A . 
J 6 HOH 12  312 204 HOH HOH A . 
J 6 HOH 13  313 70  HOH HOH A . 
J 6 HOH 14  314 36  HOH HOH A . 
J 6 HOH 15  315 110 HOH HOH A . 
J 6 HOH 16  316 13  HOH HOH A . 
J 6 HOH 17  317 109 HOH HOH A . 
J 6 HOH 18  318 17  HOH HOH A . 
J 6 HOH 19  319 152 HOH HOH A . 
J 6 HOH 20  320 40  HOH HOH A . 
J 6 HOH 21  321 249 HOH HOH A . 
J 6 HOH 22  322 33  HOH HOH A . 
J 6 HOH 23  323 18  HOH HOH A . 
J 6 HOH 24  324 252 HOH HOH A . 
J 6 HOH 25  325 97  HOH HOH A . 
J 6 HOH 26  326 216 HOH HOH A . 
J 6 HOH 27  327 103 HOH HOH A . 
J 6 HOH 28  328 59  HOH HOH A . 
J 6 HOH 29  329 4   HOH HOH A . 
J 6 HOH 30  330 111 HOH HOH A . 
J 6 HOH 31  331 183 HOH HOH A . 
J 6 HOH 32  332 217 HOH HOH A . 
J 6 HOH 33  333 133 HOH HOH A . 
J 6 HOH 34  334 174 HOH HOH A . 
J 6 HOH 35  335 94  HOH HOH A . 
J 6 HOH 36  336 104 HOH HOH A . 
J 6 HOH 37  337 20  HOH HOH A . 
J 6 HOH 38  338 52  HOH HOH A . 
J 6 HOH 39  339 24  HOH HOH A . 
J 6 HOH 40  340 21  HOH HOH A . 
J 6 HOH 41  341 31  HOH HOH A . 
J 6 HOH 42  342 2   HOH HOH A . 
J 6 HOH 43  343 180 HOH HOH A . 
J 6 HOH 44  344 150 HOH HOH A . 
J 6 HOH 45  345 226 HOH HOH A . 
J 6 HOH 46  346 119 HOH HOH A . 
J 6 HOH 47  347 29  HOH HOH A . 
J 6 HOH 48  348 126 HOH HOH A . 
J 6 HOH 49  349 120 HOH HOH A . 
J 6 HOH 50  350 50  HOH HOH A . 
J 6 HOH 51  351 141 HOH HOH A . 
J 6 HOH 52  352 146 HOH HOH A . 
J 6 HOH 53  353 12  HOH HOH A . 
J 6 HOH 54  354 45  HOH HOH A . 
J 6 HOH 55  355 68  HOH HOH A . 
J 6 HOH 56  356 116 HOH HOH A . 
J 6 HOH 57  357 84  HOH HOH A . 
J 6 HOH 58  358 251 HOH HOH A . 
J 6 HOH 59  359 28  HOH HOH A . 
J 6 HOH 60  360 41  HOH HOH A . 
J 6 HOH 61  361 214 HOH HOH A . 
J 6 HOH 62  362 25  HOH HOH A . 
J 6 HOH 63  363 16  HOH HOH A . 
J 6 HOH 64  364 169 HOH HOH A . 
J 6 HOH 65  365 107 HOH HOH A . 
J 6 HOH 66  366 42  HOH HOH A . 
J 6 HOH 67  367 179 HOH HOH A . 
J 6 HOH 68  368 178 HOH HOH A . 
J 6 HOH 69  369 43  HOH HOH A . 
J 6 HOH 70  370 132 HOH HOH A . 
J 6 HOH 71  371 167 HOH HOH A . 
J 6 HOH 72  372 5   HOH HOH A . 
J 6 HOH 73  373 37  HOH HOH A . 
J 6 HOH 74  374 3   HOH HOH A . 
J 6 HOH 75  375 142 HOH HOH A . 
J 6 HOH 76  376 121 HOH HOH A . 
J 6 HOH 77  377 55  HOH HOH A . 
J 6 HOH 78  378 27  HOH HOH A . 
J 6 HOH 79  379 7   HOH HOH A . 
J 6 HOH 80  380 9   HOH HOH A . 
J 6 HOH 81  381 78  HOH HOH A . 
J 6 HOH 82  382 81  HOH HOH A . 
J 6 HOH 83  383 67  HOH HOH A . 
J 6 HOH 84  384 91  HOH HOH A . 
J 6 HOH 85  385 88  HOH HOH A . 
J 6 HOH 86  386 14  HOH HOH A . 
J 6 HOH 87  387 181 HOH HOH A . 
J 6 HOH 88  388 82  HOH HOH A . 
J 6 HOH 89  389 74  HOH HOH A . 
J 6 HOH 90  390 71  HOH HOH A . 
J 6 HOH 91  391 177 HOH HOH A . 
J 6 HOH 92  392 15  HOH HOH A . 
J 6 HOH 93  393 105 HOH HOH A . 
J 6 HOH 94  394 236 HOH HOH A . 
J 6 HOH 95  395 26  HOH HOH A . 
J 6 HOH 96  396 250 HOH HOH A . 
J 6 HOH 97  397 49  HOH HOH A . 
J 6 HOH 98  398 212 HOH HOH A . 
J 6 HOH 99  399 11  HOH HOH A . 
J 6 HOH 100 400 62  HOH HOH A . 
J 6 HOH 101 401 135 HOH HOH A . 
J 6 HOH 102 402 79  HOH HOH A . 
J 6 HOH 103 403 66  HOH HOH A . 
J 6 HOH 104 404 191 HOH HOH A . 
J 6 HOH 105 405 138 HOH HOH A . 
J 6 HOH 106 406 51  HOH HOH A . 
J 6 HOH 107 407 38  HOH HOH A . 
J 6 HOH 108 408 48  HOH HOH A . 
J 6 HOH 109 409 210 HOH HOH A . 
J 6 HOH 110 410 198 HOH HOH A . 
J 6 HOH 111 411 192 HOH HOH A . 
J 6 HOH 112 412 90  HOH HOH A . 
J 6 HOH 113 413 155 HOH HOH A . 
J 6 HOH 114 414 19  HOH HOH A . 
J 6 HOH 115 415 95  HOH HOH A . 
J 6 HOH 116 416 53  HOH HOH A . 
J 6 HOH 117 417 248 HOH HOH A . 
J 6 HOH 118 418 80  HOH HOH A . 
J 6 HOH 119 419 112 HOH HOH A . 
J 6 HOH 120 420 136 HOH HOH A . 
J 6 HOH 121 421 168 HOH HOH A . 
J 6 HOH 122 422 23  HOH HOH A . 
J 6 HOH 123 423 35  HOH HOH A . 
J 6 HOH 124 424 61  HOH HOH A . 
J 6 HOH 125 425 89  HOH HOH A . 
J 6 HOH 126 426 123 HOH HOH A . 
J 6 HOH 127 427 69  HOH HOH A . 
J 6 HOH 128 428 197 HOH HOH A . 
J 6 HOH 129 429 47  HOH HOH A . 
J 6 HOH 130 430 113 HOH HOH A . 
J 6 HOH 131 431 106 HOH HOH A . 
J 6 HOH 132 432 203 HOH HOH A . 
J 6 HOH 133 433 124 HOH HOH A . 
J 6 HOH 134 434 58  HOH HOH A . 
J 6 HOH 135 435 163 HOH HOH A . 
J 6 HOH 136 436 157 HOH HOH A . 
J 6 HOH 137 437 10  HOH HOH A . 
J 6 HOH 138 438 6   HOH HOH A . 
J 6 HOH 139 439 230 HOH HOH A . 
J 6 HOH 140 440 148 HOH HOH A . 
J 6 HOH 141 441 175 HOH HOH A . 
J 6 HOH 142 442 101 HOH HOH A . 
J 6 HOH 143 443 117 HOH HOH A . 
J 6 HOH 144 444 159 HOH HOH A . 
J 6 HOH 145 445 170 HOH HOH A . 
J 6 HOH 146 446 46  HOH HOH A . 
J 6 HOH 147 447 102 HOH HOH A . 
J 6 HOH 148 448 76  HOH HOH A . 
J 6 HOH 149 449 215 HOH HOH A . 
J 6 HOH 150 450 87  HOH HOH A . 
J 6 HOH 151 451 162 HOH HOH A . 
J 6 HOH 152 452 233 HOH HOH A . 
J 6 HOH 153 453 99  HOH HOH A . 
J 6 HOH 154 454 158 HOH HOH A . 
J 6 HOH 155 455 156 HOH HOH A . 
J 6 HOH 156 456 22  HOH HOH A . 
J 6 HOH 157 457 64  HOH HOH A . 
J 6 HOH 158 458 65  HOH HOH A . 
J 6 HOH 159 459 172 HOH HOH A . 
J 6 HOH 160 460 221 HOH HOH A . 
J 6 HOH 161 461 240 HOH HOH A . 
J 6 HOH 162 462 228 HOH HOH A . 
J 6 HOH 163 463 98  HOH HOH A . 
J 6 HOH 164 464 246 HOH HOH A . 
J 6 HOH 165 465 140 HOH HOH A . 
J 6 HOH 166 466 213 HOH HOH A . 
J 6 HOH 167 467 201 HOH HOH A . 
J 6 HOH 168 468 202 HOH HOH A . 
J 6 HOH 169 469 232 HOH HOH A . 
J 6 HOH 170 470 134 HOH HOH A . 
J 6 HOH 171 471 122 HOH HOH A . 
J 6 HOH 172 472 73  HOH HOH A . 
J 6 HOH 173 473 151 HOH HOH A . 
J 6 HOH 174 474 154 HOH HOH A . 
J 6 HOH 175 475 207 HOH HOH A . 
J 6 HOH 176 476 253 HOH HOH A . 
J 6 HOH 177 477 185 HOH HOH A . 
J 6 HOH 178 478 127 HOH HOH A . 
J 6 HOH 179 479 129 HOH HOH A . 
J 6 HOH 180 480 223 HOH HOH A . 
J 6 HOH 181 481 86  HOH HOH A . 
J 6 HOH 182 482 209 HOH HOH A . 
J 6 HOH 183 483 83  HOH HOH A . 
J 6 HOH 184 484 56  HOH HOH A . 
J 6 HOH 185 485 208 HOH HOH A . 
J 6 HOH 186 486 190 HOH HOH A . 
J 6 HOH 187 487 153 HOH HOH A . 
J 6 HOH 188 488 165 HOH HOH A . 
J 6 HOH 189 489 125 HOH HOH A . 
J 6 HOH 190 490 92  HOH HOH A . 
J 6 HOH 191 491 231 HOH HOH A . 
J 6 HOH 192 492 222 HOH HOH A . 
J 6 HOH 193 493 241 HOH HOH A . 
J 6 HOH 194 494 206 HOH HOH A . 
J 6 HOH 195 495 243 HOH HOH A . 
J 6 HOH 196 496 199 HOH HOH A . 
J 6 HOH 197 497 164 HOH HOH A . 
J 6 HOH 198 498 242 HOH HOH A . 
J 6 HOH 199 499 160 HOH HOH A . 
J 6 HOH 200 500 244 HOH HOH A . 
# 
loop_
_software.classification 
_software.name 
_software.version 
_software.citation_id 
_software.pdbx_ordinal 
refinement       REFMAC  5.8.0267 ? 1 
refinement       REFMAC5 .        ? 2 
'data scaling'   Aimless .        ? 3 
phasing          PHASER  .        ? 4 
'data reduction' XDS     .        ? 5 
# 
_cell.entry_id           7H4B 
_cell.length_a           85.809 
_cell.length_b           56.355 
_cell.length_c           32.265 
_cell.angle_alpha        90.00 
_cell.angle_beta         94.70 
_cell.angle_gamma        90.00 
_cell.Z_PDB              4 
_cell.pdbx_unique_axis   ? 
# 
_symmetry.entry_id                         7H4B 
_symmetry.space_group_name_H-M             'C 1 2 1' 
_symmetry.pdbx_full_space_group_name_H-M   ? 
_symmetry.cell_setting                     ? 
_symmetry.Int_Tables_number                5 
# 
_exptl.entry_id          7H4B 
_exptl.method            'X-RAY DIFFRACTION' 
_exptl.crystals_number   1 
# 
_exptl_crystal.id                    1 
_exptl_crystal.density_meas          ? 
_exptl_crystal.density_Matthews      2.36 
_exptl_crystal.density_percent_sol   47.82 
_exptl_crystal.description           ? 
# 
_exptl_crystal_grow.crystal_id      1 
_exptl_crystal_grow.method          'VAPOR DIFFUSION, SITTING DROP' 
_exptl_crystal_grow.pH              6.05 
_exptl_crystal_grow.temp            293.15 
_exptl_crystal_grow.pdbx_details    '0.1 M MES, pH 6.05, 16 % PEG 20,000' 
_exptl_crystal_grow.temp_details    ? 
_exptl_crystal_grow.pdbx_pH_range   ? 
# 
_diffrn.id                     1 
_diffrn.ambient_temp           100 
_diffrn.crystal_id             1 
_diffrn.ambient_temp_details   ? 
# 
_diffrn_detector.detector               PIXEL 
_diffrn_detector.type                   'DECTRIS EIGER2 XE 16M' 
_diffrn_detector.pdbx_collection_date   2023-12-03 
_diffrn_detector.diffrn_id              1 
_diffrn_detector.details                ? 
# 
_diffrn_radiation.diffrn_id                        1 
_diffrn_radiation.wavelength_id                    1 
_diffrn_radiation.pdbx_diffrn_protocol             'SINGLE WAVELENGTH' 
_diffrn_radiation.pdbx_monochromatic_or_laue_m_l   ? 
_diffrn_radiation.monochromator                    ? 
_diffrn_radiation.pdbx_scattering_type             x-ray 
# 
_diffrn_radiation_wavelength.id           1 
_diffrn_radiation_wavelength.wavelength   0.94055 
_diffrn_radiation_wavelength.wt           1.0 
# 
_diffrn_source.diffrn_id                   1 
_diffrn_source.source                      SYNCHROTRON 
_diffrn_source.type                        'DIAMOND BEAMLINE I03' 
_diffrn_source.pdbx_wavelength_list        0.94055 
_diffrn_source.pdbx_synchrotron_site       Diamond 
_diffrn_source.pdbx_synchrotron_beamline   I03 
_diffrn_source.pdbx_wavelength             ? 
# 
_reflns.entry_id                     7H4B 
_reflns.pdbx_diffrn_id               1 
_reflns.pdbx_ordinal                 1 
_reflns.d_resolution_low             47.06 
_reflns.d_resolution_high            1.39 
_reflns.number_obs                   30114 
_reflns.percent_possible_obs         96.9 
_reflns.pdbx_Rmerge_I_obs            0.110 
_reflns.pdbx_netI_over_sigmaI        8.1 
_reflns.pdbx_redundancy              7.1 
_reflns.pdbx_Rrim_I_all              0.119 
_reflns.pdbx_Rpim_I_all              0.044 
_reflns.pdbx_CC_half                 0.998 
_reflns.pdbx_number_measured_all     213967 
_reflns.pdbx_chi_squared             0.74 
_reflns.observed_criterion_sigma_I   ? 
_reflns.observed_criterion_sigma_F   ? 
_reflns.number_all                   ? 
_reflns.pdbx_Rsym_value              ? 
_reflns.B_iso_Wilson_estimate        ? 
# 
_reflns_shell.pdbx_diffrn_id              1 
_reflns_shell.pdbx_ordinal                1 
_reflns_shell.d_res_high                  1.39 
_reflns_shell.d_res_low                   1.46 
_reflns_shell.number_measured_all         30522 
_reflns_shell.number_unique_obs           4284 
_reflns_shell.Rmerge_I_obs                1.919 
_reflns_shell.pdbx_chi_squared            0.63 
_reflns_shell.pdbx_redundancy             7.1 
_reflns_shell.percent_possible_obs        94.8 
_reflns_shell.pdbx_netI_over_sigmaI_obs   1.0 
_reflns_shell.pdbx_Rrim_I_all             2.068 
_reflns_shell.pdbx_Rpim_I_all             0.765 
_reflns_shell.pdbx_CC_half                0.486 
_reflns_shell.percent_possible_all        ? 
_reflns_shell.pdbx_Rsym_value             ? 
_reflns_shell.meanI_over_sigI_obs         ? 
# 
_refine.pdbx_refine_id                           'X-RAY DIFFRACTION' 
_refine.entry_id                                 7H4B 
_refine.pdbx_diffrn_id                           1 
_refine.pdbx_TLS_residual_ADP_flag               ? 
_refine.ls_number_reflns_obs                     28539 
_refine.ls_number_reflns_all                     ? 
_refine.pdbx_ls_sigma_I                          ? 
_refine.pdbx_ls_sigma_F                          ? 
_refine.pdbx_data_cutoff_high_absF               ? 
_refine.pdbx_data_cutoff_low_absF                ? 
_refine.pdbx_data_cutoff_high_rms_absF           ? 
_refine.ls_d_res_low                             47.06 
_refine.ls_d_res_high                            1.39 
_refine.ls_percent_reflns_obs                    96.48 
_refine.ls_R_factor_obs                          0.24907 
_refine.ls_R_factor_all                          ? 
_refine.ls_R_factor_R_work                       0.24651 
_refine.ls_R_factor_R_free                       0.29682 
_refine.ls_R_factor_R_free_error                 ? 
_refine.ls_R_factor_R_free_error_details         ? 
_refine.ls_percent_reflns_R_free                 5.1 
_refine.ls_number_reflns_R_free                  1529 
_refine.ls_number_parameters                     ? 
_refine.ls_number_restraints                     ? 
_refine.occupancy_min                            ? 
_refine.occupancy_max                            ? 
_refine.correlation_coeff_Fo_to_Fc               0.949 
_refine.correlation_coeff_Fo_to_Fc_free          0.923 
_refine.B_iso_mean                               26.628 
_refine.aniso_B[1][1]                            -0.03 
_refine.aniso_B[2][2]                            0.27 
_refine.aniso_B[3][3]                            -0.27 
_refine.aniso_B[1][2]                            0.00 
_refine.aniso_B[1][3]                            0.22 
_refine.aniso_B[2][3]                            -0.00 
_refine.solvent_model_details                    MASK 
_refine.solvent_model_param_ksol                 ? 
_refine.solvent_model_param_bsol                 ? 
_refine.pdbx_solvent_vdw_probe_radii             1.20 
_refine.pdbx_solvent_ion_probe_radii             0.80 
_refine.pdbx_solvent_shrinkage_radii             0.80 
_refine.pdbx_ls_cross_valid_method               THROUGHOUT 
_refine.details                                  'HYDROGENS HAVE BEEN ADDED IN THE RIDING POSITIONS' 
_refine.pdbx_starting_model                      ? 
_refine.pdbx_method_to_determine_struct          'MOLECULAR REPLACEMENT' 
_refine.pdbx_isotropic_thermal_model             ? 
_refine.pdbx_stereochemistry_target_values       'MAXIMUM LIKELIHOOD' 
_refine.pdbx_stereochem_target_val_spec_case     ? 
_refine.pdbx_R_Free_selection_details            RANDOM 
_refine.pdbx_overall_ESU_R                       0.106 
_refine.pdbx_overall_ESU_R_Free                  0.109 
_refine.overall_SU_ML                            0.114 
_refine.pdbx_overall_phase_error                 ? 
_refine.overall_SU_B                             2.995 
_refine.overall_SU_R_Cruickshank_DPI             ? 
_refine.pdbx_overall_SU_R_free_Cruickshank_DPI   ? 
_refine.pdbx_overall_SU_R_Blow_DPI               ? 
_refine.pdbx_overall_SU_R_free_Blow_DPI          ? 
# 
_refine_hist.pdbx_refine_id                   'X-RAY DIFFRACTION' 
_refine_hist.cycle_id                         1 
_refine_hist.pdbx_number_atoms_protein        1083 
_refine_hist.pdbx_number_atoms_nucleic_acid   0 
_refine_hist.pdbx_number_atoms_ligand         39 
_refine_hist.number_atoms_solvent             200 
_refine_hist.number_atoms_total               1322 
_refine_hist.d_res_high                       1.39 
_refine_hist.d_res_low                        47.06 
# 
loop_
_refine_ls_restr.type 
_refine_ls_restr.dev_ideal 
_refine_ls_restr.dev_ideal_target 
_refine_ls_restr.weight 
_refine_ls_restr.number 
_refine_ls_restr.pdbx_refine_id 
_refine_ls_restr.pdbx_restraint_function 
r_bond_refined_d             0.007  0.015  ? 2204 'X-RAY DIFFRACTION' ? 
r_bond_other_d               0.001  0.014  ? 1423 'X-RAY DIFFRACTION' ? 
r_angle_refined_deg          1.508  1.624  ? 2280 'X-RAY DIFFRACTION' ? 
r_angle_other_deg            1.311  1.601  ? 3268 'X-RAY DIFFRACTION' ? 
r_dihedral_angle_1_deg       6.112  5.000  ? 223  'X-RAY DIFFRACTION' ? 
r_dihedral_angle_2_deg       38.128 21.348 ? 89   'X-RAY DIFFRACTION' ? 
r_dihedral_angle_3_deg       14.202 15.000 ? 229  'X-RAY DIFFRACTION' ? 
r_dihedral_angle_4_deg       19.083 15.000 ? 12   'X-RAY DIFFRACTION' ? 
r_chiral_restr               0.062  0.200  ? 201  'X-RAY DIFFRACTION' ? 
r_gen_planes_refined         0.007  0.020  ? 2098 'X-RAY DIFFRACTION' ? 
r_gen_planes_other           0.001  0.020  ? 430  'X-RAY DIFFRACTION' ? 
r_nbd_refined                ?      ?      ? ?    'X-RAY DIFFRACTION' ? 
r_nbd_other                  ?      ?      ? ?    'X-RAY DIFFRACTION' ? 
r_nbtor_refined              ?      ?      ? ?    'X-RAY DIFFRACTION' ? 
r_nbtor_other                ?      ?      ? ?    'X-RAY DIFFRACTION' ? 
r_xyhbond_nbd_refined        ?      ?      ? ?    'X-RAY DIFFRACTION' ? 
r_xyhbond_nbd_other          ?      ?      ? ?    'X-RAY DIFFRACTION' ? 
r_metal_ion_refined          ?      ?      ? ?    'X-RAY DIFFRACTION' ? 
r_metal_ion_other            ?      ?      ? ?    'X-RAY DIFFRACTION' ? 
r_symmetry_vdw_refined       ?      ?      ? ?    'X-RAY DIFFRACTION' ? 
r_symmetry_vdw_other         ?      ?      ? ?    'X-RAY DIFFRACTION' ? 
r_symmetry_hbond_refined     ?      ?      ? ?    'X-RAY DIFFRACTION' ? 
r_symmetry_hbond_other       ?      ?      ? ?    'X-RAY DIFFRACTION' ? 
r_symmetry_metal_ion_refined ?      ?      ? ?    'X-RAY DIFFRACTION' ? 
r_symmetry_metal_ion_other   ?      ?      ? ?    'X-RAY DIFFRACTION' ? 
r_mcbond_it                  1.622  2.725  ? 1136 'X-RAY DIFFRACTION' ? 
r_mcbond_other               1.677  2.583  ? 1061 'X-RAY DIFFRACTION' ? 
r_mcangle_it                 3.019  3.763  ? 1065 'X-RAY DIFFRACTION' ? 
r_mcangle_other              3.021  3.770  ? 1064 'X-RAY DIFFRACTION' ? 
r_scbond_it                  1.459  2.832  ? 1068 'X-RAY DIFFRACTION' ? 
r_scbond_other               1.446  2.788  ? 1065 'X-RAY DIFFRACTION' ? 
r_scangle_it                 ?      ?      ? ?    'X-RAY DIFFRACTION' ? 
r_scangle_other              2.502  4.067  ? 1210 'X-RAY DIFFRACTION' ? 
r_long_range_B_refined       8.870  31.166 ? 1934 'X-RAY DIFFRACTION' ? 
r_long_range_B_other         8.868  31.218 ? 1935 'X-RAY DIFFRACTION' ? 
r_rigid_bond_restr           ?      ?      ? ?    'X-RAY DIFFRACTION' ? 
r_sphericity_free            ?      ?      ? ?    'X-RAY DIFFRACTION' ? 
r_sphericity_bonded          ?      ?      ? ?    'X-RAY DIFFRACTION' ? 
# 
_refine_ls_shell.pdbx_refine_id                   'X-RAY DIFFRACTION' 
_refine_ls_shell.pdbx_total_number_of_bins_used   20 
_refine_ls_shell.d_res_high                       1.386 
_refine_ls_shell.d_res_low                        1.422 
_refine_ls_shell.number_reflns_R_work             1977 
_refine_ls_shell.R_factor_R_work                  0.363 
_refine_ls_shell.percent_reflns_obs               90.98 
_refine_ls_shell.R_factor_R_free                  0.386 
_refine_ls_shell.R_factor_R_free_error            ? 
_refine_ls_shell.percent_reflns_R_free            ? 
_refine_ls_shell.number_reflns_R_free             101 
_refine_ls_shell.number_reflns_all                ? 
_refine_ls_shell.R_factor_all                     ? 
# 
_struct.entry_id                  7H4B 
_struct.title                     
;Group deposition for crystallographic fragment screening of Coxsackievirus A16 (G-10) 2A protease -- Crystal structure of Coxsackievirus A16 (G-10) 2A protease in complex with Z94597856 (A71EV2A-x0717)
;
_struct.pdbx_model_details        ? 
_struct.pdbx_CASP_flag            ? 
_struct.pdbx_model_type_details   ? 
# 
_struct_keywords.entry_id        7H4B 
_struct_keywords.pdbx_keywords   HYDROLASE 
_struct_keywords.text            
;Diamond Light Source, I03, ASAP, Coxsackievirus A16, crystallographic fragment screening, PanDDA, Pandda2, XChemExplorer, viral protein, HYDROLASE
;
# 
loop_
_struct_asym.id 
_struct_asym.pdbx_blank_PDB_chainid_flag 
_struct_asym.pdbx_modified 
_struct_asym.entity_id 
_struct_asym.details 
A N N 1 ? 
B N N 2 ? 
C N N 3 ? 
D N N 4 ? 
E N N 4 ? 
F N N 4 ? 
G N N 4 ? 
H N N 4 ? 
I N N 5 ? 
J N N 6 ? 
# 
_struct_ref.id                         1 
_struct_ref.db_name                    UNP 
_struct_ref.db_code                    POLG_CX16G 
_struct_ref.pdbx_db_accession          Q65900 
_struct_ref.pdbx_db_isoform            ? 
_struct_ref.entity_id                  1 
_struct_ref.pdbx_seq_one_letter_code   
;SGAIYVGNYRVVNRHLATHNDWANLVWEDSSRDLLVSSTTAQGCDTIARCDCQTGVYYCSSRRKHYPVSFSKPSLIFVEA
SEYYPARYQSHLMLAVGHSEPGDCGGILRCQHGVVGIVSTGGNGLVGFADVRDLLWLDEEAMEQ
;
_struct_ref.pdbx_align_begin           869 
# 
_struct_ref_seq.align_id                      1 
_struct_ref_seq.ref_id                        1 
_struct_ref_seq.pdbx_PDB_id_code              7H4B 
_struct_ref_seq.pdbx_strand_id                A 
_struct_ref_seq.seq_align_beg                 7 
_struct_ref_seq.pdbx_seq_align_beg_ins_code   ? 
_struct_ref_seq.seq_align_end                 150 
_struct_ref_seq.pdbx_seq_align_end_ins_code   ? 
_struct_ref_seq.pdbx_db_accession             Q65900 
_struct_ref_seq.db_align_beg                  869 
_struct_ref_seq.pdbx_db_align_beg_ins_code    ? 
_struct_ref_seq.db_align_end                  1012 
_struct_ref_seq.pdbx_db_align_end_ins_code    ? 
_struct_ref_seq.pdbx_auth_seq_align_beg       7 
_struct_ref_seq.pdbx_auth_seq_align_end       150 
# 
loop_
_struct_ref_seq_dif.align_id 
_struct_ref_seq_dif.pdbx_pdb_id_code 
_struct_ref_seq_dif.mon_id 
_struct_ref_seq_dif.pdbx_pdb_strand_id 
_struct_ref_seq_dif.seq_num 
_struct_ref_seq_dif.pdbx_pdb_ins_code 
_struct_ref_seq_dif.pdbx_seq_db_name 
_struct_ref_seq_dif.pdbx_seq_db_accession_code 
_struct_ref_seq_dif.db_mon_id 
_struct_ref_seq_dif.pdbx_seq_db_seq_num 
_struct_ref_seq_dif.details 
_struct_ref_seq_dif.pdbx_auth_seq_num 
_struct_ref_seq_dif.pdbx_ordinal 
1 7H4B GLN A 1 ? UNP Q65900 ? ? 'expression tag' 1 1 
1 7H4B GLU A 2 ? UNP Q65900 ? ? 'expression tag' 2 2 
1 7H4B GLN A 3 ? UNP Q65900 ? ? 'expression tag' 3 3 
1 7H4B THR A 4 ? UNP Q65900 ? ? 'expression tag' 4 4 
1 7H4B GLY A 5 ? UNP Q65900 ? ? 'expression tag' 5 5 
1 7H4B GLY A 6 ? UNP Q65900 ? ? 'expression tag' 6 6 
# 
_pdbx_struct_assembly.id                   1 
_pdbx_struct_assembly.details              author_and_software_defined_assembly 
_pdbx_struct_assembly.method_details       PISA 
_pdbx_struct_assembly.oligomeric_details   monomeric 
_pdbx_struct_assembly.oligomeric_count     1 
# 
loop_
_pdbx_struct_assembly_prop.biol_id 
_pdbx_struct_assembly_prop.type 
_pdbx_struct_assembly_prop.value 
_pdbx_struct_assembly_prop.details 
1 'ABSA (A^2)' 780  ? 
1 MORE         -5   ? 
1 'SSA (A^2)'  7500 ? 
# 
_pdbx_struct_assembly_gen.assembly_id       1 
_pdbx_struct_assembly_gen.oper_expression   1 
_pdbx_struct_assembly_gen.asym_id_list      A,B,C,D,E,F,G,H,I,J 
# 
_pdbx_struct_oper_list.id                   1 
_pdbx_struct_oper_list.type                 'identity operation' 
_pdbx_struct_oper_list.name                 1_555 
_pdbx_struct_oper_list.symmetry_operation   x,y,z 
_pdbx_struct_oper_list.matrix[1][1]         1.0000000000 
_pdbx_struct_oper_list.matrix[1][2]         0.0000000000 
_pdbx_struct_oper_list.matrix[1][3]         0.0000000000 
_pdbx_struct_oper_list.vector[1]            0.0000000000 
_pdbx_struct_oper_list.matrix[2][1]         0.0000000000 
_pdbx_struct_oper_list.matrix[2][2]         1.0000000000 
_pdbx_struct_oper_list.matrix[2][3]         0.0000000000 
_pdbx_struct_oper_list.vector[2]            0.0000000000 
_pdbx_struct_oper_list.matrix[3][1]         0.0000000000 
_pdbx_struct_oper_list.matrix[3][2]         0.0000000000 
_pdbx_struct_oper_list.matrix[3][3]         1.0000000000 
_pdbx_struct_oper_list.vector[3]            0.0000000000 
# 
loop_
_struct_conf.conf_type_id 
_struct_conf.id 
_struct_conf.pdbx_PDB_helix_id 
_struct_conf.beg_label_comp_id 
_struct_conf.beg_label_asym_id 
_struct_conf.beg_label_seq_id 
_struct_conf.pdbx_beg_PDB_ins_code 
_struct_conf.end_label_comp_id 
_struct_conf.end_label_asym_id 
_struct_conf.end_label_seq_id 
_struct_conf.pdbx_end_PDB_ins_code 
_struct_conf.beg_auth_comp_id 
_struct_conf.beg_auth_asym_id 
_struct_conf.beg_auth_seq_id 
_struct_conf.end_auth_comp_id 
_struct_conf.end_auth_asym_id 
_struct_conf.end_auth_seq_id 
_struct_conf.pdbx_PDB_helix_class 
_struct_conf.details 
_struct_conf.pdbx_PDB_helix_length 
HELX_P HELX_P1 AA1 HIS A 21  ? ALA A 23  ? HIS A 21  ALA A 23  5 ? 3 
HELX_P HELX_P2 AA2 THR A 24  ? ASN A 30  ? THR A 24  ASN A 30  1 ? 7 
HELX_P HELX_P3 AA3 SER A 66  ? ARG A 69  ? SER A 66  ARG A 69  5 ? 4 
HELX_P HELX_P4 AA4 GLU A 106 ? CYS A 110 ? GLU A 106 CYS A 110 5 ? 5 
HELX_P HELX_P5 AA5 LEU A 140 ? GLU A 145 ? LEU A 140 GLU A 145 5 ? 6 
# 
_struct_conf_type.id          HELX_P 
_struct_conf_type.criteria    ? 
_struct_conf_type.reference   ? 
# 
loop_
_struct_conn.id 
_struct_conn.conn_type_id 
_struct_conn.pdbx_leaving_atom_flag 
_struct_conn.pdbx_PDB_id 
_struct_conn.ptnr1_label_asym_id 
_struct_conn.ptnr1_label_comp_id 
_struct_conn.ptnr1_label_seq_id 
_struct_conn.ptnr1_label_atom_id 
_struct_conn.pdbx_ptnr1_label_alt_id 
_struct_conn.pdbx_ptnr1_PDB_ins_code 
_struct_conn.pdbx_ptnr1_standard_comp_id 
_struct_conn.ptnr1_symmetry 
_struct_conn.ptnr2_label_asym_id 
_struct_conn.ptnr2_label_comp_id 
_struct_conn.ptnr2_label_seq_id 
_struct_conn.ptnr2_label_atom_id 
_struct_conn.pdbx_ptnr2_label_alt_id 
_struct_conn.pdbx_ptnr2_PDB_ins_code 
_struct_conn.ptnr1_auth_asym_id 
_struct_conn.ptnr1_auth_comp_id 
_struct_conn.ptnr1_auth_seq_id 
_struct_conn.ptnr2_auth_asym_id 
_struct_conn.ptnr2_auth_comp_id 
_struct_conn.ptnr2_auth_seq_id 
_struct_conn.ptnr2_symmetry 
_struct_conn.pdbx_ptnr3_label_atom_id 
_struct_conn.pdbx_ptnr3_label_seq_id 
_struct_conn.pdbx_ptnr3_label_comp_id 
_struct_conn.pdbx_ptnr3_label_asym_id 
_struct_conn.pdbx_ptnr3_label_alt_id 
_struct_conn.pdbx_ptnr3_PDB_ins_code 
_struct_conn.details 
_struct_conn.pdbx_dist_value 
_struct_conn.pdbx_value_order 
_struct_conn.pdbx_role 
metalc1 metalc ? ? A CYS 56  SG  ? ? ? 1_555 C ZN . ZN ? ? A CYS 56  A ZN 202 1_555 ? ? ? ? ? ? ? 2.330 ? ? 
metalc2 metalc ? ? A CYS 58  SG  ? ? ? 1_555 C ZN . ZN ? ? A CYS 58  A ZN 202 1_555 ? ? ? ? ? ? ? 2.263 ? ? 
metalc3 metalc ? ? A CYS 116 SG  ? ? ? 1_555 C ZN . ZN ? ? A CYS 116 A ZN 202 1_555 ? ? ? ? ? ? ? 2.238 ? ? 
metalc4 metalc ? ? A HIS 118 ND1 ? ? ? 1_555 C ZN . ZN ? ? A HIS 118 A ZN 202 1_555 ? ? ? ? ? ? ? 2.004 ? ? 
# 
_struct_conn_type.id          metalc 
_struct_conn_type.criteria    ? 
_struct_conn_type.reference   ? 
# 
loop_
_pdbx_struct_conn_angle.id 
_pdbx_struct_conn_angle.ptnr1_label_atom_id 
_pdbx_struct_conn_angle.ptnr1_label_alt_id 
_pdbx_struct_conn_angle.ptnr1_label_asym_id 
_pdbx_struct_conn_angle.ptnr1_label_comp_id 
_pdbx_struct_conn_angle.ptnr1_label_seq_id 
_pdbx_struct_conn_angle.ptnr1_auth_atom_id 
_pdbx_struct_conn_angle.ptnr1_auth_asym_id 
_pdbx_struct_conn_angle.ptnr1_auth_comp_id 
_pdbx_struct_conn_angle.ptnr1_auth_seq_id 
_pdbx_struct_conn_angle.ptnr1_PDB_ins_code 
_pdbx_struct_conn_angle.ptnr1_symmetry 
_pdbx_struct_conn_angle.ptnr2_label_atom_id 
_pdbx_struct_conn_angle.ptnr2_label_alt_id 
_pdbx_struct_conn_angle.ptnr2_label_asym_id 
_pdbx_struct_conn_angle.ptnr2_label_comp_id 
_pdbx_struct_conn_angle.ptnr2_label_seq_id 
_pdbx_struct_conn_angle.ptnr2_auth_atom_id 
_pdbx_struct_conn_angle.ptnr2_auth_asym_id 
_pdbx_struct_conn_angle.ptnr2_auth_comp_id 
_pdbx_struct_conn_angle.ptnr2_auth_seq_id 
_pdbx_struct_conn_angle.ptnr2_PDB_ins_code 
_pdbx_struct_conn_angle.ptnr2_symmetry 
_pdbx_struct_conn_angle.ptnr3_label_atom_id 
_pdbx_struct_conn_angle.ptnr3_label_alt_id 
_pdbx_struct_conn_angle.ptnr3_label_asym_id 
_pdbx_struct_conn_angle.ptnr3_label_comp_id 
_pdbx_struct_conn_angle.ptnr3_label_seq_id 
_pdbx_struct_conn_angle.ptnr3_auth_atom_id 
_pdbx_struct_conn_angle.ptnr3_auth_asym_id 
_pdbx_struct_conn_angle.ptnr3_auth_comp_id 
_pdbx_struct_conn_angle.ptnr3_auth_seq_id 
_pdbx_struct_conn_angle.ptnr3_PDB_ins_code 
_pdbx_struct_conn_angle.ptnr3_symmetry 
_pdbx_struct_conn_angle.value 
_pdbx_struct_conn_angle.value_esd 
1 SG ? A CYS 56  ? A CYS 56  ? 1_555 ZN ? C ZN . ? A ZN 202 ? 1_555 SG  ? A CYS 58  ? A CYS 58  ? 1_555 110.3 ? 
2 SG ? A CYS 56  ? A CYS 56  ? 1_555 ZN ? C ZN . ? A ZN 202 ? 1_555 SG  ? A CYS 116 ? A CYS 116 ? 1_555 105.8 ? 
3 SG ? A CYS 58  ? A CYS 58  ? 1_555 ZN ? C ZN . ? A ZN 202 ? 1_555 SG  ? A CYS 116 ? A CYS 116 ? 1_555 116.6 ? 
4 SG ? A CYS 56  ? A CYS 56  ? 1_555 ZN ? C ZN . ? A ZN 202 ? 1_555 ND1 ? A HIS 118 ? A HIS 118 ? 1_555 103.0 ? 
5 SG ? A CYS 58  ? A CYS 58  ? 1_555 ZN ? C ZN . ? A ZN 202 ? 1_555 ND1 ? A HIS 118 ? A HIS 118 ? 1_555 99.9  ? 
6 SG ? A CYS 116 ? A CYS 116 ? 1_555 ZN ? C ZN . ? A ZN 202 ? 1_555 ND1 ? A HIS 118 ? A HIS 118 ? 1_555 120.4 ? 
# 
loop_
_struct_sheet.id 
_struct_sheet.type 
_struct_sheet.number_strands 
_struct_sheet.details 
AA1 ? 4 ? 
AA2 ? 7 ? 
# 
loop_
_struct_sheet_order.sheet_id 
_struct_sheet_order.range_id_1 
_struct_sheet_order.range_id_2 
_struct_sheet_order.offset 
_struct_sheet_order.sense 
AA1 1 2 ? anti-parallel 
AA1 2 3 ? anti-parallel 
AA1 3 4 ? anti-parallel 
AA2 1 2 ? anti-parallel 
AA2 2 3 ? anti-parallel 
AA2 3 4 ? anti-parallel 
AA2 4 5 ? anti-parallel 
AA2 5 6 ? anti-parallel 
AA2 6 7 ? anti-parallel 
# 
loop_
_struct_sheet_range.sheet_id 
_struct_sheet_range.id 
_struct_sheet_range.beg_label_comp_id 
_struct_sheet_range.beg_label_asym_id 
_struct_sheet_range.beg_label_seq_id 
_struct_sheet_range.pdbx_beg_PDB_ins_code 
_struct_sheet_range.end_label_comp_id 
_struct_sheet_range.end_label_asym_id 
_struct_sheet_range.end_label_seq_id 
_struct_sheet_range.pdbx_end_PDB_ins_code 
_struct_sheet_range.beg_auth_comp_id 
_struct_sheet_range.beg_auth_asym_id 
_struct_sheet_range.beg_auth_seq_id 
_struct_sheet_range.end_auth_comp_id 
_struct_sheet_range.end_auth_asym_id 
_struct_sheet_range.end_auth_seq_id 
AA1 1 ILE A 10  ? VAL A 12  ? ILE A 10  VAL A 12  
AA1 2 TYR A 15  ? ASN A 19  ? TYR A 15  ASN A 19  
AA1 3 LEU A 40  ? SER A 44  ? LEU A 40  SER A 44  
AA1 4 LEU A 31  ? ASP A 35  ? LEU A 31  ASP A 35  
AA2 1 LYS A 70  ? SER A 75  ? LYS A 70  SER A 75  
AA2 2 THR A 60  ? CYS A 65  ? THR A 60  CYS A 65  
AA2 3 ILE A 113 ? CYS A 116 ? ILE A 113 CYS A 116 
AA2 4 GLY A 119 ? THR A 126 ? GLY A 119 THR A 126 
AA2 5 LEU A 131 ? ASP A 136 ? LEU A 131 ASP A 136 
AA2 6 ARG A 93  ? VAL A 102 ? ARG A 93  VAL A 102 
AA2 7 SER A 80  ? VAL A 84  ? SER A 80  VAL A 84  
# 
loop_
_pdbx_struct_sheet_hbond.sheet_id 
_pdbx_struct_sheet_hbond.range_id_1 
_pdbx_struct_sheet_hbond.range_id_2 
_pdbx_struct_sheet_hbond.range_1_label_atom_id 
_pdbx_struct_sheet_hbond.range_1_label_comp_id 
_pdbx_struct_sheet_hbond.range_1_label_asym_id 
_pdbx_struct_sheet_hbond.range_1_label_seq_id 
_pdbx_struct_sheet_hbond.range_1_PDB_ins_code 
_pdbx_struct_sheet_hbond.range_1_auth_atom_id 
_pdbx_struct_sheet_hbond.range_1_auth_comp_id 
_pdbx_struct_sheet_hbond.range_1_auth_asym_id 
_pdbx_struct_sheet_hbond.range_1_auth_seq_id 
_pdbx_struct_sheet_hbond.range_2_label_atom_id 
_pdbx_struct_sheet_hbond.range_2_label_comp_id 
_pdbx_struct_sheet_hbond.range_2_label_asym_id 
_pdbx_struct_sheet_hbond.range_2_label_seq_id 
_pdbx_struct_sheet_hbond.range_2_PDB_ins_code 
_pdbx_struct_sheet_hbond.range_2_auth_atom_id 
_pdbx_struct_sheet_hbond.range_2_auth_comp_id 
_pdbx_struct_sheet_hbond.range_2_auth_asym_id 
_pdbx_struct_sheet_hbond.range_2_auth_seq_id 
AA1 1 2 N ILE A 10  ? N ILE A 10  O VAL A 17  ? O VAL A 17  
AA1 2 3 N VAL A 18  ? N VAL A 18  O LEU A 41  ? O LEU A 41  
AA1 3 4 O VAL A 42  ? O VAL A 42  N TRP A 33  ? N TRP A 33  
AA2 1 2 O LYS A 70  ? O LYS A 70  N CYS A 65  ? N CYS A 65  
AA2 2 3 N VAL A 62  ? N VAL A 62  O ARG A 115 ? O ARG A 115 
AA2 3 4 N LEU A 114 ? N LEU A 114 O VAL A 121 ? O VAL A 121 
AA2 4 5 N SER A 125 ? N SER A 125 O GLY A 133 ? O GLY A 133 
AA2 5 6 O ASP A 136 ? O ASP A 136 N HIS A 97  ? N HIS A 97  
AA2 6 7 O ARG A 93  ? O ARG A 93  N VAL A 84  ? N VAL A 84  
# 
_pdbx_entry_details.entry_id                   7H4B 
_pdbx_entry_details.compound_details           ? 
_pdbx_entry_details.source_details             ? 
_pdbx_entry_details.nonpolymer_details         ? 
_pdbx_entry_details.sequence_details           ? 
_pdbx_entry_details.has_ligand_of_interest     ? 
_pdbx_entry_details.has_protein_modification   N 
# 
loop_
_pdbx_validate_close_contact.id 
_pdbx_validate_close_contact.PDB_model_num 
_pdbx_validate_close_contact.auth_atom_id_1 
_pdbx_validate_close_contact.auth_asym_id_1 
_pdbx_validate_close_contact.auth_comp_id_1 
_pdbx_validate_close_contact.auth_seq_id_1 
_pdbx_validate_close_contact.PDB_ins_code_1 
_pdbx_validate_close_contact.label_alt_id_1 
_pdbx_validate_close_contact.auth_atom_id_2 
_pdbx_validate_close_contact.auth_asym_id_2 
_pdbx_validate_close_contact.auth_comp_id_2 
_pdbx_validate_close_contact.auth_seq_id_2 
_pdbx_validate_close_contact.PDB_ins_code_2 
_pdbx_validate_close_contact.label_alt_id_2 
_pdbx_validate_close_contact.dist 
1 1 OD2 A ASP 51  ? ? O A HOH 301 ? ? 1.85 
2 1 O   A HOH 363 ? ? O A HOH 423 ? ? 2.00 
3 1 O   A HOH 456 ? ? O A HOH 459 ? ? 2.02 
4 1 O   A HOH 349 ? ? O A HOH 471 ? ? 2.03 
5 1 O   A HOH 417 ? ? O A HOH 455 ? ? 2.03 
6 1 O   A HOH 321 ? ? O A HOH 404 ? ? 2.10 
7 1 O   A HOH 464 ? ? O A HOH 470 ? ? 2.14 
# 
loop_
_pdbx_validate_symm_contact.id 
_pdbx_validate_symm_contact.PDB_model_num 
_pdbx_validate_symm_contact.auth_atom_id_1 
_pdbx_validate_symm_contact.auth_asym_id_1 
_pdbx_validate_symm_contact.auth_comp_id_1 
_pdbx_validate_symm_contact.auth_seq_id_1 
_pdbx_validate_symm_contact.PDB_ins_code_1 
_pdbx_validate_symm_contact.label_alt_id_1 
_pdbx_validate_symm_contact.site_symmetry_1 
_pdbx_validate_symm_contact.auth_atom_id_2 
_pdbx_validate_symm_contact.auth_asym_id_2 
_pdbx_validate_symm_contact.auth_comp_id_2 
_pdbx_validate_symm_contact.auth_seq_id_2 
_pdbx_validate_symm_contact.PDB_ins_code_2 
_pdbx_validate_symm_contact.label_alt_id_2 
_pdbx_validate_symm_contact.site_symmetry_2 
_pdbx_validate_symm_contact.dist 
1 1 O A HOH 464 ? ? 1_555 O A HOH 475 ? ? 1_556 1.80 
2 1 O A HOH 316 ? ? 1_555 O A HOH 421 ? ? 2_556 2.04 
3 1 O A HOH 315 ? ? 1_555 O A HOH 402 ? ? 1_556 2.09 
# 
_pdbx_validate_torsion.id              1 
_pdbx_validate_torsion.PDB_model_num   1 
_pdbx_validate_torsion.auth_comp_id    LEU 
_pdbx_validate_torsion.auth_asym_id    A 
_pdbx_validate_torsion.auth_seq_id     140 
_pdbx_validate_torsion.PDB_ins_code    ? 
_pdbx_validate_torsion.label_alt_id    ? 
_pdbx_validate_torsion.phi             -100.00 
_pdbx_validate_torsion.psi             67.19 
# 
loop_
_pdbx_distant_solvent_atoms.id 
_pdbx_distant_solvent_atoms.PDB_model_num 
_pdbx_distant_solvent_atoms.auth_atom_id 
_pdbx_distant_solvent_atoms.label_alt_id 
_pdbx_distant_solvent_atoms.auth_asym_id 
_pdbx_distant_solvent_atoms.auth_comp_id 
_pdbx_distant_solvent_atoms.auth_seq_id 
_pdbx_distant_solvent_atoms.PDB_ins_code 
_pdbx_distant_solvent_atoms.neighbor_macromolecule_distance 
_pdbx_distant_solvent_atoms.neighbor_ligand_distance 
1 1 O ? A HOH 499 ? 6.54 . 
2 1 O ? A HOH 500 ? 7.60 . 
# 
loop_
_pdbx_unobs_or_zero_occ_residues.id 
_pdbx_unobs_or_zero_occ_residues.PDB_model_num 
_pdbx_unobs_or_zero_occ_residues.polymer_flag 
_pdbx_unobs_or_zero_occ_residues.occupancy_flag 
_pdbx_unobs_or_zero_occ_residues.auth_asym_id 
_pdbx_unobs_or_zero_occ_residues.auth_comp_id 
_pdbx_unobs_or_zero_occ_residues.auth_seq_id 
_pdbx_unobs_or_zero_occ_residues.PDB_ins_code 
_pdbx_unobs_or_zero_occ_residues.label_asym_id 
_pdbx_unobs_or_zero_occ_residues.label_comp_id 
_pdbx_unobs_or_zero_occ_residues.label_seq_id 
1  1 Y 1 A GLN 1   ? A GLN 1   
2  1 Y 1 A GLU 2   ? A GLU 2   
3  1 Y 1 A GLN 3   ? A GLN 3   
4  1 Y 1 A THR 4   ? A THR 4   
5  1 Y 1 A GLY 5   ? A GLY 5   
6  1 Y 1 A GLY 6   ? A GLY 6   
7  1 Y 1 A ALA 147 ? A ALA 147 
8  1 Y 1 A MET 148 ? A MET 148 
9  1 Y 1 A GLU 149 ? A GLU 149 
10 1 Y 1 A GLN 150 ? A GLN 150 
# 
loop_
_chem_comp_atom.comp_id 
_chem_comp_atom.atom_id 
_chem_comp_atom.type_symbol 
_chem_comp_atom.pdbx_aromatic_flag 
_chem_comp_atom.pdbx_stereo_config 
_chem_comp_atom.pdbx_ordinal 
ALA N    N  N N 1   
ALA CA   C  N S 2   
ALA C    C  N N 3   
ALA O    O  N N 4   
ALA CB   C  N N 5   
ALA OXT  O  N N 6   
ALA H    H  N N 7   
ALA H2   H  N N 8   
ALA HA   H  N N 9   
ALA HB1  H  N N 10  
ALA HB2  H  N N 11  
ALA HB3  H  N N 12  
ALA HXT  H  N N 13  
ARG N    N  N N 14  
ARG CA   C  N S 15  
ARG C    C  N N 16  
ARG O    O  N N 17  
ARG CB   C  N N 18  
ARG CG   C  N N 19  
ARG CD   C  N N 20  
ARG NE   N  N N 21  
ARG CZ   C  N N 22  
ARG NH1  N  N N 23  
ARG NH2  N  N N 24  
ARG OXT  O  N N 25  
ARG H    H  N N 26  
ARG H2   H  N N 27  
ARG HA   H  N N 28  
ARG HB2  H  N N 29  
ARG HB3  H  N N 30  
ARG HG2  H  N N 31  
ARG HG3  H  N N 32  
ARG HD2  H  N N 33  
ARG HD3  H  N N 34  
ARG HE   H  N N 35  
ARG HH11 H  N N 36  
ARG HH12 H  N N 37  
ARG HH21 H  N N 38  
ARG HH22 H  N N 39  
ARG HXT  H  N N 40  
ASN N    N  N N 41  
ASN CA   C  N S 42  
ASN C    C  N N 43  
ASN O    O  N N 44  
ASN CB   C  N N 45  
ASN CG   C  N N 46  
ASN OD1  O  N N 47  
ASN ND2  N  N N 48  
ASN OXT  O  N N 49  
ASN H    H  N N 50  
ASN H2   H  N N 51  
ASN HA   H  N N 52  
ASN HB2  H  N N 53  
ASN HB3  H  N N 54  
ASN HD21 H  N N 55  
ASN HD22 H  N N 56  
ASN HXT  H  N N 57  
ASP N    N  N N 58  
ASP CA   C  N S 59  
ASP C    C  N N 60  
ASP O    O  N N 61  
ASP CB   C  N N 62  
ASP CG   C  N N 63  
ASP OD1  O  N N 64  
ASP OD2  O  N N 65  
ASP OXT  O  N N 66  
ASP H    H  N N 67  
ASP H2   H  N N 68  
ASP HA   H  N N 69  
ASP HB2  H  N N 70  
ASP HB3  H  N N 71  
ASP HD2  H  N N 72  
ASP HXT  H  N N 73  
CYS N    N  N N 74  
CYS CA   C  N R 75  
CYS C    C  N N 76  
CYS O    O  N N 77  
CYS CB   C  N N 78  
CYS SG   S  N N 79  
CYS OXT  O  N N 80  
CYS H    H  N N 81  
CYS H2   H  N N 82  
CYS HA   H  N N 83  
CYS HB2  H  N N 84  
CYS HB3  H  N N 85  
CYS HG   H  N N 86  
CYS HXT  H  N N 87  
DMS S    S  N N 88  
DMS O    O  N N 89  
DMS C1   C  N N 90  
DMS C2   C  N N 91  
DMS H11  H  N N 92  
DMS H12  H  N N 93  
DMS H13  H  N N 94  
DMS H21  H  N N 95  
DMS H22  H  N N 96  
DMS H23  H  N N 97  
GLN N    N  N N 98  
GLN CA   C  N S 99  
GLN C    C  N N 100 
GLN O    O  N N 101 
GLN CB   C  N N 102 
GLN CG   C  N N 103 
GLN CD   C  N N 104 
GLN OE1  O  N N 105 
GLN NE2  N  N N 106 
GLN OXT  O  N N 107 
GLN H    H  N N 108 
GLN H2   H  N N 109 
GLN HA   H  N N 110 
GLN HB2  H  N N 111 
GLN HB3  H  N N 112 
GLN HG2  H  N N 113 
GLN HG3  H  N N 114 
GLN HE21 H  N N 115 
GLN HE22 H  N N 116 
GLN HXT  H  N N 117 
GLU N    N  N N 118 
GLU CA   C  N S 119 
GLU C    C  N N 120 
GLU O    O  N N 121 
GLU CB   C  N N 122 
GLU CG   C  N N 123 
GLU CD   C  N N 124 
GLU OE1  O  N N 125 
GLU OE2  O  N N 126 
GLU OXT  O  N N 127 
GLU H    H  N N 128 
GLU H2   H  N N 129 
GLU HA   H  N N 130 
GLU HB2  H  N N 131 
GLU HB3  H  N N 132 
GLU HG2  H  N N 133 
GLU HG3  H  N N 134 
GLU HE2  H  N N 135 
GLU HXT  H  N N 136 
GLY N    N  N N 137 
GLY CA   C  N N 138 
GLY C    C  N N 139 
GLY O    O  N N 140 
GLY OXT  O  N N 141 
GLY H    H  N N 142 
GLY H2   H  N N 143 
GLY HA2  H  N N 144 
GLY HA3  H  N N 145 
GLY HXT  H  N N 146 
HIS N    N  N N 147 
HIS CA   C  N S 148 
HIS C    C  N N 149 
HIS O    O  N N 150 
HIS CB   C  N N 151 
HIS CG   C  Y N 152 
HIS ND1  N  Y N 153 
HIS CD2  C  Y N 154 
HIS CE1  C  Y N 155 
HIS NE2  N  Y N 156 
HIS OXT  O  N N 157 
HIS H    H  N N 158 
HIS H2   H  N N 159 
HIS HA   H  N N 160 
HIS HB2  H  N N 161 
HIS HB3  H  N N 162 
HIS HD1  H  N N 163 
HIS HD2  H  N N 164 
HIS HE1  H  N N 165 
HIS HE2  H  N N 166 
HIS HXT  H  N N 167 
HOH O    O  N N 168 
HOH H1   H  N N 169 
HOH H2   H  N N 170 
ILE N    N  N N 171 
ILE CA   C  N S 172 
ILE C    C  N N 173 
ILE O    O  N N 174 
ILE CB   C  N S 175 
ILE CG1  C  N N 176 
ILE CG2  C  N N 177 
ILE CD1  C  N N 178 
ILE OXT  O  N N 179 
ILE H    H  N N 180 
ILE H2   H  N N 181 
ILE HA   H  N N 182 
ILE HB   H  N N 183 
ILE HG12 H  N N 184 
ILE HG13 H  N N 185 
ILE HG21 H  N N 186 
ILE HG22 H  N N 187 
ILE HG23 H  N N 188 
ILE HD11 H  N N 189 
ILE HD12 H  N N 190 
ILE HD13 H  N N 191 
ILE HXT  H  N N 192 
K2S N1   N  Y N 193 
K2S C4   C  N N 194 
K2S C5   C  Y N 195 
K2S C6   C  N N 196 
K2S N    N  N N 197 
K2S C    C  N N 198 
K2S O    O  N N 199 
K2S C1   C  N N 200 
K2S C2   C  Y N 201 
K2S C3   C  Y N 202 
K2S N2   N  Y N 203 
K2S O1   O  N N 204 
K2S S    S  N N 205 
K2S H1   H  N N 206 
K2S H2   H  N N 207 
K2S H3   H  N N 208 
K2S H4   H  N N 209 
K2S H5   H  N N 210 
K2S H6   H  N N 211 
K2S H7   H  N N 212 
K2S H8   H  N N 213 
K2S H9   H  N N 214 
K2S H10  H  N N 215 
K2S H11  H  N N 216 
K2S H12  H  N N 217 
K2S H13  H  N N 218 
LEU N    N  N N 219 
LEU CA   C  N S 220 
LEU C    C  N N 221 
LEU O    O  N N 222 
LEU CB   C  N N 223 
LEU CG   C  N N 224 
LEU CD1  C  N N 225 
LEU CD2  C  N N 226 
LEU OXT  O  N N 227 
LEU H    H  N N 228 
LEU H2   H  N N 229 
LEU HA   H  N N 230 
LEU HB2  H  N N 231 
LEU HB3  H  N N 232 
LEU HG   H  N N 233 
LEU HD11 H  N N 234 
LEU HD12 H  N N 235 
LEU HD13 H  N N 236 
LEU HD21 H  N N 237 
LEU HD22 H  N N 238 
LEU HD23 H  N N 239 
LEU HXT  H  N N 240 
LYS N    N  N N 241 
LYS CA   C  N S 242 
LYS C    C  N N 243 
LYS O    O  N N 244 
LYS CB   C  N N 245 
LYS CG   C  N N 246 
LYS CD   C  N N 247 
LYS CE   C  N N 248 
LYS NZ   N  N N 249 
LYS OXT  O  N N 250 
LYS H    H  N N 251 
LYS H2   H  N N 252 
LYS HA   H  N N 253 
LYS HB2  H  N N 254 
LYS HB3  H  N N 255 
LYS HG2  H  N N 256 
LYS HG3  H  N N 257 
LYS HD2  H  N N 258 
LYS HD3  H  N N 259 
LYS HE2  H  N N 260 
LYS HE3  H  N N 261 
LYS HZ1  H  N N 262 
LYS HZ2  H  N N 263 
LYS HZ3  H  N N 264 
LYS HXT  H  N N 265 
MET N    N  N N 266 
MET CA   C  N S 267 
MET C    C  N N 268 
MET O    O  N N 269 
MET CB   C  N N 270 
MET CG   C  N N 271 
MET SD   S  N N 272 
MET CE   C  N N 273 
MET OXT  O  N N 274 
MET H    H  N N 275 
MET H2   H  N N 276 
MET HA   H  N N 277 
MET HB2  H  N N 278 
MET HB3  H  N N 279 
MET HG2  H  N N 280 
MET HG3  H  N N 281 
MET HE1  H  N N 282 
MET HE2  H  N N 283 
MET HE3  H  N N 284 
MET HXT  H  N N 285 
PHE N    N  N N 286 
PHE CA   C  N S 287 
PHE C    C  N N 288 
PHE O    O  N N 289 
PHE CB   C  N N 290 
PHE CG   C  Y N 291 
PHE CD1  C  Y N 292 
PHE CD2  C  Y N 293 
PHE CE1  C  Y N 294 
PHE CE2  C  Y N 295 
PHE CZ   C  Y N 296 
PHE OXT  O  N N 297 
PHE H    H  N N 298 
PHE H2   H  N N 299 
PHE HA   H  N N 300 
PHE HB2  H  N N 301 
PHE HB3  H  N N 302 
PHE HD1  H  N N 303 
PHE HD2  H  N N 304 
PHE HE1  H  N N 305 
PHE HE2  H  N N 306 
PHE HZ   H  N N 307 
PHE HXT  H  N N 308 
PRO N    N  N N 309 
PRO CA   C  N S 310 
PRO C    C  N N 311 
PRO O    O  N N 312 
PRO CB   C  N N 313 
PRO CG   C  N N 314 
PRO CD   C  N N 315 
PRO OXT  O  N N 316 
PRO H    H  N N 317 
PRO HA   H  N N 318 
PRO HB2  H  N N 319 
PRO HB3  H  N N 320 
PRO HG2  H  N N 321 
PRO HG3  H  N N 322 
PRO HD2  H  N N 323 
PRO HD3  H  N N 324 
PRO HXT  H  N N 325 
SER N    N  N N 326 
SER CA   C  N S 327 
SER C    C  N N 328 
SER O    O  N N 329 
SER CB   C  N N 330 
SER OG   O  N N 331 
SER OXT  O  N N 332 
SER H    H  N N 333 
SER H2   H  N N 334 
SER HA   H  N N 335 
SER HB2  H  N N 336 
SER HB3  H  N N 337 
SER HG   H  N N 338 
SER HXT  H  N N 339 
SO4 S    S  N N 340 
SO4 O1   O  N N 341 
SO4 O2   O  N N 342 
SO4 O3   O  N N 343 
SO4 O4   O  N N 344 
THR N    N  N N 345 
THR CA   C  N S 346 
THR C    C  N N 347 
THR O    O  N N 348 
THR CB   C  N R 349 
THR OG1  O  N N 350 
THR CG2  C  N N 351 
THR OXT  O  N N 352 
THR H    H  N N 353 
THR H2   H  N N 354 
THR HA   H  N N 355 
THR HB   H  N N 356 
THR HG1  H  N N 357 
THR HG21 H  N N 358 
THR HG22 H  N N 359 
THR HG23 H  N N 360 
THR HXT  H  N N 361 
TRP N    N  N N 362 
TRP CA   C  N S 363 
TRP C    C  N N 364 
TRP O    O  N N 365 
TRP CB   C  N N 366 
TRP CG   C  Y N 367 
TRP CD1  C  Y N 368 
TRP CD2  C  Y N 369 
TRP NE1  N  Y N 370 
TRP CE2  C  Y N 371 
TRP CE3  C  Y N 372 
TRP CZ2  C  Y N 373 
TRP CZ3  C  Y N 374 
TRP CH2  C  Y N 375 
TRP OXT  O  N N 376 
TRP H    H  N N 377 
TRP H2   H  N N 378 
TRP HA   H  N N 379 
TRP HB2  H  N N 380 
TRP HB3  H  N N 381 
TRP HD1  H  N N 382 
TRP HE1  H  N N 383 
TRP HE3  H  N N 384 
TRP HZ2  H  N N 385 
TRP HZ3  H  N N 386 
TRP HH2  H  N N 387 
TRP HXT  H  N N 388 
TYR N    N  N N 389 
TYR CA   C  N S 390 
TYR C    C  N N 391 
TYR O    O  N N 392 
TYR CB   C  N N 393 
TYR CG   C  Y N 394 
TYR CD1  C  Y N 395 
TYR CD2  C  Y N 396 
TYR CE1  C  Y N 397 
TYR CE2  C  Y N 398 
TYR CZ   C  Y N 399 
TYR OH   O  N N 400 
TYR OXT  O  N N 401 
TYR H    H  N N 402 
TYR H2   H  N N 403 
TYR HA   H  N N 404 
TYR HB2  H  N N 405 
TYR HB3  H  N N 406 
TYR HD1  H  N N 407 
TYR HD2  H  N N 408 
TYR HE1  H  N N 409 
TYR HE2  H  N N 410 
TYR HH   H  N N 411 
TYR HXT  H  N N 412 
VAL N    N  N N 413 
VAL CA   C  N S 414 
VAL C    C  N N 415 
VAL O    O  N N 416 
VAL CB   C  N N 417 
VAL CG1  C  N N 418 
VAL CG2  C  N N 419 
VAL OXT  O  N N 420 
VAL H    H  N N 421 
VAL H2   H  N N 422 
VAL HA   H  N N 423 
VAL HB   H  N N 424 
VAL HG11 H  N N 425 
VAL HG12 H  N N 426 
VAL HG13 H  N N 427 
VAL HG21 H  N N 428 
VAL HG22 H  N N 429 
VAL HG23 H  N N 430 
VAL HXT  H  N N 431 
ZN  ZN   ZN N N 432 
# 
loop_
_chem_comp_bond.comp_id 
_chem_comp_bond.atom_id_1 
_chem_comp_bond.atom_id_2 
_chem_comp_bond.value_order 
_chem_comp_bond.pdbx_aromatic_flag 
_chem_comp_bond.pdbx_stereo_config 
_chem_comp_bond.pdbx_ordinal 
ALA N   CA   sing N N 1   
ALA N   H    sing N N 2   
ALA N   H2   sing N N 3   
ALA CA  C    sing N N 4   
ALA CA  CB   sing N N 5   
ALA CA  HA   sing N N 6   
ALA C   O    doub N N 7   
ALA C   OXT  sing N N 8   
ALA CB  HB1  sing N N 9   
ALA CB  HB2  sing N N 10  
ALA CB  HB3  sing N N 11  
ALA OXT HXT  sing N N 12  
ARG N   CA   sing N N 13  
ARG N   H    sing N N 14  
ARG N   H2   sing N N 15  
ARG CA  C    sing N N 16  
ARG CA  CB   sing N N 17  
ARG CA  HA   sing N N 18  
ARG C   O    doub N N 19  
ARG C   OXT  sing N N 20  
ARG CB  CG   sing N N 21  
ARG CB  HB2  sing N N 22  
ARG CB  HB3  sing N N 23  
ARG CG  CD   sing N N 24  
ARG CG  HG2  sing N N 25  
ARG CG  HG3  sing N N 26  
ARG CD  NE   sing N N 27  
ARG CD  HD2  sing N N 28  
ARG CD  HD3  sing N N 29  
ARG NE  CZ   sing N N 30  
ARG NE  HE   sing N N 31  
ARG CZ  NH1  sing N N 32  
ARG CZ  NH2  doub N N 33  
ARG NH1 HH11 sing N N 34  
ARG NH1 HH12 sing N N 35  
ARG NH2 HH21 sing N N 36  
ARG NH2 HH22 sing N N 37  
ARG OXT HXT  sing N N 38  
ASN N   CA   sing N N 39  
ASN N   H    sing N N 40  
ASN N   H2   sing N N 41  
ASN CA  C    sing N N 42  
ASN CA  CB   sing N N 43  
ASN CA  HA   sing N N 44  
ASN C   O    doub N N 45  
ASN C   OXT  sing N N 46  
ASN CB  CG   sing N N 47  
ASN CB  HB2  sing N N 48  
ASN CB  HB3  sing N N 49  
ASN CG  OD1  doub N N 50  
ASN CG  ND2  sing N N 51  
ASN ND2 HD21 sing N N 52  
ASN ND2 HD22 sing N N 53  
ASN OXT HXT  sing N N 54  
ASP N   CA   sing N N 55  
ASP N   H    sing N N 56  
ASP N   H2   sing N N 57  
ASP CA  C    sing N N 58  
ASP CA  CB   sing N N 59  
ASP CA  HA   sing N N 60  
ASP C   O    doub N N 61  
ASP C   OXT  sing N N 62  
ASP CB  CG   sing N N 63  
ASP CB  HB2  sing N N 64  
ASP CB  HB3  sing N N 65  
ASP CG  OD1  doub N N 66  
ASP CG  OD2  sing N N 67  
ASP OD2 HD2  sing N N 68  
ASP OXT HXT  sing N N 69  
CYS N   CA   sing N N 70  
CYS N   H    sing N N 71  
CYS N   H2   sing N N 72  
CYS CA  C    sing N N 73  
CYS CA  CB   sing N N 74  
CYS CA  HA   sing N N 75  
CYS C   O    doub N N 76  
CYS C   OXT  sing N N 77  
CYS CB  SG   sing N N 78  
CYS CB  HB2  sing N N 79  
CYS CB  HB3  sing N N 80  
CYS SG  HG   sing N N 81  
CYS OXT HXT  sing N N 82  
DMS S   O    doub N N 83  
DMS S   C1   sing N N 84  
DMS S   C2   sing N N 85  
DMS C1  H11  sing N N 86  
DMS C1  H12  sing N N 87  
DMS C1  H13  sing N N 88  
DMS C2  H21  sing N N 89  
DMS C2  H22  sing N N 90  
DMS C2  H23  sing N N 91  
GLN N   CA   sing N N 92  
GLN N   H    sing N N 93  
GLN N   H2   sing N N 94  
GLN CA  C    sing N N 95  
GLN CA  CB   sing N N 96  
GLN CA  HA   sing N N 97  
GLN C   O    doub N N 98  
GLN C   OXT  sing N N 99  
GLN CB  CG   sing N N 100 
GLN CB  HB2  sing N N 101 
GLN CB  HB3  sing N N 102 
GLN CG  CD   sing N N 103 
GLN CG  HG2  sing N N 104 
GLN CG  HG3  sing N N 105 
GLN CD  OE1  doub N N 106 
GLN CD  NE2  sing N N 107 
GLN NE2 HE21 sing N N 108 
GLN NE2 HE22 sing N N 109 
GLN OXT HXT  sing N N 110 
GLU N   CA   sing N N 111 
GLU N   H    sing N N 112 
GLU N   H2   sing N N 113 
GLU CA  C    sing N N 114 
GLU CA  CB   sing N N 115 
GLU CA  HA   sing N N 116 
GLU C   O    doub N N 117 
GLU C   OXT  sing N N 118 
GLU CB  CG   sing N N 119 
GLU CB  HB2  sing N N 120 
GLU CB  HB3  sing N N 121 
GLU CG  CD   sing N N 122 
GLU CG  HG2  sing N N 123 
GLU CG  HG3  sing N N 124 
GLU CD  OE1  doub N N 125 
GLU CD  OE2  sing N N 126 
GLU OE2 HE2  sing N N 127 
GLU OXT HXT  sing N N 128 
GLY N   CA   sing N N 129 
GLY N   H    sing N N 130 
GLY N   H2   sing N N 131 
GLY CA  C    sing N N 132 
GLY CA  HA2  sing N N 133 
GLY CA  HA3  sing N N 134 
GLY C   O    doub N N 135 
GLY C   OXT  sing N N 136 
GLY OXT HXT  sing N N 137 
HIS N   CA   sing N N 138 
HIS N   H    sing N N 139 
HIS N   H2   sing N N 140 
HIS CA  C    sing N N 141 
HIS CA  CB   sing N N 142 
HIS CA  HA   sing N N 143 
HIS C   O    doub N N 144 
HIS C   OXT  sing N N 145 
HIS CB  CG   sing N N 146 
HIS CB  HB2  sing N N 147 
HIS CB  HB3  sing N N 148 
HIS CG  ND1  sing Y N 149 
HIS CG  CD2  doub Y N 150 
HIS ND1 CE1  doub Y N 151 
HIS ND1 HD1  sing N N 152 
HIS CD2 NE2  sing Y N 153 
HIS CD2 HD2  sing N N 154 
HIS CE1 NE2  sing Y N 155 
HIS CE1 HE1  sing N N 156 
HIS NE2 HE2  sing N N 157 
HIS OXT HXT  sing N N 158 
HOH O   H1   sing N N 159 
HOH O   H2   sing N N 160 
ILE N   CA   sing N N 161 
ILE N   H    sing N N 162 
ILE N   H2   sing N N 163 
ILE CA  C    sing N N 164 
ILE CA  CB   sing N N 165 
ILE CA  HA   sing N N 166 
ILE C   O    doub N N 167 
ILE C   OXT  sing N N 168 
ILE CB  CG1  sing N N 169 
ILE CB  CG2  sing N N 170 
ILE CB  HB   sing N N 171 
ILE CG1 CD1  sing N N 172 
ILE CG1 HG12 sing N N 173 
ILE CG1 HG13 sing N N 174 
ILE CG2 HG21 sing N N 175 
ILE CG2 HG22 sing N N 176 
ILE CG2 HG23 sing N N 177 
ILE CD1 HD11 sing N N 178 
ILE CD1 HD12 sing N N 179 
ILE CD1 HD13 sing N N 180 
ILE OXT HXT  sing N N 181 
K2S C1  N    sing N N 182 
K2S C4  C3   sing N N 183 
K2S O   S    doub N N 184 
K2S N   C    sing N N 185 
K2S N   S    sing N N 186 
K2S C3  C2   doub Y N 187 
K2S C3  N1   sing Y N 188 
K2S S   C2   sing N N 189 
K2S S   O1   doub N N 190 
K2S C2  C5   sing Y N 191 
K2S N1  N2   sing Y N 192 
K2S C5  N2   doub Y N 193 
K2S C5  C6   sing N N 194 
K2S N1  H1   sing N N 195 
K2S C4  H2   sing N N 196 
K2S C4  H3   sing N N 197 
K2S C4  H4   sing N N 198 
K2S C6  H5   sing N N 199 
K2S C6  H6   sing N N 200 
K2S C6  H7   sing N N 201 
K2S C   H8   sing N N 202 
K2S C   H9   sing N N 203 
K2S C   H10  sing N N 204 
K2S C1  H11  sing N N 205 
K2S C1  H12  sing N N 206 
K2S C1  H13  sing N N 207 
LEU N   CA   sing N N 208 
LEU N   H    sing N N 209 
LEU N   H2   sing N N 210 
LEU CA  C    sing N N 211 
LEU CA  CB   sing N N 212 
LEU CA  HA   sing N N 213 
LEU C   O    doub N N 214 
LEU C   OXT  sing N N 215 
LEU CB  CG   sing N N 216 
LEU CB  HB2  sing N N 217 
LEU CB  HB3  sing N N 218 
LEU CG  CD1  sing N N 219 
LEU CG  CD2  sing N N 220 
LEU CG  HG   sing N N 221 
LEU CD1 HD11 sing N N 222 
LEU CD1 HD12 sing N N 223 
LEU CD1 HD13 sing N N 224 
LEU CD2 HD21 sing N N 225 
LEU CD2 HD22 sing N N 226 
LEU CD2 HD23 sing N N 227 
LEU OXT HXT  sing N N 228 
LYS N   CA   sing N N 229 
LYS N   H    sing N N 230 
LYS N   H2   sing N N 231 
LYS CA  C    sing N N 232 
LYS CA  CB   sing N N 233 
LYS CA  HA   sing N N 234 
LYS C   O    doub N N 235 
LYS C   OXT  sing N N 236 
LYS CB  CG   sing N N 237 
LYS CB  HB2  sing N N 238 
LYS CB  HB3  sing N N 239 
LYS CG  CD   sing N N 240 
LYS CG  HG2  sing N N 241 
LYS CG  HG3  sing N N 242 
LYS CD  CE   sing N N 243 
LYS CD  HD2  sing N N 244 
LYS CD  HD3  sing N N 245 
LYS CE  NZ   sing N N 246 
LYS CE  HE2  sing N N 247 
LYS CE  HE3  sing N N 248 
LYS NZ  HZ1  sing N N 249 
LYS NZ  HZ2  sing N N 250 
LYS NZ  HZ3  sing N N 251 
LYS OXT HXT  sing N N 252 
MET N   CA   sing N N 253 
MET N   H    sing N N 254 
MET N   H2   sing N N 255 
MET CA  C    sing N N 256 
MET CA  CB   sing N N 257 
MET CA  HA   sing N N 258 
MET C   O    doub N N 259 
MET C   OXT  sing N N 260 
MET CB  CG   sing N N 261 
MET CB  HB2  sing N N 262 
MET CB  HB3  sing N N 263 
MET CG  SD   sing N N 264 
MET CG  HG2  sing N N 265 
MET CG  HG3  sing N N 266 
MET SD  CE   sing N N 267 
MET CE  HE1  sing N N 268 
MET CE  HE2  sing N N 269 
MET CE  HE3  sing N N 270 
MET OXT HXT  sing N N 271 
PHE N   CA   sing N N 272 
PHE N   H    sing N N 273 
PHE N   H2   sing N N 274 
PHE CA  C    sing N N 275 
PHE CA  CB   sing N N 276 
PHE CA  HA   sing N N 277 
PHE C   O    doub N N 278 
PHE C   OXT  sing N N 279 
PHE CB  CG   sing N N 280 
PHE CB  HB2  sing N N 281 
PHE CB  HB3  sing N N 282 
PHE CG  CD1  doub Y N 283 
PHE CG  CD2  sing Y N 284 
PHE CD1 CE1  sing Y N 285 
PHE CD1 HD1  sing N N 286 
PHE CD2 CE2  doub Y N 287 
PHE CD2 HD2  sing N N 288 
PHE CE1 CZ   doub Y N 289 
PHE CE1 HE1  sing N N 290 
PHE CE2 CZ   sing Y N 291 
PHE CE2 HE2  sing N N 292 
PHE CZ  HZ   sing N N 293 
PHE OXT HXT  sing N N 294 
PRO N   CA   sing N N 295 
PRO N   CD   sing N N 296 
PRO N   H    sing N N 297 
PRO CA  C    sing N N 298 
PRO CA  CB   sing N N 299 
PRO CA  HA   sing N N 300 
PRO C   O    doub N N 301 
PRO C   OXT  sing N N 302 
PRO CB  CG   sing N N 303 
PRO CB  HB2  sing N N 304 
PRO CB  HB3  sing N N 305 
PRO CG  CD   sing N N 306 
PRO CG  HG2  sing N N 307 
PRO CG  HG3  sing N N 308 
PRO CD  HD2  sing N N 309 
PRO CD  HD3  sing N N 310 
PRO OXT HXT  sing N N 311 
SER N   CA   sing N N 312 
SER N   H    sing N N 313 
SER N   H2   sing N N 314 
SER CA  C    sing N N 315 
SER CA  CB   sing N N 316 
SER CA  HA   sing N N 317 
SER C   O    doub N N 318 
SER C   OXT  sing N N 319 
SER CB  OG   sing N N 320 
SER CB  HB2  sing N N 321 
SER CB  HB3  sing N N 322 
SER OG  HG   sing N N 323 
SER OXT HXT  sing N N 324 
SO4 S   O1   doub N N 325 
SO4 S   O2   doub N N 326 
SO4 S   O3   sing N N 327 
SO4 S   O4   sing N N 328 
THR N   CA   sing N N 329 
THR N   H    sing N N 330 
THR N   H2   sing N N 331 
THR CA  C    sing N N 332 
THR CA  CB   sing N N 333 
THR CA  HA   sing N N 334 
THR C   O    doub N N 335 
THR C   OXT  sing N N 336 
THR CB  OG1  sing N N 337 
THR CB  CG2  sing N N 338 
THR CB  HB   sing N N 339 
THR OG1 HG1  sing N N 340 
THR CG2 HG21 sing N N 341 
THR CG2 HG22 sing N N 342 
THR CG2 HG23 sing N N 343 
THR OXT HXT  sing N N 344 
TRP N   CA   sing N N 345 
TRP N   H    sing N N 346 
TRP N   H2   sing N N 347 
TRP CA  C    sing N N 348 
TRP CA  CB   sing N N 349 
TRP CA  HA   sing N N 350 
TRP C   O    doub N N 351 
TRP C   OXT  sing N N 352 
TRP CB  CG   sing N N 353 
TRP CB  HB2  sing N N 354 
TRP CB  HB3  sing N N 355 
TRP CG  CD1  doub Y N 356 
TRP CG  CD2  sing Y N 357 
TRP CD1 NE1  sing Y N 358 
TRP CD1 HD1  sing N N 359 
TRP CD2 CE2  doub Y N 360 
TRP CD2 CE3  sing Y N 361 
TRP NE1 CE2  sing Y N 362 
TRP NE1 HE1  sing N N 363 
TRP CE2 CZ2  sing Y N 364 
TRP CE3 CZ3  doub Y N 365 
TRP CE3 HE3  sing N N 366 
TRP CZ2 CH2  doub Y N 367 
TRP CZ2 HZ2  sing N N 368 
TRP CZ3 CH2  sing Y N 369 
TRP CZ3 HZ3  sing N N 370 
TRP CH2 HH2  sing N N 371 
TRP OXT HXT  sing N N 372 
TYR N   CA   sing N N 373 
TYR N   H    sing N N 374 
TYR N   H2   sing N N 375 
TYR CA  C    sing N N 376 
TYR CA  CB   sing N N 377 
TYR CA  HA   sing N N 378 
TYR C   O    doub N N 379 
TYR C   OXT  sing N N 380 
TYR CB  CG   sing N N 381 
TYR CB  HB2  sing N N 382 
TYR CB  HB3  sing N N 383 
TYR CG  CD1  doub Y N 384 
TYR CG  CD2  sing Y N 385 
TYR CD1 CE1  sing Y N 386 
TYR CD1 HD1  sing N N 387 
TYR CD2 CE2  doub Y N 388 
TYR CD2 HD2  sing N N 389 
TYR CE1 CZ   doub Y N 390 
TYR CE1 HE1  sing N N 391 
TYR CE2 CZ   sing Y N 392 
TYR CE2 HE2  sing N N 393 
TYR CZ  OH   sing N N 394 
TYR OH  HH   sing N N 395 
TYR OXT HXT  sing N N 396 
VAL N   CA   sing N N 397 
VAL N   H    sing N N 398 
VAL N   H2   sing N N 399 
VAL CA  C    sing N N 400 
VAL CA  CB   sing N N 401 
VAL CA  HA   sing N N 402 
VAL C   O    doub N N 403 
VAL C   OXT  sing N N 404 
VAL CB  CG1  sing N N 405 
VAL CB  CG2  sing N N 406 
VAL CB  HB   sing N N 407 
VAL CG1 HG11 sing N N 408 
VAL CG1 HG12 sing N N 409 
VAL CG1 HG13 sing N N 410 
VAL CG2 HG21 sing N N 411 
VAL CG2 HG22 sing N N 412 
VAL CG2 HG23 sing N N 413 
VAL OXT HXT  sing N N 414 
# 
_pdbx_audit_support.funding_organization   
'National Institutes of Health/National Institute Of Allergy and Infectious Diseases (NIH/NIAID)' 
_pdbx_audit_support.country                'United States' 
_pdbx_audit_support.grant_number           U19AI171399 
_pdbx_audit_support.ordinal                1 
# 
_pdbx_deposit_group.group_id            G_1002288 
_pdbx_deposit_group.group_description   'Crystallographic fragment screening of Coxsackievirus A16 (G-10) 2A protease' 
_pdbx_deposit_group.group_title         
'Group deposition for crystallographic fragment screening of Coxsackievirus A16 (G-10) 2A protease' 
_pdbx_deposit_group.group_type          'changed state' 
# 
_atom_sites.entry_id                    7H4B 
_atom_sites.fract_transf_matrix[1][1]   0.00864189 
_atom_sites.fract_transf_matrix[1][2]   -0.00728699 
_atom_sites.fract_transf_matrix[1][3]   0.00299150 
_atom_sites.fract_transf_matrix[2][1]   0.00789204 
_atom_sites.fract_transf_matrix[2][2]   0.00294801 
_atom_sites.fract_transf_matrix[2][3]   -0.01561762 
_atom_sites.fract_transf_matrix[3][1]   0.01756278 
_atom_sites.fract_transf_matrix[3][2]   0.02210020 
_atom_sites.fract_transf_matrix[3][3]   0.01304667 
_atom_sites.fract_transf_vector[1]      0.187001 
_atom_sites.fract_transf_vector[2]      0.124415 
_atom_sites.fract_transf_vector[3]      0.451331 
# 
loop_
_atom_type.symbol 
C  
N  
O  
S  
ZN 
# 
loop_
_atom_site.group_PDB 
_atom_site.id 
_atom_site.type_symbol 
_atom_site.label_atom_id 
_atom_site.label_alt_id 
_atom_site.label_comp_id 
_atom_site.label_asym_id 
_atom_site.label_entity_id 
_atom_site.label_seq_id 
_atom_site.pdbx_PDB_ins_code 
_atom_site.Cartn_x 
_atom_site.Cartn_y 
_atom_site.Cartn_z 
_atom_site.occupancy 
_atom_site.B_iso_or_equiv 
_atom_site.pdbx_formal_charge 
_atom_site.auth_seq_id 
_atom_site.auth_comp_id 
_atom_site.auth_asym_id 
_atom_site.auth_atom_id 
_atom_site.pdbx_PDB_model_num 
ATOM   1    N  N   . SER A 1 7   ? 7.943   4.929   5.281   1.00 22.86  ? 7   SER A N   1 
ATOM   2    C  CA  . SER A 1 7   ? 8.307   3.514   5.054   1.00 21.31  ? 7   SER A CA  1 
ATOM   3    C  C   . SER A 1 7   ? 7.198   2.618   5.590   1.00 21.36  ? 7   SER A C   1 
ATOM   4    O  O   . SER A 1 7   ? 6.268   3.144   6.256   1.00 22.24  ? 7   SER A O   1 
ATOM   5    C  CB  . SER A 1 7   ? 9.609   3.174   5.733   1.00 21.85  ? 7   SER A CB  1 
ATOM   6    O  OG  . SER A 1 7   ? 9.521   3.523   7.104   1.00 22.70  ? 7   SER A OG  1 
ATOM   7    N  N   . GLY A 1 8   ? 7.323   1.318   5.355   1.00 19.16  ? 8   GLY A N   1 
ATOM   8    C  CA  . GLY A 1 8   ? 6.377   0.321   5.858   1.00 17.43  ? 8   GLY A CA  1 
ATOM   9    C  C   . GLY A 1 8   ? 6.170   -0.801  4.880   1.00 16.28  ? 8   GLY A C   1 
ATOM   10   O  O   . GLY A 1 8   ? 6.270   -0.589  3.658   1.00 16.18  ? 8   GLY A O   1 
ATOM   11   N  N   . ALA A 1 9   ? 5.846   -1.963  5.402   1.00 16.07  ? 9   ALA A N   1 
ATOM   12   C  CA  . ALA A 1 9   ? 5.565   -3.157  4.588   1.00 15.19  ? 9   ALA A CA  1 
ATOM   13   C  C   . ALA A 1 9   ? 4.406   -3.960  5.169   1.00 16.15  ? 9   ALA A C   1 
ATOM   14   O  O   . ALA A 1 9   ? 4.108   -3.830  6.394   1.00 18.33  ? 9   ALA A O   1 
ATOM   15   C  CB  . ALA A 1 9   ? 6.813   -4.008  4.525   1.00 15.31  ? 9   ALA A CB  1 
ATOM   16   N  N   . ILE A 1 10  ? 3.834   -4.815  4.340   1.00 17.27  ? 10  ILE A N   1 
ATOM   17   C  CA  . ILE A 1 10  ? 2.897   -5.881  4.776   1.00 18.20  ? 10  ILE A CA  1 
ATOM   18   C  C   . ILE A 1 10  ? 3.740   -7.144  4.838   1.00 19.65  ? 10  ILE A C   1 
ATOM   19   O  O   . ILE A 1 10  ? 4.433   -7.439  3.830   1.00 21.56  ? 10  ILE A O   1 
ATOM   20   C  CB  . ILE A 1 10  ? 1.692   -6.039  3.824   1.00 16.54  ? 10  ILE A CB  1 
ATOM   21   C  CG1 . ILE A 1 10  ? 0.971   -4.706  3.573   1.00 16.06  ? 10  ILE A CG1 1 
ATOM   22   C  CG2 . ILE A 1 10  ? 0.724   -7.082  4.333   1.00 16.33  ? 10  ILE A CG2 1 
ATOM   23   C  CD1 . ILE A 1 10  ? 0.003   -4.754  2.420   1.00 15.87  ? 10  ILE A CD1 1 
ATOM   24   N  N   . TYR A 1 11  ? 3.686   -7.846  5.972   1.00 24.21  ? 11  TYR A N   1 
ATOM   25   C  CA  . TYR A 1 11  ? 4.340   -9.161  6.197   1.00 26.47  ? 11  TYR A CA  1 
ATOM   26   C  C   . TYR A 1 11  ? 3.218   -10.179 6.312   1.00 29.95  ? 11  TYR A C   1 
ATOM   27   O  O   . TYR A 1 11  ? 2.662   -10.355 7.434   1.00 27.43  ? 11  TYR A O   1 
ATOM   28   C  CB  . TYR A 1 11  ? 5.254   -9.076  7.416   1.00 25.87  ? 11  TYR A CB  1 
ATOM   29   C  CG  . TYR A 1 11  ? 6.406   -8.138  7.196   1.00 23.67  ? 11  TYR A CG  1 
ATOM   30   C  CD1 . TYR A 1 11  ? 7.468   -8.513  6.382   1.00 24.59  ? 11  TYR A CD1 1 
ATOM   31   C  CD2 . TYR A 1 11  ? 6.446   -6.891  7.786   1.00 24.99  ? 11  TYR A CD2 1 
ATOM   32   C  CE1 . TYR A 1 11  ? 8.519   -7.655  6.132   1.00 22.32  ? 11  TYR A CE1 1 
ATOM   33   C  CE2 . TYR A 1 11  ? 7.495   -6.018  7.552   1.00 24.90  ? 11  TYR A CE2 1 
ATOM   34   C  CZ  . TYR A 1 11  ? 8.546   -6.415  6.729   1.00 23.64  ? 11  TYR A CZ  1 
ATOM   35   O  OH  . TYR A 1 11  ? 9.576   -5.570  6.527   1.00 24.88  ? 11  TYR A OH  1 
ATOM   36   N  N   . VAL A 1 12  ? 2.861   -10.779 5.175   0.50 28.83  ? 12  VAL A N   1 
ATOM   37   C  CA  . VAL A 1 12  ? 1.825   -11.843 5.034   0.50 30.43  ? 12  VAL A CA  1 
ATOM   38   C  C   . VAL A 1 12  ? 2.555   -13.138 4.679   0.50 31.25  ? 12  VAL A C   1 
ATOM   39   O  O   . VAL A 1 12  ? 3.216   -13.170 3.625   0.50 30.80  ? 12  VAL A O   1 
ATOM   40   C  CB  . VAL A 1 12  ? 0.770   -11.471 3.973   0.50 30.25  ? 12  VAL A CB  1 
ATOM   41   C  CG1 . VAL A 1 12  ? 1.392   -10.794 2.764   0.50 29.93  ? 12  VAL A CG1 1 
ATOM   42   C  CG2 . VAL A 1 12  ? -0.059  -12.672 3.546   0.50 30.60  ? 12  VAL A CG2 1 
ATOM   43   N  N   . GLY A 1 13  ? 2.463   -14.151 5.548   0.50 31.77  ? 13  GLY A N   1 
ATOM   44   C  CA  . GLY A 1 13  ? 3.183   -15.427 5.381   0.50 31.78  ? 13  GLY A CA  1 
ATOM   45   C  C   . GLY A 1 13  ? 4.673   -15.188 5.222   0.50 31.32  ? 13  GLY A C   1 
ATOM   46   O  O   . GLY A 1 13  ? 5.282   -14.641 6.165   0.50 31.11  ? 13  GLY A O   1 
ATOM   47   N  N   . ASN A 1 14  ? 5.240   -15.567 4.075   0.50 31.90  ? 14  ASN A N   1 
ATOM   48   C  CA  . ASN A 1 14  ? 6.695   -15.445 3.785   0.50 32.59  ? 14  ASN A CA  1 
ATOM   49   C  C   . ASN A 1 14  ? 6.907   -14.383 2.705   0.50 31.76  ? 14  ASN A C   1 
ATOM   50   O  O   . ASN A 1 14  ? 7.979   -14.402 2.066   0.50 30.05  ? 14  ASN A O   1 
ATOM   51   C  CB  . ASN A 1 14  ? 7.309   -16.781 3.361   0.50 33.98  ? 14  ASN A CB  1 
ATOM   52   C  CG  . ASN A 1 14  ? 7.463   -17.741 4.520   0.50 34.85  ? 14  ASN A CG  1 
ATOM   53   O  OD1 . ASN A 1 14  ? 8.363   -17.585 5.343   0.50 35.58  ? 14  ASN A OD1 1 
ATOM   54   N  ND2 . ASN A 1 14  ? 6.584   -18.726 4.594   0.50 35.22  ? 14  ASN A ND2 1 
ATOM   55   N  N   . TYR A 1 15  ? 5.916   -13.506 2.511   0.50 31.17  ? 15  TYR A N   1 
ATOM   56   C  CA  . TYR A 1 15  ? 5.962   -12.398 1.522   0.50 30.16  ? 15  TYR A CA  1 
ATOM   57   C  C   . TYR A 1 15  ? 6.107   -11.064 2.244   0.50 27.88  ? 15  TYR A C   1 
ATOM   58   O  O   . TYR A 1 15  ? 5.669   -10.900 3.400   0.50 28.40  ? 15  TYR A O   1 
ATOM   59   C  CB  . TYR A 1 15  ? 4.710   -12.340 0.646   0.50 31.42  ? 15  TYR A CB  1 
ATOM   60   C  CG  . TYR A 1 15  ? 4.429   -13.590 -0.139  0.50 33.03  ? 15  TYR A CG  1 
ATOM   61   C  CD1 . TYR A 1 15  ? 5.248   -13.975 -1.186  0.50 33.90  ? 15  TYR A CD1 1 
ATOM   62   C  CD2 . TYR A 1 15  ? 3.341   -14.389 0.164   0.50 34.06  ? 15  TYR A CD2 1 
ATOM   63   C  CE1 . TYR A 1 15  ? 4.995   -15.124 -1.914  0.50 35.03  ? 15  TYR A CE1 1 
ATOM   64   C  CE2 . TYR A 1 15  ? 3.071   -15.540 -0.557  0.50 34.95  ? 15  TYR A CE2 1 
ATOM   65   C  CZ  . TYR A 1 15  ? 3.903   -15.911 -1.598  0.50 35.32  ? 15  TYR A CZ  1 
ATOM   66   O  OH  . TYR A 1 15  ? 3.656   -17.041 -2.318  0.50 36.84  ? 15  TYR A OH  1 
ATOM   67   N  N   . ARG A 1 16  ? 6.721   -10.125 1.537   0.50 24.75  ? 16  ARG A N   1 
ATOM   68   C  CA  . ARG A 1 16  ? 6.910   -8.732  1.983   0.50 22.13  ? 16  ARG A CA  1 
ATOM   69   C  C   . ARG A 1 16  ? 6.344   -7.834  0.887   0.50 19.79  ? 16  ARG A C   1 
ATOM   70   O  O   . ARG A 1 16  ? 6.842   -7.926  -0.243  0.50 19.29  ? 16  ARG A O   1 
ATOM   71   C  CB  . ARG A 1 16  ? 8.393   -8.463  2.229   0.50 22.14  ? 16  ARG A CB  1 
ATOM   72   C  CG  . ARG A 1 16  ? 8.736   -6.993  2.384   0.50 21.81  ? 16  ARG A CG  1 
ATOM   73   C  CD  . ARG A 1 16  ? 10.169  -6.859  2.850   0.50 21.78  ? 16  ARG A CD  1 
ATOM   74   N  NE  . ARG A 1 16  ? 10.840  -5.716  2.262   0.50 20.85  ? 16  ARG A NE  1 
ATOM   75   C  CZ  . ARG A 1 16  ? 10.958  -4.531  2.839   0.50 21.52  ? 16  ARG A CZ  1 
ATOM   76   N  NH1 . ARG A 1 16  ? 10.429  -4.312  4.034   0.50 21.88  ? 16  ARG A NH1 1 
ATOM   77   N  NH2 . ARG A 1 16  ? 11.592  -3.558  2.214   0.50 21.58  ? 16  ARG A NH2 1 
ATOM   78   N  N   . VAL A 1 17  ? 5.319   -7.040  1.208   1.00 17.51  ? 17  VAL A N   1 
ATOM   79   C  CA  . VAL A 1 17  ? 4.652   -6.151  0.224   1.00 14.47  ? 17  VAL A CA  1 
ATOM   80   C  C   . VAL A 1 17  ? 5.098   -4.747  0.565   1.00 13.04  ? 17  VAL A C   1 
ATOM   81   O  O   . VAL A 1 17  ? 4.865   -4.286  1.696   1.00 13.37  ? 17  VAL A O   1 
ATOM   82   C  CB  . VAL A 1 17  ? 3.125   -6.240  0.265   1.00 14.19  ? 17  VAL A CB  1 
ATOM   83   C  CG1 . VAL A 1 17  ? 2.524   -5.441  -0.856  1.00 14.52  ? 17  VAL A CG1 1 
ATOM   84   C  CG2 . VAL A 1 17  ? 2.664   -7.686  0.205   1.00 13.94  ? 17  VAL A CG2 1 
ATOM   85   N  N   . VAL A 1 18  ? 5.718   -4.087  -0.407  1.00 11.87  ? 18  VAL A N   1 
ATOM   86   C  CA  . VAL A 1 18  ? 6.287   -2.745  -0.188  1.00 11.76  ? 18  VAL A CA  1 
ATOM   87   C  C   . VAL A 1 18  ? 5.875   -1.865  -1.348  1.00 11.16  ? 18  VAL A C   1 
ATOM   88   O  O   . VAL A 1 18  ? 5.546   -2.364  -2.411  1.00 13.62  ? 18  VAL A O   1 
ATOM   89   C  CB  . VAL A 1 18  ? 7.814   -2.707  -0.066  1.00 11.80  ? 18  VAL A CB  1 
ATOM   90   C  CG1 . VAL A 1 18  ? 8.254   -3.269  1.276   1.00 13.31  ? 18  VAL A CG1 1 
ATOM   91   C  CG2 . VAL A 1 18  ? 8.494   -3.383  -1.261  1.00 12.38  ? 18  VAL A CG2 1 
ATOM   92   N  N   . ASN A 1 19  ? 6.015   -0.581  -1.126  1.00 10.81  ? 19  ASN A N   1 
ATOM   93   C  CA  . ASN A 1 19  ? 5.939   0.361   -2.258  1.00 10.89  ? 19  ASN A CA  1 
ATOM   94   C  C   . ASN A 1 19  ? 7.078   0.073   -3.238  1.00 11.32  ? 19  ASN A C   1 
ATOM   95   O  O   . ASN A 1 19  ? 8.223   -0.020  -2.805  1.00 11.55  ? 19  ASN A O   1 
ATOM   96   C  CB  . ASN A 1 19  ? 6.096   1.798   -1.777  1.00 11.25  ? 19  ASN A CB  1 
ATOM   97   C  CG  . ASN A 1 19  ? 4.999   2.229   -0.826  1.00 10.83  ? 19  ASN A CG  1 
ATOM   98   O  OD1 . ASN A 1 19  ? 5.130   2.115   0.388   1.00 11.10  ? 19  ASN A OD1 1 
ATOM   99   N  ND2 . ASN A 1 19  ? 3.932   2.723   -1.387  1.00 11.65  ? 19  ASN A ND2 1 
ATOM   100  N  N   . ARG A 1 20  ? 6.758   -0.102  -4.510  1.00 12.55  ? 20  ARG A N   1 
ATOM   101  C  CA  . ARG A 1 20  ? 7.811   -0.348  -5.528  1.00 12.40  ? 20  ARG A CA  1 
ATOM   102  C  C   . ARG A 1 20  ? 8.927   0.703   -5.375  1.00 14.62  ? 20  ARG A C   1 
ATOM   103  O  O   . ARG A 1 20  ? 10.121  0.330   -5.397  1.00 13.22  ? 20  ARG A O   1 
ATOM   104  C  CB  . ARG A 1 20  ? 7.222   -0.346  -6.930  1.00 13.49  ? 20  ARG A CB  1 
ATOM   105  C  CG  . ARG A 1 20  ? 8.150   -0.953  -7.988  1.00 14.72  ? 20  ARG A CG  1 
ATOM   106  C  CD  . ARG A 1 20  ? 7.563   -0.828  -9.375  1.00 16.76  ? 20  ARG A CD  1 
ATOM   107  N  NE  . ARG A 1 20  ? 8.443   -1.243  -10.490 1.00 18.40  ? 20  ARG A NE  1 
ATOM   108  C  CZ  . ARG A 1 20  ? 9.419   -0.491  -11.035 1.00 18.29  ? 20  ARG A CZ  1 
ATOM   109  N  NH1 . ARG A 1 20  ? 9.778   0.675   -10.520 1.00 20.15  ? 20  ARG A NH1 1 
ATOM   110  N  NH2 . ARG A 1 20  ? 10.107  -0.950  -12.075 1.00 20.90  ? 20  ARG A NH2 1 
ATOM   111  N  N   . HIS A 1 21  ? 8.593   1.975   -5.137  1.00 14.92  ? 21  HIS A N   1 
ATOM   112  C  CA  . HIS A 1 21  ? 9.627   3.037   -5.133  1.00 16.06  ? 21  HIS A CA  1 
ATOM   113  C  C   . HIS A 1 21  ? 10.541  2.968   -3.914  1.00 15.67  ? 21  HIS A C   1 
ATOM   114  O  O   . HIS A 1 21  ? 11.557  3.675   -3.965  1.00 18.64  ? 21  HIS A O   1 
ATOM   115  C  CB  . HIS A 1 21  ? 9.029   4.442   -5.304  1.00 16.42  ? 21  HIS A CB  1 
ATOM   116  C  CG  . HIS A 1 21  ? 8.262   4.948   -4.141  1.00 17.89  ? 21  HIS A CG  1 
ATOM   117  N  ND1 . HIS A 1 21  ? 6.910   4.700   -3.997  1.00 18.36  ? 21  HIS A ND1 1 
ATOM   118  C  CD2 . HIS A 1 21  ? 8.646   5.698   -3.097  1.00 18.47  ? 21  HIS A CD2 1 
ATOM   119  C  CE1 . HIS A 1 21  ? 6.509   5.291   -2.892  1.00 18.94  ? 21  HIS A CE1 1 
ATOM   120  N  NE2 . HIS A 1 21  ? 7.541   5.914   -2.332  1.00 19.78  ? 21  HIS A NE2 1 
ATOM   121  N  N   . LEU A 1 22  ? 10.208  2.212   -2.867  1.00 13.09  ? 22  LEU A N   1 
ATOM   122  C  CA  . LEU A 1 22  ? 11.004  2.017   -1.624  1.00 14.85  ? 22  LEU A CA  1 
ATOM   123  C  C   . LEU A 1 22  ? 11.609  0.617   -1.569  1.00 13.97  ? 22  LEU A C   1 
ATOM   124  O  O   . LEU A 1 22  ? 12.265  0.284   -0.521  1.00 16.39  ? 22  LEU A O   1 
ATOM   125  C  CB  . LEU A 1 22  ? 10.100  2.275   -0.412  1.00 16.12  ? 22  LEU A CB  1 
ATOM   126  C  CG  . LEU A 1 22  ? 9.550   3.692   -0.354  1.00 17.07  ? 22  LEU A CG  1 
ATOM   127  C  CD1 . LEU A 1 22  ? 8.694   3.910   0.891   1.00 17.72  ? 22  LEU A CD1 1 
ATOM   128  C  CD2 . LEU A 1 22  ? 10.710  4.704   -0.342  1.00 17.48  ? 22  LEU A CD2 1 
ATOM   129  N  N   . ALA A 1 23  ? 11.416  -0.199  -2.603  1.00 14.27  ? 23  ALA A N   1 
ATOM   130  C  CA  . ALA A 1 23  ? 11.963  -1.566  -2.610  1.00 12.96  ? 23  ALA A CA  1 
ATOM   131  C  C   . ALA A 1 23  ? 13.490  -1.495  -2.540  1.00 15.55  ? 23  ALA A C   1 
ATOM   132  O  O   . ALA A 1 23  ? 14.057  -0.575  -3.136  1.00 14.33  ? 23  ALA A O   1 
ATOM   133  C  CB  . ALA A 1 23  ? 11.501  -2.315  -3.832  1.00 12.15  ? 23  ALA A CB  1 
ATOM   134  N  N   . THR A 1 24  ? 14.066  -2.391  -1.749  1.00 15.92  ? 24  THR A N   1 
ATOM   135  C  CA  . THR A 1 24  ? 15.526  -2.478  -1.500  1.00 18.26  ? 24  THR A CA  1 
ATOM   136  C  C   . THR A 1 24  ? 16.179  -3.351  -2.567  1.00 18.47  ? 24  THR A C   1 
ATOM   137  O  O   . THR A 1 24  ? 15.467  -4.101  -3.272  1.00 15.75  ? 24  THR A O   1 
ATOM   138  C  CB  . THR A 1 24  ? 15.793  -3.064  -0.107  1.00 18.11  ? 24  THR A CB  1 
ATOM   139  O  OG1 . THR A 1 24  ? 15.312  -4.401  -0.098  1.00 20.53  ? 24  THR A OG1 1 
ATOM   140  C  CG2 . THR A 1 24  ? 15.138  -2.262  0.993   1.00 19.07  ? 24  THR A CG2 1 
ATOM   141  N  N   . HIS A 1 25  ? 17.511  -3.351  -2.637  1.00 19.70  ? 25  HIS A N   1 
ATOM   142  C  CA  . HIS A 1 25  ? 18.226  -4.347  -3.478  1.00 21.37  ? 25  HIS A CA  1 
ATOM   143  C  C   . HIS A 1 25  ? 17.795  -5.755  -3.066  1.00 19.59  ? 25  HIS A C   1 
ATOM   144  O  O   . HIS A 1 25  ? 17.527  -6.574  -3.981  1.00 19.99  ? 25  HIS A O   1 
ATOM   145  C  CB  . HIS A 1 25  ? 19.755  -4.213  -3.413  1.00 21.99  ? 25  HIS A CB  1 
ATOM   146  C  CG  . HIS A 1 25  ? 20.431  -5.448  -3.927  1.00 24.54  ? 25  HIS A CG  1 
ATOM   147  N  ND1 . HIS A 1 25  ? 20.543  -5.719  -5.279  1.00 23.20  ? 25  HIS A ND1 1 
ATOM   148  C  CD2 . HIS A 1 25  ? 20.961  -6.521  -3.288  1.00 24.87  ? 25  HIS A CD2 1 
ATOM   149  C  CE1 . HIS A 1 25  ? 21.142  -6.882  -5.445  1.00 25.69  ? 25  HIS A CE1 1 
ATOM   150  N  NE2 . HIS A 1 25  ? 21.430  -7.394  -4.244  1.00 23.85  ? 25  HIS A NE2 1 
ATOM   151  N  N   . ASN A 1 26  ? 17.704  -6.036  -1.757  1.00 19.37  ? 26  ASN A N   1 
ATOM   152  C  CA  . ASN A 1 26  ? 17.285  -7.380  -1.284  1.00 22.01  ? 26  ASN A CA  1 
ATOM   153  C  C   . ASN A 1 26  ? 15.892  -7.730  -1.849  1.00 18.85  ? 26  ASN A C   1 
ATOM   154  O  O   . ASN A 1 26  ? 15.631  -8.877  -2.285  1.00 16.88  ? 26  ASN A O   1 
ATOM   155  C  CB  . ASN A 1 26  ? 17.299  -7.480  0.240   1.00 25.62  ? 26  ASN A CB  1 
ATOM   156  C  CG  . ASN A 1 26  ? 16.986  -8.891  0.699   1.00 29.74  ? 26  ASN A CG  1 
ATOM   157  O  OD1 . ASN A 1 26  ? 17.837  -9.787  0.616   1.00 34.05  ? 26  ASN A OD1 1 
ATOM   158  N  ND2 . ASN A 1 26  ? 15.751  -9.130  1.110   1.00 30.05  ? 26  ASN A ND2 1 
ATOM   159  N  N   . ASP A 1 27  ? 14.975  -6.763  -1.867  1.00 17.14  ? 27  ASP A N   1 
ATOM   160  C  CA  . ASP A 1 27  ? 13.616  -6.997  -2.403  1.00 15.94  ? 27  ASP A CA  1 
ATOM   161  C  C   . ASP A 1 27  ? 13.713  -7.410  -3.873  1.00 14.74  ? 27  ASP A C   1 
ATOM   162  O  O   . ASP A 1 27  ? 13.019  -8.377  -4.301  1.00 13.77  ? 27  ASP A O   1 
ATOM   163  C  CB  . ASP A 1 27  ? 12.719  -5.761  -2.302  1.00 15.97  ? 27  ASP A CB  1 
ATOM   164  C  CG  . ASP A 1 27  ? 12.273  -5.425  -0.902  1.00 16.26  ? 27  ASP A CG  1 
ATOM   165  O  OD1 . ASP A 1 27  ? 11.956  -6.368  -0.159  1.00 18.53  ? 27  ASP A OD1 1 
ATOM   166  O  OD2 . ASP A 1 27  ? 12.266  -4.256  -0.565  1.00 18.03  ? 27  ASP A OD2 1 
ATOM   167  N  N   . TRP A 1 28  ? 14.504  -6.668  -4.663  1.00 15.62  ? 28  TRP A N   1 
ATOM   168  C  CA  . TRP A 1 28  ? 14.648  -6.924  -6.119  1.00 15.56  ? 28  TRP A CA  1 
ATOM   169  C  C   . TRP A 1 28  ? 15.375  -8.260  -6.360  1.00 15.06  ? 28  TRP A C   1 
ATOM   170  O  O   . TRP A 1 28  ? 15.000  -8.957  -7.299  1.00 15.97  ? 28  TRP A O   1 
ATOM   171  C  CB  . TRP A 1 28  ? 15.379  -5.757  -6.779  1.00 14.22  ? 28  TRP A CB  1 
ATOM   172  C  CG  . TRP A 1 28  ? 14.492  -4.588  -7.099  1.00 13.70  ? 28  TRP A CG  1 
ATOM   173  C  CD1 . TRP A 1 28  ? 14.400  -3.398  -6.433  1.00 14.48  ? 28  TRP A CD1 1 
ATOM   174  C  CD2 . TRP A 1 28  ? 13.532  -4.517  -8.162  1.00 14.39  ? 28  TRP A CD2 1 
ATOM   175  N  NE1 . TRP A 1 28  ? 13.506  -2.566  -7.057  1.00 13.90  ? 28  TRP A NE1 1 
ATOM   176  C  CE2 . TRP A 1 28  ? 12.943  -3.238  -8.108  1.00 13.10  ? 28  TRP A CE2 1 
ATOM   177  C  CE3 . TRP A 1 28  ? 13.168  -5.381  -9.189  1.00 14.07  ? 28  TRP A CE3 1 
ATOM   178  C  CZ2 . TRP A 1 28  ? 12.007  -2.817  -9.054  1.00 14.05  ? 28  TRP A CZ2 1 
ATOM   179  C  CZ3 . TRP A 1 28  ? 12.206  -4.986  -10.076 1.00 16.39  ? 28  TRP A CZ3 1 
ATOM   180  C  CH2 . TRP A 1 28  ? 11.631  -3.718  -10.013 1.00 14.95  ? 28  TRP A CH2 1 
ATOM   181  N  N   . ALA A 1 29  ? 16.272  -8.646  -5.444  1.00 18.00  ? 29  ALA A N   1 
ATOM   182  C  CA  . ALA A 1 29  ? 17.079  -9.892  -5.514  1.00 20.17  ? 29  ALA A CA  1 
ATOM   183  C  C   . ALA A 1 29  ? 16.241  -11.106 -5.103  1.00 24.34  ? 29  ALA A C   1 
ATOM   184  O  O   . ALA A 1 29  ? 16.622  -12.252 -5.386  1.00 25.03  ? 29  ALA A O   1 
ATOM   185  C  CB  . ALA A 1 29  ? 18.290  -9.736  -4.634  1.00 20.19  ? 29  ALA A CB  1 
ATOM   186  N  N   . ASN A 1 30  ? 15.115  -10.853 -4.430  0.50 25.18  ? 30  ASN A N   1 
ATOM   187  C  CA  . ASN A 1 30  ? 14.179  -11.898 -3.939  0.50 26.07  ? 30  ASN A CA  1 
ATOM   188  C  C   . ASN A 1 30  ? 12.775  -11.551 -4.446  0.50 26.19  ? 30  ASN A C   1 
ATOM   189  O  O   . ASN A 1 30  ? 11.808  -11.730 -3.675  0.50 28.13  ? 30  ASN A O   1 
ATOM   190  C  CB  . ASN A 1 30  ? 14.249  -12.019 -2.414  0.50 26.98  ? 30  ASN A CB  1 
ATOM   191  C  CG  . ASN A 1 30  ? 15.611  -12.455 -1.912  0.50 27.95  ? 30  ASN A CG  1 
ATOM   192  O  OD1 . ASN A 1 30  ? 15.901  -13.647 -1.830  0.50 29.03  ? 30  ASN A OD1 1 
ATOM   193  N  ND2 . ASN A 1 30  ? 16.451  -11.498 -1.553  0.50 28.62  ? 30  ASN A ND2 1 
ATOM   194  N  N   . LEU A 1 31  ? 12.686  -11.088 -5.699  1.00 25.38  ? 31  LEU A N   1 
ATOM   195  C  CA  . LEU A 1 31  ? 11.447  -10.547 -6.301  1.00 24.69  ? 31  LEU A CA  1 
ATOM   196  C  C   . LEU A 1 31  ? 10.444  -11.667 -6.554  1.00 25.67  ? 31  LEU A C   1 
ATOM   197  O  O   . LEU A 1 31  ? 10.796  -12.710 -7.185  1.00 27.36  ? 31  LEU A O   1 
ATOM   198  C  CB  . LEU A 1 31  ? 11.753  -9.863  -7.631  1.00 22.03  ? 31  LEU A CB  1 
ATOM   199  C  CG  . LEU A 1 31  ? 10.538  -9.261  -8.345  1.00 22.11  ? 31  LEU A CG  1 
ATOM   200  C  CD1 . LEU A 1 31  ? 9.887   -8.194  -7.483  1.00 21.43  ? 31  LEU A CD1 1 
ATOM   201  C  CD2 . LEU A 1 31  ? 10.907  -8.678  -9.689  1.00 22.94  ? 31  LEU A CD2 1 
ATOM   202  N  N   . VAL A 1 32  ? 9.212   -11.462 -6.081  0.50 25.14  ? 32  VAL A N   1 
ATOM   203  C  CA  . VAL A 1 32  ? 8.049   -12.352 -6.352  0.50 24.94  ? 32  VAL A CA  1 
ATOM   204  C  C   . VAL A 1 32  ? 7.199   -11.718 -7.461  0.50 24.33  ? 32  VAL A C   1 
ATOM   205  O  O   . VAL A 1 32  ? 6.836   -12.442 -8.399  0.50 26.17  ? 32  VAL A O   1 
ATOM   206  C  CB  . VAL A 1 32  ? 7.245   -12.612 -5.066  0.50 25.10  ? 32  VAL A CB  1 
ATOM   207  C  CG1 . VAL A 1 32  ? 6.009   -13.453 -5.338  0.50 24.94  ? 32  VAL A CG1 1 
ATOM   208  C  CG2 . VAL A 1 32  ? 8.114   -13.246 -3.989  0.50 25.17  ? 32  VAL A CG2 1 
ATOM   209  N  N   . TRP A 1 33  ? 6.916   -10.413 -7.373  1.00 23.14  ? 33  TRP A N   1 
ATOM   210  C  CA  . TRP A 1 33  ? 6.040   -9.708  -8.350  1.00 23.01  ? 33  TRP A CA  1 
ATOM   211  C  C   . TRP A 1 33  ? 6.164   -8.188  -8.161  1.00 19.23  ? 33  TRP A C   1 
ATOM   212  O  O   . TRP A 1 33  ? 6.332   -7.801  -7.019  1.00 16.56  ? 33  TRP A O   1 
ATOM   213  C  CB  . TRP A 1 33  ? 4.584   -10.198 -8.179  1.00 24.45  ? 33  TRP A CB  1 
ATOM   214  C  CG  . TRP A 1 33  ? 3.550   -9.354  -8.860  1.00 24.75  ? 33  TRP A CG  1 
ATOM   215  C  CD1 . TRP A 1 33  ? 3.142   -9.424  -10.162 1.00 26.82  ? 33  TRP A CD1 1 
ATOM   216  C  CD2 . TRP A 1 33  ? 2.786   -8.278  -8.270  1.00 24.43  ? 33  TRP A CD2 1 
ATOM   217  N  NE1 . TRP A 1 33  ? 2.187   -8.473  -10.425 1.00 26.30  ? 33  TRP A NE1 1 
ATOM   218  C  CE2 . TRP A 1 33  ? 1.959   -7.747  -9.282  1.00 24.38  ? 33  TRP A CE2 1 
ATOM   219  C  CE3 . TRP A 1 33  ? 2.749   -7.700  -7.002  1.00 24.49  ? 33  TRP A CE3 1 
ATOM   220  C  CZ2 . TRP A 1 33  ? 1.071   -6.698  -9.045  1.00 26.83  ? 33  TRP A CZ2 1 
ATOM   221  C  CZ3 . TRP A 1 33  ? 1.866   -6.664  -6.763  1.00 25.82  ? 33  TRP A CZ3 1 
ATOM   222  C  CH2 . TRP A 1 33  ? 1.050   -6.168  -7.775  1.00 25.79  ? 33  TRP A CH2 1 
ATOM   223  N  N   . GLU A 1 34  ? 6.033   -7.387  -9.225  1.00 18.63  ? 34  GLU A N   1 
ATOM   224  C  CA  . GLU A 1 34  ? 6.168   -5.905  -9.163  1.00 20.99  ? 34  GLU A CA  1 
ATOM   225  C  C   . GLU A 1 34  ? 5.346   -5.259  -10.274 1.00 22.27  ? 34  GLU A C   1 
ATOM   226  O  O   . GLU A 1 34  ? 5.215   -5.863  -11.376 1.00 26.44  ? 34  GLU A O   1 
ATOM   227  C  CB  . GLU A 1 34  ? 7.623   -5.435  -9.167  1.00 20.27  ? 34  GLU A CB  1 
ATOM   228  C  CG  . GLU A 1 34  ? 8.401   -5.797  -10.430 1.00 20.57  ? 34  GLU A CG  1 
ATOM   229  C  CD  . GLU A 1 34  ? 8.142   -4.992  -11.691 1.00 21.61  ? 34  GLU A CD  1 
ATOM   230  O  OE1 . GLU A 1 34  ? 8.388   -5.566  -12.797 1.00 25.10  ? 34  GLU A OE1 1 
ATOM   231  O  OE2 . GLU A 1 34  ? 7.749   -3.816  -11.599 1.00 22.70  ? 34  GLU A OE2 1 
ATOM   232  N  N   . ASP A 1 35  ? 4.783   -4.083  -9.999  1.00 22.89  ? 35  ASP A N   1 
ATOM   233  C  CA  . ASP A 1 35  ? 3.906   -3.351  -10.947 1.00 24.00  ? 35  ASP A CA  1 
ATOM   234  C  C   . ASP A 1 35  ? 4.081   -1.865  -10.678 1.00 24.73  ? 35  ASP A C   1 
ATOM   235  O  O   . ASP A 1 35  ? 3.608   -1.390  -9.637  1.00 22.68  ? 35  ASP A O   1 
ATOM   236  C  CB  . ASP A 1 35  ? 2.489   -3.895  -10.756 1.00 27.18  ? 35  ASP A CB  1 
ATOM   237  C  CG  . ASP A 1 35  ? 1.432   -3.424  -11.731 1.00 28.19  ? 35  ASP A CG  1 
ATOM   238  O  OD1 . ASP A 1 35  ? 1.486   -2.250  -12.139 1.00 32.76  ? 35  ASP A OD1 1 
ATOM   239  O  OD2 . ASP A 1 35  ? 0.525   -4.246  -12.012 1.00 33.23  ? 35  ASP A OD2 1 
ATOM   240  N  N   A SER A 1 36  ? 4.770   -1.153  -11.575 0.25 24.17  ? 36  SER A N   1 
ATOM   241  N  N   B SER A 1 36  ? 4.769   -1.154  -11.578 0.25 24.96  ? 36  SER A N   1 
ATOM   242  C  CA  A SER A 1 36  ? 5.017   0.311   -11.486 0.25 24.30  ? 36  SER A CA  1 
ATOM   243  C  CA  B SER A 1 36  ? 5.021   0.307   -11.489 0.25 25.62  ? 36  SER A CA  1 
ATOM   244  C  C   A SER A 1 36  ? 3.682   1.067   -11.477 0.25 25.13  ? 36  SER A C   1 
ATOM   245  C  C   B SER A 1 36  ? 3.692   1.075   -11.494 0.25 25.94  ? 36  SER A C   1 
ATOM   246  O  O   A SER A 1 36  ? 3.587   2.067   -10.748 0.25 25.29  ? 36  SER A O   1 
ATOM   247  O  O   B SER A 1 36  ? 3.608   2.093   -10.787 0.25 26.12  ? 36  SER A O   1 
ATOM   248  C  CB  A SER A 1 36  ? 5.910   0.799   -12.599 0.25 23.65  ? 36  SER A CB  1 
ATOM   249  C  CB  B SER A 1 36  ? 5.939   0.780   -12.591 0.25 25.80  ? 36  SER A CB  1 
ATOM   250  O  OG  A SER A 1 36  ? 6.208   2.181   -12.437 0.25 22.65  ? 36  SER A OG  1 
ATOM   251  O  OG  B SER A 1 36  ? 5.604   0.177   -13.832 0.25 26.65  ? 36  SER A OG  1 
ATOM   252  N  N   . SER A 1 37  ? 2.697   0.594   -12.250 1.00 26.26  ? 37  SER A N   1 
ATOM   253  C  CA  . SER A 1 37  ? 1.375   1.271   -12.392 1.00 29.44  ? 37  SER A CA  1 
ATOM   254  C  C   . SER A 1 37  ? 0.636   1.244   -11.047 1.00 29.96  ? 37  SER A C   1 
ATOM   255  O  O   . SER A 1 37  ? -0.093  2.203   -10.786 1.00 32.53  ? 37  SER A O   1 
ATOM   256  C  CB  . SER A 1 37  ? 0.519   0.700   -13.510 1.00 29.78  ? 37  SER A CB  1 
ATOM   257  O  OG  . SER A 1 37  ? -0.056  -0.557  -13.173 1.00 34.15  ? 37  SER A OG  1 
ATOM   258  N  N   . ARG A 1 38  ? 0.885   0.235   -10.202 1.00 27.68  ? 38  ARG A N   1 
ATOM   259  C  CA  . ARG A 1 38  ? 0.284   0.117   -8.833  1.00 22.90  ? 38  ARG A CA  1 
ATOM   260  C  C   . ARG A 1 38  ? 1.227   0.639   -7.728  1.00 21.24  ? 38  ARG A C   1 
ATOM   261  O  O   . ARG A 1 38  ? 0.778   0.729   -6.552  1.00 21.80  ? 38  ARG A O   1 
ATOM   262  C  CB  . ARG A 1 38  ? -0.026  -1.348  -8.537  1.00 23.06  ? 38  ARG A CB  1 
ATOM   263  C  CG  . ARG A 1 38  ? -0.932  -2.006  -9.565  1.00 23.47  ? 38  ARG A CG  1 
ATOM   264  C  CD  . ARG A 1 38  ? -1.386  -3.385  -9.176  1.00 23.96  ? 38  ARG A CD  1 
ATOM   265  N  NE  . ARG A 1 38  ? -2.123  -3.494  -7.919  1.00 23.09  ? 38  ARG A NE  1 
ATOM   266  C  CZ  . ARG A 1 38  ? -2.914  -4.521  -7.581  1.00 24.21  ? 38  ARG A CZ  1 
ATOM   267  N  NH1 . ARG A 1 38  ? -3.121  -5.543  -8.402  1.00 25.17  ? 38  ARG A NH1 1 
ATOM   268  N  NH2 . ARG A 1 38  ? -3.569  -4.503  -6.433  1.00 22.47  ? 38  ARG A NH2 1 
ATOM   269  N  N   . ASP A 1 39  ? 2.496   0.914   -8.035  1.00 19.09  ? 39  ASP A N   1 
ATOM   270  C  CA  . ASP A 1 39  ? 3.543   1.251   -7.037  1.00 16.43  ? 39  ASP A CA  1 
ATOM   271  C  C   . ASP A 1 39  ? 3.691   0.104   -6.033  1.00 14.17  ? 39  ASP A C   1 
ATOM   272  O  O   . ASP A 1 39  ? 3.928   0.428   -4.855  1.00 13.57  ? 39  ASP A O   1 
ATOM   273  C  CB  . ASP A 1 39  ? 3.243   2.570   -6.295  1.00 15.92  ? 39  ASP A CB  1 
ATOM   274  C  CG  . ASP A 1 39  ? 4.352   3.008   -5.365  1.00 17.23  ? 39  ASP A CG  1 
ATOM   275  O  OD1 . ASP A 1 39  ? 5.508   2.755   -5.703  1.00 16.34  ? 39  ASP A OD1 1 
ATOM   276  O  OD2 . ASP A 1 39  ? 4.083   3.541   -4.258  1.00 16.10  ? 39  ASP A OD2 1 
ATOM   277  N  N   . LEU A 1 40  ? 3.597   -1.178  -6.462  1.00 13.23  ? 40  LEU A N   1 
ATOM   278  C  CA  . LEU A 1 40  ? 3.722   -2.328  -5.549  1.00 13.44  ? 40  LEU A CA  1 
ATOM   279  C  C   . LEU A 1 40  ? 4.874   -3.227  -5.991  1.00 12.79  ? 40  LEU A C   1 
ATOM   280  O  O   . LEU A 1 40  ? 5.063   -3.496  -7.207  1.00 14.35  ? 40  LEU A O   1 
ATOM   281  C  CB  . LEU A 1 40  ? 2.412   -3.112  -5.498  1.00 13.05  ? 40  LEU A CB  1 
ATOM   282  C  CG  . LEU A 1 40  ? 1.276   -2.490  -4.680  1.00 13.68  ? 40  LEU A CG  1 
ATOM   283  C  CD1 . LEU A 1 40  ? 0.036   -3.370  -4.728  1.00 13.85  ? 40  LEU A CD1 1 
ATOM   284  C  CD2 . LEU A 1 40  ? 1.705   -2.243  -3.230  1.00 13.73  ? 40  LEU A CD2 1 
ATOM   285  N  N   . LEU A 1 41  ? 5.506   -3.798  -4.995  1.00 11.95  ? 41  LEU A N   1 
ATOM   286  C  CA  . LEU A 1 41  ? 6.524   -4.842  -5.215  1.00 12.19  ? 41  LEU A CA  1 
ATOM   287  C  C   . LEU A 1 41  ? 6.403   -5.835  -4.082  1.00 12.43  ? 41  LEU A C   1 
ATOM   288  O  O   . LEU A 1 41  ? 6.218   -5.415  -2.932  1.00 13.10  ? 41  LEU A O   1 
ATOM   289  C  CB  . LEU A 1 41  ? 7.916   -4.213  -5.297  1.00 12.01  ? 41  LEU A CB  1 
ATOM   290  C  CG  . LEU A 1 41  ? 9.044   -5.206  -5.602  1.00 11.75  ? 41  LEU A CG  1 
ATOM   291  C  CD1 . LEU A 1 41  ? 10.180  -4.599  -6.388  1.00 11.61  ? 41  LEU A CD1 1 
ATOM   292  C  CD2 . LEU A 1 41  ? 9.578   -5.819  -4.329  1.00 11.46  ? 41  LEU A CD2 1 
ATOM   293  N  N   . VAL A 1 42  ? 6.464   -7.115  -4.405  1.00 14.32  ? 42  VAL A N   1 
ATOM   294  C  CA  . VAL A 1 42  ? 6.407   -8.198  -3.397  1.00 15.84  ? 42  VAL A CA  1 
ATOM   295  C  C   . VAL A 1 42  ? 7.682   -9.020  -3.505  1.00 17.61  ? 42  VAL A C   1 
ATOM   296  O  O   . VAL A 1 42  ? 8.036   -9.378  -4.637  1.00 17.48  ? 42  VAL A O   1 
ATOM   297  C  CB  . VAL A 1 42  ? 5.171   -9.090  -3.578  1.00 16.58  ? 42  VAL A CB  1 
ATOM   298  C  CG1 . VAL A 1 42  ? 5.174   -10.215 -2.567  1.00 17.40  ? 42  VAL A CG1 1 
ATOM   299  C  CG2 . VAL A 1 42  ? 3.901   -8.243  -3.500  1.00 15.54  ? 42  VAL A CG2 1 
ATOM   300  N  N   . SER A 1 43  ? 8.330   -9.285  -2.363  0.50 18.55  ? 43  SER A N   1 
ATOM   301  C  CA  . SER A 1 43  ? 9.595   -10.061 -2.220  0.50 19.82  ? 43  SER A CA  1 
ATOM   302  C  C   . SER A 1 43  ? 9.418   -11.173 -1.173  0.50 22.07  ? 43  SER A C   1 
ATOM   303  O  O   . SER A 1 43  ? 8.445   -11.116 -0.395  0.50 22.02  ? 43  SER A O   1 
ATOM   304  C  CB  . SER A 1 43  ? 10.740  -9.146  -1.863  0.50 19.09  ? 43  SER A CB  1 
ATOM   305  O  OG  . SER A 1 43  ? 10.599  -8.623  -0.550  0.50 18.63  ? 43  SER A OG  1 
ATOM   306  N  N   A SER A 1 44  ? 10.336  -12.146 -1.152  0.25 24.09  ? 44  SER A N   1 
ATOM   307  N  N   B SER A 1 44  ? 10.341  -12.137 -1.142  0.25 22.24  ? 44  SER A N   1 
ATOM   308  C  CA  A SER A 1 44  ? 10.301  -13.338 -0.258  0.25 25.63  ? 44  SER A CA  1 
ATOM   309  C  CA  B SER A 1 44  ? 10.291  -13.333 -0.258  0.25 22.80  ? 44  SER A CA  1 
ATOM   310  C  C   A SER A 1 44  ? 10.963  -13.016 1.086   0.25 28.35  ? 44  SER A C   1 
ATOM   311  C  C   B SER A 1 44  ? 10.983  -13.036 1.079   0.25 26.08  ? 44  SER A C   1 
ATOM   312  O  O   A SER A 1 44  ? 11.919  -12.217 1.108   0.25 28.56  ? 44  SER A O   1 
ATOM   313  O  O   B SER A 1 44  ? 11.979  -12.287 1.087   0.25 26.27  ? 44  SER A O   1 
ATOM   314  C  CB  A SER A 1 44  ? 10.960  -14.521 -0.912  0.25 26.21  ? 44  SER A CB  1 
ATOM   315  C  CB  B SER A 1 44  ? 10.898  -14.532 -0.941  0.25 22.06  ? 44  SER A CB  1 
ATOM   316  O  OG  A SER A 1 44  ? 12.290  -14.202 -1.301  0.25 26.20  ? 44  SER A OG  1 
ATOM   317  O  OG  B SER A 1 44  ? 10.257  -14.795 -2.191  0.25 19.53  ? 44  SER A OG  1 
ATOM   318  N  N   . THR A 1 45  ? 10.461  -13.615 2.170   0.50 30.42  ? 45  THR A N   1 
ATOM   319  C  CA  . THR A 1 45  ? 11.025  -13.488 3.539   0.50 33.06  ? 45  THR A CA  1 
ATOM   320  C  C   . THR A 1 45  ? 11.413  -14.886 4.034   0.50 35.26  ? 45  THR A C   1 
ATOM   321  O  O   . THR A 1 45  ? 10.948  -15.877 3.434   0.50 34.37  ? 45  THR A O   1 
ATOM   322  C  CB  . THR A 1 45  ? 10.042  -12.776 4.480   0.50 33.02  ? 45  THR A CB  1 
ATOM   323  O  OG1 . THR A 1 45  ? 8.991   -13.678 4.826   0.50 33.31  ? 45  THR A OG1 1 
ATOM   324  C  CG2 . THR A 1 45  ? 9.449   -11.527 3.865   0.50 34.18  ? 45  THR A CG2 1 
ATOM   325  N  N   . THR A 1 46  ? 12.246  -14.964 5.073   0.50 39.16  ? 46  THR A N   1 
ATOM   326  C  CA  . THR A 1 46  ? 12.691  -16.250 5.671   0.50 41.20  ? 46  THR A CA  1 
ATOM   327  C  C   . THR A 1 46  ? 11.743  -16.604 6.823   0.50 43.84  ? 46  THR A C   1 
ATOM   328  O  O   . THR A 1 46  ? 11.400  -17.794 6.956   0.50 46.03  ? 46  THR A O   1 
ATOM   329  C  CB  . THR A 1 46  ? 14.170  -16.187 6.070   0.50 41.45  ? 46  THR A CB  1 
ATOM   330  O  OG1 . THR A 1 46  ? 14.341  -15.163 7.052   0.50 42.10  ? 46  THR A OG1 1 
ATOM   331  C  CG2 . THR A 1 46  ? 15.074  -15.918 4.887   0.50 41.34  ? 46  THR A CG2 1 
ATOM   332  N  N   . ALA A 1 47  ? 11.316  -15.598 7.594   0.50 44.83  ? 47  ALA A N   1 
ATOM   333  C  CA  . ALA A 1 47  ? 10.355  -15.734 8.713   0.50 46.67  ? 47  ALA A CA  1 
ATOM   334  C  C   . ALA A 1 47  ? 8.928   -15.490 8.201   0.50 47.70  ? 47  ALA A C   1 
ATOM   335  O  O   . ALA A 1 47  ? 8.774   -14.814 7.161   0.50 47.89  ? 47  ALA A O   1 
ATOM   336  C  CB  . ALA A 1 47  ? 10.717  -14.772 9.819   0.50 47.06  ? 47  ALA A CB  1 
ATOM   337  N  N   . GLN A 1 48  ? 7.930   -16.033 8.906   0.50 47.98  ? 48  GLN A N   1 
ATOM   338  C  CA  . GLN A 1 48  ? 6.484   -15.818 8.627   0.50 48.21  ? 48  GLN A CA  1 
ATOM   339  C  C   . GLN A 1 48  ? 6.067   -14.471 9.223   0.50 47.75  ? 48  GLN A C   1 
ATOM   340  O  O   . GLN A 1 48  ? 6.641   -14.083 10.266  0.50 46.75  ? 48  GLN A O   1 
ATOM   341  C  CB  . GLN A 1 48  ? 5.654   -16.967 9.205   0.50 49.64  ? 48  GLN A CB  1 
ATOM   342  C  CG  . GLN A 1 48  ? 5.736   -18.251 8.389   0.50 50.79  ? 48  GLN A CG  1 
ATOM   343  C  CD  . GLN A 1 48  ? 4.442   -18.568 7.680   0.50 51.99  ? 48  GLN A CD  1 
ATOM   344  O  OE1 . GLN A 1 48  ? 3.487   -19.063 8.278   0.50 52.92  ? 48  GLN A OE1 1 
ATOM   345  N  NE2 . GLN A 1 48  ? 4.401   -18.295 6.386   0.50 52.58  ? 48  GLN A NE2 1 
ATOM   346  N  N   . GLY A 1 49  ? 5.115   -13.783 8.583   1.00 47.61  ? 49  GLY A N   1 
ATOM   347  C  CA  . GLY A 1 49  ? 4.665   -12.449 9.027   1.00 44.73  ? 49  GLY A CA  1 
ATOM   348  C  C   . GLY A 1 49  ? 3.498   -12.545 9.983   1.00 39.77  ? 49  GLY A C   1 
ATOM   349  O  O   . GLY A 1 49  ? 2.995   -13.671 10.185  1.00 41.24  ? 49  GLY A O   1 
ATOM   350  N  N   . CYS A 1 50  ? 3.092   -11.406 10.550  1.00 33.30  ? 50  CYS A N   1 
ATOM   351  C  CA  . CYS A 1 50  ? 2.001   -11.325 11.561  1.00 32.34  ? 50  CYS A CA  1 
ATOM   352  C  C   . CYS A 1 50  ? 0.730   -10.675 10.995  1.00 33.34  ? 50  CYS A C   1 
ATOM   353  O  O   . CYS A 1 50  ? -0.298  -10.728 11.707  1.00 31.95  ? 50  CYS A O   1 
ATOM   354  C  CB  . CYS A 1 50  ? 2.481   -10.566 12.794  1.00 30.03  ? 50  CYS A CB  1 
ATOM   355  S  SG  . CYS A 1 50  ? 3.593   -11.564 13.822  1.00 33.38  ? 50  CYS A SG  1 
ATOM   356  N  N   . ASP A 1 51  ? 0.786   -10.060 9.800   1.00 31.24  ? 51  ASP A N   1 
ATOM   357  C  CA  . ASP A 1 51  ? -0.380  -9.391  9.146   1.00 30.69  ? 51  ASP A CA  1 
ATOM   358  C  C   . ASP A 1 51  ? -1.172  -10.414 8.333   1.00 27.02  ? 51  ASP A C   1 
ATOM   359  O  O   . ASP A 1 51  ? -0.526  -11.379 7.950   1.00 25.40  ? 51  ASP A O   1 
ATOM   360  C  CB  . ASP A 1 51  ? 0.080   -8.280  8.204   1.00 27.43  ? 51  ASP A CB  1 
ATOM   361  C  CG  . ASP A 1 51  ? 0.949   -7.235  8.865   1.00 29.01  ? 51  ASP A CG  1 
ATOM   362  O  OD1 . ASP A 1 51  ? 0.592   -6.748  9.990   1.00 30.16  ? 51  ASP A OD1 1 
ATOM   363  O  OD2 . ASP A 1 51  ? 1.977   -6.884  8.242   1.00 26.66  ? 51  ASP A OD2 1 
ATOM   364  N  N   . THR A 1 52  ? -2.499  -10.196 8.165   1.00 29.74  ? 52  THR A N   1 
ATOM   365  C  CA  . THR A 1 52  ? -3.490  -10.879 7.273   1.00 27.58  ? 52  THR A CA  1 
ATOM   366  C  C   . THR A 1 52  ? -4.182  -9.884  6.297   1.00 25.26  ? 52  THR A C   1 
ATOM   367  O  O   . THR A 1 52  ? -4.460  -8.725  6.687   1.00 23.82  ? 52  THR A O   1 
ATOM   368  C  CB  . THR A 1 52  ? -4.626  -11.537 8.083   1.00 36.38  ? 52  THR A CB  1 
ATOM   369  O  OG1 . THR A 1 52  ? -4.176  -12.752 8.689   1.00 40.11  ? 52  THR A OG1 1 
ATOM   370  C  CG2 . THR A 1 52  ? -5.859  -11.867 7.266   1.00 39.58  ? 52  THR A CG2 1 
ATOM   371  N  N   . ILE A 1 53  ? -4.554  -10.330 5.100   1.00 21.95  ? 53  ILE A N   1 
ATOM   372  C  CA  . ILE A 1 53  ? -5.095  -9.472  4.006   1.00 20.91  ? 53  ILE A CA  1 
ATOM   373  C  C   . ILE A 1 53  ? -6.630  -9.502  3.985   1.00 25.01  ? 53  ILE A C   1 
ATOM   374  O  O   . ILE A 1 53  ? -7.218  -10.583 3.860   1.00 20.57  ? 53  ILE A O   1 
ATOM   375  C  CB  . ILE A 1 53  ? -4.549  -9.873  2.631   1.00 21.74  ? 53  ILE A CB  1 
ATOM   376  C  CG1 . ILE A 1 53  ? -3.022  -10.040 2.659   1.00 20.13  ? 53  ILE A CG1 1 
ATOM   377  C  CG2 . ILE A 1 53  ? -5.006  -8.878  1.581   1.00 20.73  ? 53  ILE A CG2 1 
ATOM   378  C  CD1 . ILE A 1 53  ? -2.277  -8.773  3.112   1.00 19.21  ? 53  ILE A CD1 1 
ATOM   379  N  N   . ALA A 1 54  ? -7.255  -8.331  3.981   1.00 19.70  ? 54  ALA A N   1 
ATOM   380  C  CA  . ALA A 1 54  ? -8.712  -8.183  3.787   1.00 22.45  ? 54  ALA A CA  1 
ATOM   381  C  C   . ALA A 1 54  ? -9.121  -8.732  2.418   1.00 21.48  ? 54  ALA A C   1 
ATOM   382  O  O   . ALA A 1 54  ? -8.420  -8.417  1.410   1.00 21.24  ? 54  ALA A O   1 
ATOM   383  C  CB  . ALA A 1 54  ? -9.052  -6.715  3.909   1.00 20.90  ? 54  ALA A CB  1 
ATOM   384  N  N   . ARG A 1 55  ? -10.225 -9.498  2.351   1.00 20.59  ? 55  ARG A N   1 
ATOM   385  C  CA  . ARG A 1 55  ? -10.884 -9.867  1.074   1.00 23.23  ? 55  ARG A CA  1 
ATOM   386  C  C   . ARG A 1 55  ? -12.326 -9.373  1.158   1.00 21.22  ? 55  ARG A C   1 
ATOM   387  O  O   . ARG A 1 55  ? -13.143 -10.021 1.835   1.00 24.61  ? 55  ARG A O   1 
ATOM   388  C  CB  . ARG A 1 55  ? -10.798 -11.370 0.790   1.00 25.33  ? 55  ARG A CB  1 
ATOM   389  C  CG  . ARG A 1 55  ? -9.390  -11.948 0.853   1.00 27.57  ? 55  ARG A CG  1 
ATOM   390  C  CD  . ARG A 1 55  ? -8.447  -11.425 -0.203  1.00 26.31  ? 55  ARG A CD  1 
ATOM   391  N  NE  . ARG A 1 55  ? -7.094  -11.909 0.066   1.00 29.94  ? 55  ARG A NE  1 
ATOM   392  C  CZ  . ARG A 1 55  ? -5.999  -11.464 -0.532  1.00 25.53  ? 55  ARG A CZ  1 
ATOM   393  N  NH1 . ARG A 1 55  ? -6.080  -10.528 -1.455  1.00 23.22  ? 55  ARG A NH1 1 
ATOM   394  N  NH2 . ARG A 1 55  ? -4.825  -11.985 -0.221  1.00 29.48  ? 55  ARG A NH2 1 
ATOM   395  N  N   . CYS A 1 56  ? -12.590 -8.235  0.532   1.00 20.18  ? 56  CYS A N   1 
ATOM   396  C  CA  . CYS A 1 56  ? -13.765 -7.409  0.882   1.00 19.56  ? 56  CYS A CA  1 
ATOM   397  C  C   . CYS A 1 56  ? -13.859 -6.166  0.002   1.00 19.43  ? 56  CYS A C   1 
ATOM   398  O  O   . CYS A 1 56  ? -12.937 -5.891  -0.783  1.00 20.35  ? 56  CYS A O   1 
ATOM   399  C  CB  . CYS A 1 56  ? -13.678 -7.012  2.344   1.00 17.57  ? 56  CYS A CB  1 
ATOM   400  S  SG  . CYS A 1 56  ? -12.525 -5.637  2.608   1.00 18.39  ? 56  CYS A SG  1 
ATOM   401  N  N   A ASP A 1 57  ? -14.960 -5.415  0.095   0.41 19.99  ? 57  ASP A N   1 
ATOM   402  N  N   B ASP A 1 57  ? -14.960 -5.435  0.211   0.34 20.26  ? 57  ASP A N   1 
ATOM   403  C  CA  A ASP A 1 57  ? -15.149 -4.148  -0.662  0.41 19.25  ? 57  ASP A CA  1 
ATOM   404  C  CA  B ASP A 1 57  ? -15.427 -4.256  -0.561  0.34 19.77  ? 57  ASP A CA  1 
ATOM   405  C  C   A ASP A 1 57  ? -15.401 -2.995  0.324   0.41 18.72  ? 57  ASP A C   1 
ATOM   406  C  C   B ASP A 1 57  ? -15.387 -2.993  0.314   0.34 19.11  ? 57  ASP A C   1 
ATOM   407  O  O   A ASP A 1 57  ? -16.067 -2.027  -0.058  0.41 19.81  ? 57  ASP A O   1 
ATOM   408  O  O   B ASP A 1 57  ? -15.847 -1.941  -0.158  0.34 20.09  ? 57  ASP A O   1 
ATOM   409  C  CB  A ASP A 1 57  ? -16.277 -4.265  -1.689  0.41 19.76  ? 57  ASP A CB  1 
ATOM   410  C  CB  B ASP A 1 57  ? -16.869 -4.473  -1.023  0.34 20.52  ? 57  ASP A CB  1 
ATOM   411  C  CG  A ASP A 1 57  ? -17.653 -4.450  -1.073  0.41 20.00  ? 57  ASP A CG  1 
ATOM   412  C  CG  B ASP A 1 57  ? -17.198 -3.760  -2.314  0.34 21.02  ? 57  ASP A CG  1 
ATOM   413  O  OD1 A ASP A 1 57  ? -17.758 -4.399  0.159   0.41 20.87  ? 57  ASP A OD1 1 
ATOM   414  O  OD1 B ASP A 1 57  ? -16.237 -3.392  -3.018  0.34 22.37  ? 57  ASP A OD1 1 
ATOM   415  O  OD2 A ASP A 1 57  ? -18.605 -4.672  -1.837  0.41 22.04  ? 57  ASP A OD2 1 
ATOM   416  O  OD2 B ASP A 1 57  ? -18.398 -3.573  -2.592  0.34 20.00  ? 57  ASP A OD2 1 
ATOM   417  N  N   . CYS A 1 58  ? -14.864 -3.096  1.540   1.00 19.73  ? 58  CYS A N   1 
ATOM   418  C  CA  . CYS A 1 58  ? -14.944 -2.011  2.557   1.00 17.32  ? 58  CYS A CA  1 
ATOM   419  C  C   . CYS A 1 58  ? -14.385 -0.714  1.996   1.00 16.56  ? 58  CYS A C   1 
ATOM   420  O  O   . CYS A 1 58  ? -13.338 -0.766  1.242   1.00 14.31  ? 58  CYS A O   1 
ATOM   421  C  CB  . CYS A 1 58  ? -14.132 -2.275  3.812   1.00 18.14  ? 58  CYS A CB  1 
ATOM   422  S  SG  . CYS A 1 58  ? -14.757 -3.604  4.862   1.00 17.99  ? 58  CYS A SG  1 
ATOM   423  N  N   . GLN A 1 59  ? -15.066 0.376   2.375   1.00 17.82  ? 59  GLN A N   1 
ATOM   424  C  CA  . GLN A 1 59  ? -14.668 1.766   2.074   1.00 17.77  ? 59  GLN A CA  1 
ATOM   425  C  C   . GLN A 1 59  ? -14.485 2.514   3.384   1.00 14.15  ? 59  GLN A C   1 
ATOM   426  O  O   . GLN A 1 59  ? -14.329 3.726   3.305   1.00 15.10  ? 59  GLN A O   1 
ATOM   427  C  CB  . GLN A 1 59  ? -15.671 2.499   1.192   1.00 19.41  ? 59  GLN A CB  1 
ATOM   428  C  CG  . GLN A 1 59  ? -15.592 2.049   -0.252  1.00 20.30  ? 59  GLN A CG  1 
ATOM   429  C  CD  . GLN A 1 59  ? -16.476 2.834   -1.186  1.00 20.21  ? 59  GLN A CD  1 
ATOM   430  O  OE1 . GLN A 1 59  ? -17.480 2.317   -1.670  1.00 26.26  ? 59  GLN A OE1 1 
ATOM   431  N  NE2 . GLN A 1 59  ? -16.125 4.081   -1.451  1.00 22.75  ? 59  GLN A NE2 1 
ATOM   432  N  N   . THR A 1 60  ? -14.389 1.802   4.504   1.00 14.23  ? 60  THR A N   1 
ATOM   433  C  CA  . THR A 1 60  ? -14.011 2.479   5.764   1.00 14.71  ? 60  THR A CA  1 
ATOM   434  C  C   . THR A 1 60  ? -12.906 1.674   6.440   1.00 13.69  ? 60  THR A C   1 
ATOM   435  O  O   . THR A 1 60  ? -12.906 0.419   6.399   1.00 15.15  ? 60  THR A O   1 
ATOM   436  C  CB  . THR A 1 60  ? -15.224 2.728   6.655   1.00 15.38  ? 60  THR A CB  1 
ATOM   437  O  OG1 . THR A 1 60  ? -15.688 1.455   7.035   1.00 20.61  ? 60  THR A OG1 1 
ATOM   438  C  CG2 . THR A 1 60  ? -16.293 3.557   5.984   1.00 15.64  ? 60  THR A CG2 1 
ATOM   439  N  N   . GLY A 1 61  ? -11.976 2.399   7.034   1.00 11.74  ? 61  GLY A N   1 
ATOM   440  C  CA  . GLY A 1 61  ? -10.897 1.721   7.753   1.00 10.44  ? 61  GLY A CA  1 
ATOM   441  C  C   . GLY A 1 61  ? -10.055 2.724   8.494   1.00 10.79  ? 61  GLY A C   1 
ATOM   442  O  O   . GLY A 1 61  ? -10.522 3.789   8.747   1.00 11.74  ? 61  GLY A O   1 
ATOM   443  N  N   . VAL A 1 62  ? -8.879  2.299   8.850   1.00 8.93   ? 62  VAL A N   1 
ATOM   444  C  CA  . VAL A 1 62  ? -7.961  3.151   9.638   1.00 9.58   ? 62  VAL A CA  1 
ATOM   445  C  C   . VAL A 1 62  ? -6.585  3.022   9.006   1.00 9.53   ? 62  VAL A C   1 
ATOM   446  O  O   . VAL A 1 62  ? -6.171  1.899   8.688   1.00 11.57  ? 62  VAL A O   1 
ATOM   447  C  CB  . VAL A 1 62  ? -7.973  2.680   11.096  1.00 9.64   ? 62  VAL A CB  1 
ATOM   448  C  CG1 . VAL A 1 62  ? -6.882  3.367   11.903  1.00 10.87  ? 62  VAL A CG1 1 
ATOM   449  C  CG2 . VAL A 1 62  ? -9.343  2.870   11.711  1.00 9.19   ? 62  VAL A CG2 1 
ATOM   450  N  N   . TYR A 1 63  ? -5.878  4.136   8.846   1.00 10.13  ? 63  TYR A N   1 
ATOM   451  C  CA  . TYR A 1 63  ? -4.510  4.066   8.284   1.00 9.37   ? 63  TYR A CA  1 
ATOM   452  C  C   . TYR A 1 63  ? -3.521  4.705   9.251   1.00 10.69  ? 63  TYR A C   1 
ATOM   453  O  O   . TYR A 1 63  ? -3.890  5.603   10.011  1.00 11.67  ? 63  TYR A O   1 
ATOM   454  C  CB  . TYR A 1 63  ? -4.431  4.733   6.910   1.00 9.92   ? 63  TYR A CB  1 
ATOM   455  C  CG  . TYR A 1 63  ? -4.248  6.238   6.893   1.00 10.24  ? 63  TYR A CG  1 
ATOM   456  C  CD1 . TYR A 1 63  ? -5.314  7.097   7.103   1.00 11.46  ? 63  TYR A CD1 1 
ATOM   457  C  CD2 . TYR A 1 63  ? -3.007  6.797   6.617   1.00 11.89  ? 63  TYR A CD2 1 
ATOM   458  C  CE1 . TYR A 1 63  ? -5.173  8.466   7.009   1.00 12.34  ? 63  TYR A CE1 1 
ATOM   459  C  CE2 . TYR A 1 63  ? -2.838  8.171   6.558   1.00 14.36  ? 63  TYR A CE2 1 
ATOM   460  C  CZ  . TYR A 1 63  ? -3.919  9.007   6.798   1.00 14.31  ? 63  TYR A CZ  1 
ATOM   461  O  OH  . TYR A 1 63  ? -3.782  10.369  6.712   1.00 15.78  ? 63  TYR A OH  1 
ATOM   462  N  N   . TYR A 1 64  ? -2.297  4.241   9.151   1.00 10.82  ? 64  TYR A N   1 
ATOM   463  C  CA  . TYR A 1 64  ? -1.183  4.797   9.932   1.00 12.53  ? 64  TYR A CA  1 
ATOM   464  C  C   . TYR A 1 64  ? -0.502  5.881   9.129   1.00 12.63  ? 64  TYR A C   1 
ATOM   465  O  O   . TYR A 1 64  ? -0.015  5.690   8.023   1.00 11.14  ? 64  TYR A O   1 
ATOM   466  C  CB  . TYR A 1 64  ? -0.208  3.712   10.362  1.00 14.15  ? 64  TYR A CB  1 
ATOM   467  C  CG  . TYR A 1 64  ? 0.872   4.282   11.237  1.00 16.94  ? 64  TYR A CG  1 
ATOM   468  C  CD1 . TYR A 1 64  ? 0.530   4.842   12.461  1.00 18.57  ? 64  TYR A CD1 1 
ATOM   469  C  CD2 . TYR A 1 64  ? 2.195   4.279   10.844  1.00 18.76  ? 64  TYR A CD2 1 
ATOM   470  C  CE1 . TYR A 1 64  ? 1.496   5.368   13.302  1.00 20.85  ? 64  TYR A CE1 1 
ATOM   471  C  CE2 . TYR A 1 64  ? 3.169   4.821   11.668  1.00 21.74  ? 64  TYR A CE2 1 
ATOM   472  C  CZ  . TYR A 1 64  ? 2.812   5.350   12.897  1.00 22.81  ? 64  TYR A CZ  1 
ATOM   473  O  OH  . TYR A 1 64  ? 3.749   5.913   13.709  1.00 23.78  ? 64  TYR A OH  1 
ATOM   474  N  N   . CYS A 1 65  ? -0.309  7.004   9.812   1.00 13.25  ? 65  CYS A N   1 
ATOM   475  C  CA  . CYS A 1 65  ? 0.278   8.225   9.231   1.00 14.16  ? 65  CYS A CA  1 
ATOM   476  C  C   . CYS A 1 65  ? 1.549   8.559   10.029  1.00 16.53  ? 65  CYS A C   1 
ATOM   477  O  O   . CYS A 1 65  ? 1.420   9.189   11.134  1.00 17.19  ? 65  CYS A O   1 
ATOM   478  C  CB  . CYS A 1 65  ? -0.704  9.385   9.217   1.00 14.85  ? 65  CYS A CB  1 
ATOM   479  S  SG  . CYS A 1 65  ? 0.082   10.947  8.754   1.00 16.99  ? 65  CYS A SG  1 
ATOM   480  N  N   . SER A 1 66  ? 2.711   8.093   9.537   1.00 17.69  ? 66  SER A N   1 
ATOM   481  C  CA  . SER A 1 66  ? 4.021   8.211   10.235  1.00 19.44  ? 66  SER A CA  1 
ATOM   482  C  C   . SER A 1 66  ? 4.311   9.680   10.543  1.00 19.96  ? 66  SER A C   1 
ATOM   483  O  O   . SER A 1 66  ? 4.802   9.949   11.666  1.00 21.67  ? 66  SER A O   1 
ATOM   484  C  CB  . SER A 1 66  ? 5.144   7.576   9.439   1.00 20.00  ? 66  SER A CB  1 
ATOM   485  O  OG  . SER A 1 66  ? 5.369   8.259   8.215   1.00 21.59  ? 66  SER A OG  1 
ATOM   486  N  N   . SER A 1 67  ? 3.982   10.586  9.625   1.00 18.99  ? 67  SER A N   1 
ATOM   487  C  CA  . SER A 1 67  ? 4.262   12.048  9.731   1.00 19.40  ? 67  SER A CA  1 
ATOM   488  C  C   . SER A 1 67  ? 3.350   12.722  10.755  1.00 20.73  ? 67  SER A C   1 
ATOM   489  O  O   . SER A 1 67  ? 3.451   13.990  10.834  1.00 20.75  ? 67  SER A O   1 
ATOM   490  C  CB  . SER A 1 67  ? 4.161   12.747  8.430   1.00 20.60  ? 67  SER A CB  1 
ATOM   491  O  OG  . SER A 1 67  ? 2.828   12.787  7.922   1.00 20.31  ? 67  SER A OG  1 
ATOM   492  N  N   . ARG A 1 68  ? 2.540   11.944  11.497  1.00 20.34  ? 68  ARG A N   1 
ATOM   493  C  CA  . ARG A 1 68  ? 1.728   12.406  12.658  1.00 18.37  ? 68  ARG A CA  1 
ATOM   494  C  C   . ARG A 1 68  ? 1.819   11.432  13.827  1.00 18.75  ? 68  ARG A C   1 
ATOM   495  O  O   . ARG A 1 68  ? 1.208   11.720  14.870  1.00 20.89  ? 68  ARG A O   1 
ATOM   496  C  CB  . ARG A 1 68  ? 0.257   12.587  12.261  1.00 16.41  ? 68  ARG A CB  1 
ATOM   497  C  CG  . ARG A 1 68  ? 0.004   13.617  11.175  1.00 16.15  ? 68  ARG A CG  1 
ATOM   498  C  CD  . ARG A 1 68  ? 0.084   15.026  11.788  1.00 17.10  ? 68  ARG A CD  1 
ATOM   499  N  NE  . ARG A 1 68  ? -0.131  16.077  10.816  1.00 17.48  ? 68  ARG A NE  1 
ATOM   500  C  CZ  . ARG A 1 68  ? 0.827   16.611  10.039  1.00 19.19  ? 68  ARG A CZ  1 
ATOM   501  N  NH1 . ARG A 1 68  ? 2.072   16.178  10.148  1.00 20.27  ? 68  ARG A NH1 1 
ATOM   502  N  NH2 . ARG A 1 68  ? 0.531   17.560  9.179   1.00 20.10  ? 68  ARG A NH2 1 
ATOM   503  N  N   . ARG A 1 69  ? 2.542   10.317  13.691  1.00 19.80  ? 69  ARG A N   1 
ATOM   504  C  CA  . ARG A 1 69  ? 2.543   9.205   14.660  1.00 22.23  ? 69  ARG A CA  1 
ATOM   505  C  C   . ARG A 1 69  ? 1.102   8.903   15.052  1.00 23.72  ? 69  ARG A C   1 
ATOM   506  O  O   . ARG A 1 69  ? 0.823   8.789   16.252  1.00 23.72  ? 69  ARG A O   1 
ATOM   507  C  CB  . ARG A 1 69  ? 3.368   9.592   15.887  1.00 24.73  ? 69  ARG A CB  1 
ATOM   508  C  CG  . ARG A 1 69  ? 4.860   9.444   15.666  1.00 26.45  ? 69  ARG A CG  1 
ATOM   509  C  CD  . ARG A 1 69  ? 5.643   9.895   16.868  1.00 28.02  ? 69  ARG A CD  1 
ATOM   510  N  NE  . ARG A 1 69  ? 7.053   10.084  16.526  1.00 30.74  ? 69  ARG A NE  1 
ATOM   511  C  CZ  . ARG A 1 69  ? 7.748   11.229  16.617  1.00 33.97  ? 69  ARG A CZ  1 
ATOM   512  N  NH1 . ARG A 1 69  ? 7.173   12.358  17.022  1.00 33.51  ? 69  ARG A NH1 1 
ATOM   513  N  NH2 . ARG A 1 69  ? 9.037   11.234  16.295  1.00 31.93  ? 69  ARG A NH2 1 
ATOM   514  N  N   . LYS A 1 70  ? 0.204   8.802   14.074  1.00 21.66  ? 70  LYS A N   1 
ATOM   515  C  CA  . LYS A 1 70  ? -1.243  8.705   14.374  1.00 22.19  ? 70  LYS A CA  1 
ATOM   516  C  C   . LYS A 1 70  ? -1.907  7.748   13.385  1.00 18.83  ? 70  LYS A C   1 
ATOM   517  O  O   . LYS A 1 70  ? -1.588  7.823   12.188  1.00 18.91  ? 70  LYS A O   1 
ATOM   518  C  CB  . LYS A 1 70  ? -1.940  10.069  14.284  1.00 23.47  ? 70  LYS A CB  1 
ATOM   519  C  CG  . LYS A 1 70  ? -1.952  10.875  15.583  1.00 27.90  ? 70  LYS A CG  1 
ATOM   520  C  CD  . LYS A 1 70  ? -3.230  11.655  15.794  1.00 31.55  ? 70  LYS A CD  1 
ATOM   521  C  CE  . LYS A 1 70  ? -3.155  12.610  16.969  1.00 35.41  ? 70  LYS A CE  1 
ATOM   522  N  NZ  . LYS A 1 70  ? -1.995  13.528  16.882  1.00 38.76  ? 70  LYS A NZ  1 
ATOM   523  N  N   . HIS A 1 71  ? -2.871  7.007   13.900  1.00 17.11  ? 71  HIS A N   1 
ATOM   524  C  CA  . HIS A 1 71  ? -3.819  6.181   13.109  1.00 15.14  ? 71  HIS A CA  1 
ATOM   525  C  C   . HIS A 1 71  ? -5.095  6.996   12.968  1.00 16.06  ? 71  HIS A C   1 
ATOM   526  O  O   . HIS A 1 71  ? -5.618  7.503   13.976  1.00 18.60  ? 71  HIS A O   1 
ATOM   527  C  CB  . HIS A 1 71  ? -4.099  4.850   13.781  1.00 15.17  ? 71  HIS A CB  1 
ATOM   528  C  CG  . HIS A 1 71  ? -2.923  3.937   13.868  1.00 14.80  ? 71  HIS A CG  1 
ATOM   529  N  ND1 . HIS A 1 71  ? -2.734  2.853   13.002  1.00 16.49  ? 71  HIS A ND1 1 
ATOM   530  C  CD2 . HIS A 1 71  ? -1.880  3.915   14.723  1.00 16.47  ? 71  HIS A CD2 1 
ATOM   531  C  CE1 . HIS A 1 71  ? -1.605  2.247   13.310  1.00 14.90  ? 71  HIS A CE1 1 
ATOM   532  N  NE2 . HIS A 1 71  ? -1.093  2.843   14.360  1.00 18.05  ? 71  HIS A NE2 1 
ATOM   533  N  N   . TYR A 1 72  ? -5.549  7.157   11.741  1.00 13.00  ? 72  TYR A N   1 
ATOM   534  C  CA  . TYR A 1 72  ? -6.744  7.956   11.416  1.00 12.47  ? 72  TYR A CA  1 
ATOM   535  C  C   . TYR A 1 72  ? -7.803  7.062   10.812  1.00 11.77  ? 72  TYR A C   1 
ATOM   536  O  O   . TYR A 1 72  ? -7.512  6.358   9.858   1.00 11.60  ? 72  TYR A O   1 
ATOM   537  C  CB  . TYR A 1 72  ? -6.436  9.035   10.392  1.00 13.71  ? 72  TYR A CB  1 
ATOM   538  C  CG  . TYR A 1 72  ? -5.547  10.145  10.890  1.00 16.00  ? 72  TYR A CG  1 
ATOM   539  C  CD1 . TYR A 1 72  ? -6.045  11.097  11.772  1.00 16.27  ? 72  TYR A CD1 1 
ATOM   540  C  CD2 . TYR A 1 72  ? -4.231  10.237  10.478  1.00 16.91  ? 72  TYR A CD2 1 
ATOM   541  C  CE1 . TYR A 1 72  ? -5.237  12.142  12.225  1.00 15.51  ? 72  TYR A CE1 1 
ATOM   542  C  CE2 . TYR A 1 72  ? -3.426  11.296  10.879  1.00 15.99  ? 72  TYR A CE2 1 
ATOM   543  C  CZ  . TYR A 1 72  ? -3.934  12.226  11.767  1.00 19.02  ? 72  TYR A CZ  1 
ATOM   544  O  OH  . TYR A 1 72  ? -3.099  13.237  12.127  1.00 19.57  ? 72  TYR A OH  1 
ATOM   545  N  N   . PRO A 1 73  ? -9.042  7.161   11.308  1.00 11.88  ? 73  PRO A N   1 
ATOM   546  C  CA  . PRO A 1 73  ? -10.163 6.517   10.652  1.00 12.05  ? 73  PRO A CA  1 
ATOM   547  C  C   . PRO A 1 73  ? -10.507 7.311   9.396   1.00 13.35  ? 73  PRO A C   1 
ATOM   548  O  O   . PRO A 1 73  ? -10.587 8.528   9.447   1.00 14.55  ? 73  PRO A O   1 
ATOM   549  C  CB  . PRO A 1 73  ? -11.324 6.547   11.679  1.00 12.47  ? 73  PRO A CB  1 
ATOM   550  C  CG  . PRO A 1 73  ? -10.935 7.638   12.654  1.00 13.68  ? 73  PRO A CG  1 
ATOM   551  C  CD  . PRO A 1 73  ? -9.430  7.830   12.555  1.00 13.14  ? 73  PRO A CD  1 
ATOM   552  N  N   . VAL A 1 74  ? -10.729 6.605   8.289   1.00 11.78  ? 74  VAL A N   1 
ATOM   553  C  CA  . VAL A 1 74  ? -11.032 7.230   6.973   1.00 12.07  ? 74  VAL A CA  1 
ATOM   554  C  C   . VAL A 1 74  ? -12.070 6.430   6.229   1.00 12.36  ? 74  VAL A C   1 
ATOM   555  O  O   . VAL A 1 74  ? -12.130 5.223   6.351   1.00 12.24  ? 74  VAL A O   1 
ATOM   556  C  CB  . VAL A 1 74  ? -9.783  7.302   6.099   1.00 12.92  ? 74  VAL A CB  1 
ATOM   557  C  CG1 . VAL A 1 74  ? -8.871  8.402   6.554   1.00 13.80  ? 74  VAL A CG1 1 
ATOM   558  C  CG2 . VAL A 1 74  ? -9.073  5.961   6.009   1.00 12.56  ? 74  VAL A CG2 1 
ATOM   559  N  N   . SER A 1 75  ? -12.807 7.149   5.401   1.00 11.96  ? 75  SER A N   1 
ATOM   560  C  CA  . SER A 1 75  ? -13.570 6.653   4.244   1.00 14.04  ? 75  SER A CA  1 
ATOM   561  C  C   . SER A 1 75  ? -12.672 6.735   3.023   1.00 13.16  ? 75  SER A C   1 
ATOM   562  O  O   . SER A 1 75  ? -12.013 7.749   2.877   1.00 13.87  ? 75  SER A O   1 
ATOM   563  C  CB  . SER A 1 75  ? -14.756 7.533   4.019   1.00 15.75  ? 75  SER A CB  1 
ATOM   564  O  OG  . SER A 1 75  ? -15.485 7.578   5.198   1.00 22.06  ? 75  SER A OG  1 
ATOM   565  N  N   . PHE A 1 76  ? -12.671 5.723   2.157   1.00 13.76  ? 76  PHE A N   1 
ATOM   566  C  CA  . PHE A 1 76  ? -11.769 5.721   0.984   1.00 13.62  ? 76  PHE A CA  1 
ATOM   567  C  C   . PHE A 1 76  ? -12.549 5.192   -0.199  1.00 14.92  ? 76  PHE A C   1 
ATOM   568  O  O   . PHE A 1 76  ? -13.481 4.404   -0.006  1.00 15.78  ? 76  PHE A O   1 
ATOM   569  C  CB  . PHE A 1 76  ? -10.480 4.931   1.229   1.00 13.25  ? 76  PHE A CB  1 
ATOM   570  C  CG  . PHE A 1 76  ? -10.691 3.537   1.748   1.00 12.48  ? 76  PHE A CG  1 
ATOM   571  C  CD1 . PHE A 1 76  ? -10.799 3.299   3.099   1.00 12.84  ? 76  PHE A CD1 1 
ATOM   572  C  CD2 . PHE A 1 76  ? -10.715 2.444   0.884   1.00 12.58  ? 76  PHE A CD2 1 
ATOM   573  C  CE1 . PHE A 1 76  ? -10.966 2.025   3.599   1.00 12.39  ? 76  PHE A CE1 1 
ATOM   574  C  CE2 . PHE A 1 76  ? -10.900 1.169   1.391   1.00 11.53  ? 76  PHE A CE2 1 
ATOM   575  C  CZ  . PHE A 1 76  ? -11.002 0.941   2.742   1.00 11.70  ? 76  PHE A CZ  1 
ATOM   576  N  N   . SER A 1 77  ? -12.141 5.635   -1.391  1.00 17.22  ? 77  SER A N   1 
ATOM   577  C  CA  . SER A 1 77  ? -12.765 5.210   -2.682  1.00 19.66  ? 77  SER A CA  1 
ATOM   578  C  C   . SER A 1 77  ? -12.415 3.753   -2.984  1.00 20.96  ? 77  SER A C   1 
ATOM   579  O  O   . SER A 1 77  ? -11.513 3.240   -2.364  1.00 21.60  ? 77  SER A O   1 
ATOM   580  C  CB  . SER A 1 77  ? -12.378 6.124   -3.789  1.00 20.95  ? 77  SER A CB  1 
ATOM   581  O  OG  . SER A 1 77  ? -10.978 6.201   -3.966  1.00 22.06  ? 77  SER A OG  1 
ATOM   582  N  N   . LYS A 1 78  ? -13.143 3.099   -3.900  1.00 21.77  ? 78  LYS A N   1 
ATOM   583  C  CA  . LYS A 1 78  ? -12.840 1.703   -4.347  1.00 21.74  ? 78  LYS A CA  1 
ATOM   584  C  C   . LYS A 1 78  ? -11.621 1.770   -5.261  1.00 20.05  ? 78  LYS A C   1 
ATOM   585  O  O   . LYS A 1 78  ? -11.307 2.817   -5.788  1.00 21.58  ? 78  LYS A O   1 
ATOM   586  C  CB  . LYS A 1 78  ? -14.065 1.079   -5.026  1.00 24.50  ? 78  LYS A CB  1 
ATOM   587  C  CG  . LYS A 1 78  ? -15.264 0.881   -4.102  1.00 25.66  ? 78  LYS A CG  1 
ATOM   588  C  CD  . LYS A 1 78  ? -16.428 0.141   -4.746  1.00 27.84  ? 78  LYS A CD  1 
ATOM   589  C  CE  . LYS A 1 78  ? -17.366 -0.504  -3.742  1.00 29.82  ? 78  LYS A CE  1 
ATOM   590  N  NZ  . LYS A 1 78  ? -18.315 -1.426  -4.422  1.00 34.02  ? 78  LYS A NZ  1 
ATOM   591  N  N   . PRO A 1 79  ? -10.826 0.687   -5.374  1.00 23.62  ? 79  PRO A N   1 
ATOM   592  C  CA  . PRO A 1 79  ? -9.623  0.732   -6.219  1.00 25.39  ? 79  PRO A CA  1 
ATOM   593  C  C   . PRO A 1 79  ? -9.962  1.251   -7.631  1.00 27.27  ? 79  PRO A C   1 
ATOM   594  O  O   . PRO A 1 79  ? -10.908 0.749   -8.217  1.00 30.89  ? 79  PRO A O   1 
ATOM   595  C  CB  . PRO A 1 79  ? -9.165  -0.724  -6.214  1.00 25.12  ? 79  PRO A CB  1 
ATOM   596  C  CG  . PRO A 1 79  ? -9.673  -1.278  -4.905  1.00 24.13  ? 79  PRO A CG  1 
ATOM   597  C  CD  . PRO A 1 79  ? -11.005 -0.588  -4.674  1.00 24.16  ? 79  PRO A CD  1 
ATOM   598  N  N   . SER A 1 80  ? -9.190  2.232   -8.120  0.70 28.93  ? 80  SER A N   1 
ATOM   599  C  CA  . SER A 1 80  ? -9.469  3.029   -9.346  0.70 30.57  ? 80  SER A CA  1 
ATOM   600  C  C   . SER A 1 80  ? -8.175  3.439   -10.065 0.70 30.99  ? 80  SER A C   1 
ATOM   601  O  O   . SER A 1 80  ? -7.085  3.286   -9.483  0.70 27.49  ? 80  SER A O   1 
ATOM   602  C  CB  . SER A 1 80  ? -10.274 4.257   -9.013  0.70 30.99  ? 80  SER A CB  1 
ATOM   603  O  OG  . SER A 1 80  ? -11.407 3.928   -8.225  0.70 33.54  ? 80  SER A OG  1 
ATOM   604  N  N   . LEU A 1 81  ? -8.324  3.987   -11.278 0.70 31.28  ? 81  LEU A N   1 
ATOM   605  C  CA  . LEU A 1 81  ? -7.241  4.571   -12.109 0.70 34.36  ? 81  LEU A CA  1 
ATOM   606  C  C   . LEU A 1 81  ? -7.247  6.091   -11.923 0.70 35.37  ? 81  LEU A C   1 
ATOM   607  O  O   . LEU A 1 81  ? -8.064  6.767   -12.580 0.70 37.24  ? 81  LEU A O   1 
ATOM   608  C  CB  . LEU A 1 81  ? -7.478  4.178   -13.573 0.70 35.43  ? 81  LEU A CB  1 
ATOM   609  C  CG  . LEU A 1 81  ? -6.277  4.333   -14.505 0.70 36.49  ? 81  LEU A CG  1 
ATOM   610  C  CD1 . LEU A 1 81  ? -5.240  3.254   -14.229 0.70 35.02  ? 81  LEU A CD1 1 
ATOM   611  C  CD2 . LEU A 1 81  ? -6.717  4.287   -15.961 0.70 37.85  ? 81  LEU A CD2 1 
ATOM   612  N  N   . ILE A 1 82  ? -6.362  6.604   -11.068 1.00 35.65  ? 82  ILE A N   1 
ATOM   613  C  CA  . ILE A 1 82  ? -6.344  8.036   -10.651 1.00 38.03  ? 82  ILE A CA  1 
ATOM   614  C  C   . ILE A 1 82  ? -5.090  8.687   -11.219 1.00 39.46  ? 82  ILE A C   1 
ATOM   615  O  O   . ILE A 1 82  ? -4.078  7.970   -11.333 1.00 36.61  ? 82  ILE A O   1 
ATOM   616  C  CB  . ILE A 1 82  ? -6.340  8.121   -9.113  1.00 40.44  ? 82  ILE A CB  1 
ATOM   617  C  CG1 . ILE A 1 82  ? -7.442  7.270   -8.467  1.00 41.55  ? 82  ILE A CG1 1 
ATOM   618  C  CG2 . ILE A 1 82  ? -6.384  9.563   -8.652  1.00 42.97  ? 82  ILE A CG2 1 
ATOM   619  C  CD1 . ILE A 1 82  ? -8.836  7.808   -8.644  1.00 43.02  ? 82  ILE A CD1 1 
ATOM   620  N  N   . PHE A 1 83  ? -5.153  9.989   -11.502 1.00 36.26  ? 83  PHE A N   1 
ATOM   621  C  CA  . PHE A 1 83  ? -3.993  10.836  -11.874 1.00 38.53  ? 83  PHE A CA  1 
ATOM   622  C  C   . PHE A 1 83  ? -3.372  11.437  -10.607 1.00 40.05  ? 83  PHE A C   1 
ATOM   623  O  O   . PHE A 1 83  ? -4.123  12.053  -9.818  1.00 36.58  ? 83  PHE A O   1 
ATOM   624  C  CB  . PHE A 1 83  ? -4.412  11.943  -12.844 1.00 40.67  ? 83  PHE A CB  1 
ATOM   625  C  CG  . PHE A 1 83  ? -3.255  12.770  -13.337 1.00 40.14  ? 83  PHE A CG  1 
ATOM   626  C  CD1 . PHE A 1 83  ? -2.612  12.439  -14.515 1.00 41.67  ? 83  PHE A CD1 1 
ATOM   627  C  CD2 . PHE A 1 83  ? -2.788  13.854  -12.607 1.00 38.91  ? 83  PHE A CD2 1 
ATOM   628  C  CE1 . PHE A 1 83  ? -1.537  13.188  -14.969 1.00 41.75  ? 83  PHE A CE1 1 
ATOM   629  C  CE2 . PHE A 1 83  ? -1.707  14.598  -13.056 1.00 40.89  ? 83  PHE A CE2 1 
ATOM   630  C  CZ  . PHE A 1 83  ? -1.078  14.256  -14.230 1.00 42.25  ? 83  PHE A CZ  1 
ATOM   631  N  N   . VAL A 1 84  ? -2.051  11.295  -10.425 1.00 34.35  ? 84  VAL A N   1 
ATOM   632  C  CA  . VAL A 1 84  ? -1.326  11.762  -9.207  1.00 36.26  ? 84  VAL A CA  1 
ATOM   633  C  C   . VAL A 1 84  ? -0.345  12.888  -9.575  1.00 36.69  ? 84  VAL A C   1 
ATOM   634  O  O   . VAL A 1 84  ? 0.425   12.732  -10.519 1.00 41.00  ? 84  VAL A O   1 
ATOM   635  C  CB  . VAL A 1 84  ? -0.620  10.577  -8.509  1.00 33.39  ? 84  VAL A CB  1 
ATOM   636  C  CG1 . VAL A 1 84  ? 0.003   11.000  -7.184  1.00 33.86  ? 84  VAL A CG1 1 
ATOM   637  C  CG2 . VAL A 1 84  ? -1.569  9.406   -8.310  1.00 34.30  ? 84  VAL A CG2 1 
ATOM   638  N  N   . GLU A 1 85  ? -0.325  13.969  -8.795  1.00 44.58  ? 85  GLU A N   1 
ATOM   639  C  CA  . GLU A 1 85  ? 0.620   15.101  -8.990  1.00 44.71  ? 85  GLU A CA  1 
ATOM   640  C  C   . GLU A 1 85  ? 2.013   14.683  -8.489  1.00 43.14  ? 85  GLU A C   1 
ATOM   641  O  O   . GLU A 1 85  ? 2.101   13.712  -7.689  1.00 37.46  ? 85  GLU A O   1 
ATOM   642  C  CB  . GLU A 1 85  ? 0.116   16.357  -8.276  1.00 52.07  ? 85  GLU A CB  1 
ATOM   643  C  CG  . GLU A 1 85  ? -1.297  16.776  -8.676  1.00 56.88  ? 85  GLU A CG  1 
ATOM   644  C  CD  . GLU A 1 85  ? -1.567  16.824  -10.172 1.00 59.87  ? 85  GLU A CD  1 
ATOM   645  O  OE1 . GLU A 1 85  ? -0.715  17.358  -10.908 1.00 62.70  ? 85  GLU A OE1 1 
ATOM   646  O  OE2 . GLU A 1 85  ? -2.624  16.318  -10.602 1.00 62.73  ? 85  GLU A OE2 1 
ATOM   647  N  N   . ALA A 1 86  ? 3.050   15.382  -8.964  1.00 36.58  ? 86  ALA A N   1 
ATOM   648  C  CA  . ALA A 1 86  ? 4.479   15.065  -8.750  1.00 35.64  ? 86  ALA A CA  1 
ATOM   649  C  C   . ALA A 1 86  ? 4.791   14.974  -7.253  1.00 37.91  ? 86  ALA A C   1 
ATOM   650  O  O   . ALA A 1 86  ? 4.350   15.847  -6.455  1.00 33.21  ? 86  ALA A O   1 
ATOM   651  C  CB  . ALA A 1 86  ? 5.343   16.117  -9.411  1.00 39.04  ? 86  ALA A CB  1 
ATOM   652  N  N   . SER A 1 87  ? 5.578   13.964  -6.894  1.00 38.72  ? 87  SER A N   1 
ATOM   653  C  CA  . SER A 1 87  ? 6.087   13.720  -5.522  1.00 39.61  ? 87  SER A CA  1 
ATOM   654  C  C   . SER A 1 87  ? 7.619   13.745  -5.573  1.00 38.51  ? 87  SER A C   1 
ATOM   655  O  O   . SER A 1 87  ? 8.172   13.822  -6.699  1.00 33.29  ? 87  SER A O   1 
ATOM   656  C  CB  . SER A 1 87  ? 5.552   12.406  -5.018  1.00 41.56  ? 87  SER A CB  1 
ATOM   657  O  OG  . SER A 1 87  ? 5.533   11.458  -6.079  1.00 42.68  ? 87  SER A OG  1 
ATOM   658  N  N   . GLU A 1 88  ? 8.284   13.647  -4.419  1.00 35.17  ? 88  GLU A N   1 
ATOM   659  C  CA  . GLU A 1 88  ? 9.773   13.598  -4.358  1.00 35.34  ? 88  GLU A CA  1 
ATOM   660  C  C   . GLU A 1 88  ? 10.272  12.309  -5.051  1.00 33.84  ? 88  GLU A C   1 
ATOM   661  O  O   . GLU A 1 88  ? 11.406  12.303  -5.555  1.00 31.75  ? 88  GLU A O   1 
ATOM   662  C  CB  . GLU A 1 88  ? 10.234  13.766  -2.905  1.00 36.23  ? 88  GLU A CB  1 
ATOM   663  C  CG  . GLU A 1 88  ? 10.147  12.508  -2.066  1.00 36.79  ? 88  GLU A CG  1 
ATOM   664  C  CD  . GLU A 1 88  ? 10.816  12.591  -0.699  1.00 39.73  ? 88  GLU A CD  1 
ATOM   665  O  OE1 . GLU A 1 88  ? 10.685  13.646  -0.035  1.00 40.11  ? 88  GLU A OE1 1 
ATOM   666  O  OE2 . GLU A 1 88  ? 11.451  11.594  -0.299  1.00 40.76  ? 88  GLU A OE2 1 
ATOM   667  N  N   . TYR A 1 89  ? 9.425   11.280  -5.154  1.00 30.81  ? 89  TYR A N   1 
ATOM   668  C  CA  . TYR A 1 89  ? 9.806   9.897   -5.552  1.00 29.28  ? 89  TYR A CA  1 
ATOM   669  C  C   . TYR A 1 89  ? 9.109   9.469   -6.868  1.00 30.78  ? 89  TYR A C   1 
ATOM   670  O  O   . TYR A 1 89  ? 9.388   8.346   -7.359  1.00 35.56  ? 89  TYR A O   1 
ATOM   671  C  CB  . TYR A 1 89  ? 9.534   8.966   -4.358  1.00 25.43  ? 89  TYR A CB  1 
ATOM   672  C  CG  . TYR A 1 89  ? 8.111   8.983   -3.855  1.00 24.65  ? 89  TYR A CG  1 
ATOM   673  C  CD1 . TYR A 1 89  ? 7.734   9.783   -2.792  1.00 25.19  ? 89  TYR A CD1 1 
ATOM   674  C  CD2 . TYR A 1 89  ? 7.125   8.228   -4.467  1.00 24.11  ? 89  TYR A CD2 1 
ATOM   675  C  CE1 . TYR A 1 89  ? 6.420   9.824   -2.345  1.00 24.96  ? 89  TYR A CE1 1 
ATOM   676  C  CE2 . TYR A 1 89  ? 5.810   8.250   -4.023  1.00 25.67  ? 89  TYR A CE2 1 
ATOM   677  C  CZ  . TYR A 1 89  ? 5.454   9.049   -2.951  1.00 25.54  ? 89  TYR A CZ  1 
ATOM   678  O  OH  . TYR A 1 89  ? 4.165   9.068   -2.482  1.00 24.33  ? 89  TYR A OH  1 
ATOM   679  N  N   . TYR A 1 90  ? 8.232   10.307  -7.445  1.00 30.78  ? 90  TYR A N   1 
ATOM   680  C  CA  . TYR A 1 90  ? 7.560   10.065  -8.755  1.00 29.80  ? 90  TYR A CA  1 
ATOM   681  C  C   . TYR A 1 90  ? 7.208   11.389  -9.422  1.00 31.26  ? 90  TYR A C   1 
ATOM   682  O  O   . TYR A 1 90  ? 7.168   12.431  -8.764  1.00 32.28  ? 90  TYR A O   1 
ATOM   683  C  CB  . TYR A 1 90  ? 6.247   9.279   -8.613  1.00 30.44  ? 90  TYR A CB  1 
ATOM   684  C  CG  . TYR A 1 90  ? 6.369   7.786   -8.432  1.00 28.57  ? 90  TYR A CG  1 
ATOM   685  C  CD1 . TYR A 1 90  ? 7.180   7.003   -9.246  1.00 28.25  ? 90  TYR A CD1 1 
ATOM   686  C  CD2 . TYR A 1 90  ? 5.654   7.144   -7.436  1.00 28.22  ? 90  TYR A CD2 1 
ATOM   687  C  CE1 . TYR A 1 90  ? 7.260   5.627   -9.070  1.00 28.61  ? 90  TYR A CE1 1 
ATOM   688  C  CE2 . TYR A 1 90  ? 5.720   5.771   -7.253  1.00 28.76  ? 90  TYR A CE2 1 
ATOM   689  C  CZ  . TYR A 1 90  ? 6.520   5.003   -8.075  1.00 27.74  ? 90  TYR A CZ  1 
ATOM   690  O  OH  . TYR A 1 90  ? 6.605   3.656   -7.839  1.00 26.74  ? 90  TYR A OH  1 
ATOM   691  N  N   . PRO A 1 91  ? 6.898   11.365  -10.740 1.00 31.02  ? 91  PRO A N   1 
ATOM   692  C  CA  . PRO A 1 91  ? 6.450   12.557  -11.452 1.00 29.78  ? 91  PRO A CA  1 
ATOM   693  C  C   . PRO A 1 91  ? 4.929   12.631  -11.287 1.00 30.92  ? 91  PRO A C   1 
ATOM   694  O  O   . PRO A 1 91  ? 4.394   11.648  -10.877 1.00 26.80  ? 91  PRO A O   1 
ATOM   695  C  CB  . PRO A 1 91  ? 6.877   12.214  -12.892 1.00 29.56  ? 91  PRO A CB  1 
ATOM   696  C  CG  . PRO A 1 91  ? 6.594   10.719  -13.002 1.00 31.30  ? 91  PRO A CG  1 
ATOM   697  C  CD  . PRO A 1 91  ? 6.936   10.180  -11.625 1.00 29.91  ? 91  PRO A CD  1 
ATOM   698  N  N   . ALA A 1 92  ? 4.285   13.744  -11.657 1.00 30.10  ? 92  ALA A N   1 
ATOM   699  C  CA  . ALA A 1 92  ? 2.850   13.746  -12.010 1.00 30.99  ? 92  ALA A CA  1 
ATOM   700  C  C   . ALA A 1 92  ? 2.620   12.607  -13.021 1.00 32.75  ? 92  ALA A C   1 
ATOM   701  O  O   . ALA A 1 92  ? 3.407   12.480  -13.995 1.00 31.62  ? 92  ALA A O   1 
ATOM   702  C  CB  . ALA A 1 92  ? 2.437   15.081  -12.576 1.00 33.72  ? 92  ALA A CB  1 
ATOM   703  N  N   . ARG A 1 93  ? 1.633   11.752  -12.769 1.00 32.21  ? 93  ARG A N   1 
ATOM   704  C  CA  . ARG A 1 93  ? 1.364   10.542  -13.591 1.00 34.70  ? 93  ARG A CA  1 
ATOM   705  C  C   . ARG A 1 93  ? 0.014   9.972   -13.139 1.00 35.08  ? 93  ARG A C   1 
ATOM   706  O  O   . ARG A 1 93  ? -0.478  10.409  -12.064 1.00 31.58  ? 93  ARG A O   1 
ATOM   707  C  CB  . ARG A 1 93  ? 2.525   9.538   -13.447 1.00 34.66  ? 93  ARG A CB  1 
ATOM   708  C  CG  . ARG A 1 93  ? 2.602   8.857   -12.080 1.00 36.95  ? 93  ARG A CG  1 
ATOM   709  C  CD  . ARG A 1 93  ? 3.732   7.859   -11.852 1.00 38.29  ? 93  ARG A CD  1 
ATOM   710  N  NE  . ARG A 1 93  ? 3.357   6.852   -10.847 1.00 39.06  ? 93  ARG A NE  1 
ATOM   711  C  CZ  . ARG A 1 93  ? 3.485   5.517   -10.953 1.00 42.93  ? 93  ARG A CZ  1 
ATOM   712  N  NH1 . ARG A 1 93  ? 4.046   4.949   -12.011 1.00 41.00  ? 93  ARG A NH1 1 
ATOM   713  N  NH2 . ARG A 1 93  ? 3.058   4.742   -9.968  1.00 39.87  ? 93  ARG A NH2 1 
ATOM   714  N  N   . TYR A 1 94  ? -0.544  9.035   -13.912 1.00 36.15  ? 94  TYR A N   1 
ATOM   715  C  CA  . TYR A 1 94  ? -1.623  8.107   -13.496 1.00 38.22  ? 94  TYR A CA  1 
ATOM   716  C  C   . TYR A 1 94  ? -1.033  6.956   -12.679 1.00 36.36  ? 94  TYR A C   1 
ATOM   717  O  O   . TYR A 1 94  ? 0.150   6.606   -12.920 1.00 37.43  ? 94  TYR A O   1 
ATOM   718  C  CB  . TYR A 1 94  ? -2.349  7.503   -14.699 1.00 43.80  ? 94  TYR A CB  1 
ATOM   719  C  CG  . TYR A 1 94  ? -3.513  8.328   -15.183 1.00 53.13  ? 94  TYR A CG  1 
ATOM   720  C  CD1 . TYR A 1 94  ? -4.801  8.063   -14.752 1.00 57.25  ? 94  TYR A CD1 1 
ATOM   721  C  CD2 . TYR A 1 94  ? -3.323  9.394   -16.046 1.00 60.04  ? 94  TYR A CD2 1 
ATOM   722  C  CE1 . TYR A 1 94  ? -5.879  8.819   -15.184 1.00 60.96  ? 94  TYR A CE1 1 
ATOM   723  C  CE2 . TYR A 1 94  ? -4.389  10.167  -16.482 1.00 61.71  ? 94  TYR A CE2 1 
ATOM   724  C  CZ  . TYR A 1 94  ? -5.671  9.879   -16.049 1.00 61.33  ? 94  TYR A CZ  1 
ATOM   725  O  OH  . TYR A 1 94  ? -6.720  10.630  -16.489 1.00 63.97  ? 94  TYR A OH  1 
ATOM   726  N  N   . GLN A 1 95  ? -1.852  6.374   -11.789 1.00 33.13  ? 95  GLN A N   1 
ATOM   727  C  CA  . GLN A 1 95  ? -1.561  5.153   -10.987 1.00 27.97  ? 95  GLN A CA  1 
ATOM   728  C  C   . GLN A 1 95  ? -2.833  4.301   -10.911 1.00 25.78  ? 95  GLN A C   1 
ATOM   729  O  O   . GLN A 1 95  ? -3.922  4.904   -10.741 1.00 29.89  ? 95  GLN A O   1 
ATOM   730  C  CB  . GLN A 1 95  ? -1.068  5.594   -9.613  1.00 27.24  ? 95  GLN A CB  1 
ATOM   731  C  CG  . GLN A 1 95  ? -0.704  4.451   -8.684  1.00 26.87  ? 95  GLN A CG  1 
ATOM   732  C  CD  . GLN A 1 95  ? 0.161   4.921   -7.537  1.00 24.24  ? 95  GLN A CD  1 
ATOM   733  O  OE1 . GLN A 1 95  ? 0.972   5.824   -7.665  1.00 23.18  ? 95  GLN A OE1 1 
ATOM   734  N  NE2 . GLN A 1 95  ? -0.030  4.306   -6.379  1.00 22.96  ? 95  GLN A NE2 1 
ATOM   735  N  N   . SER A 1 96  ? -2.730  2.969   -11.004 1.00 26.51  ? 96  SER A N   1 
ATOM   736  C  CA  . SER A 1 96  ? -3.863  2.006   -10.977 1.00 25.61  ? 96  SER A CA  1 
ATOM   737  C  C   . SER A 1 96  ? -4.042  1.388   -9.584  1.00 25.33  ? 96  SER A C   1 
ATOM   738  O  O   . SER A 1 96  ? -3.116  1.491   -8.755  1.00 24.28  ? 96  SER A O   1 
ATOM   739  C  CB  . SER A 1 96  ? -3.693  0.915   -12.001 1.00 27.38  ? 96  SER A CB  1 
ATOM   740  O  OG  . SER A 1 96  ? -2.545  0.120   -11.715 1.00 28.59  ? 96  SER A OG  1 
ATOM   741  N  N   . HIS A 1 97  ? -5.194  0.741   -9.362  0.70 23.95  ? 97  HIS A N   1 
ATOM   742  C  CA  . HIS A 1 97  ? -5.590  0.066   -8.097  0.70 23.90  ? 97  HIS A CA  1 
ATOM   743  C  C   . HIS A 1 97  ? -5.363  1.009   -6.906  0.70 22.64  ? 97  HIS A C   1 
ATOM   744  O  O   . HIS A 1 97  ? -4.978  0.504   -5.831  0.70 22.11  ? 97  HIS A O   1 
ATOM   745  C  CB  . HIS A 1 97  ? -4.825  -1.251  -7.937  0.70 24.81  ? 97  HIS A CB  1 
ATOM   746  C  CG  . HIS A 1 97  ? -5.051  -2.216  -9.050  0.70 25.52  ? 97  HIS A CG  1 
ATOM   747  N  ND1 . HIS A 1 97  ? -5.941  -3.260  -8.950  0.70 25.37  ? 97  HIS A ND1 1 
ATOM   748  C  CD2 . HIS A 1 97  ? -4.501  -2.302  -10.282 0.70 26.44  ? 97  HIS A CD2 1 
ATOM   749  C  CE1 . HIS A 1 97  ? -5.925  -3.956  -10.072 0.70 25.92  ? 97  HIS A CE1 1 
ATOM   750  N  NE2 . HIS A 1 97  ? -5.060  -3.385  -10.902 0.70 26.29  ? 97  HIS A NE2 1 
ATOM   751  N  N   . LEU A 1 98  ? -5.598  2.310   -7.106  1.00 21.94  ? 98  LEU A N   1 
ATOM   752  C  CA  . LEU A 1 98  ? -5.415  3.351   -6.070  1.00 21.34  ? 98  LEU A CA  1 
ATOM   753  C  C   . LEU A 1 98  ? -6.771  3.653   -5.424  1.00 22.90  ? 98  LEU A C   1 
ATOM   754  O  O   . LEU A 1 98  ? -7.798  3.721   -6.146  1.00 22.11  ? 98  LEU A O   1 
ATOM   755  C  CB  . LEU A 1 98  ? -4.814  4.631   -6.652  1.00 21.37  ? 98  LEU A CB  1 
ATOM   756  C  CG  . LEU A 1 98  ? -4.341  5.647   -5.616  1.00 21.51  ? 98  LEU A CG  1 
ATOM   757  C  CD1 . LEU A 1 98  ? -3.212  5.070   -4.785  1.00 18.60  ? 98  LEU A CD1 1 
ATOM   758  C  CD2 . LEU A 1 98  ? -3.919  6.976   -6.225  1.00 20.28  ? 98  LEU A CD2 1 
ATOM   759  N  N   . MET A 1 99  ? -6.738  3.858   -4.103  1.00 17.65  ? 99  MET A N   1 
ATOM   760  C  CA  . MET A 1 99  ? -7.907  4.302   -3.292  1.00 17.88  ? 99  MET A CA  1 
ATOM   761  C  C   . MET A 1 99  ? -7.579  5.636   -2.645  1.00 17.93  ? 99  MET A C   1 
ATOM   762  O  O   . MET A 1 99  ? -6.484  5.801   -2.081  1.00 20.06  ? 99  MET A O   1 
ATOM   763  C  CB  . MET A 1 99  ? -8.248  3.275   -2.209  1.00 15.46  ? 99  MET A CB  1 
ATOM   764  C  CG  . MET A 1 99  ? -8.660  1.930   -2.779  1.00 16.10  ? 99  MET A CG  1 
ATOM   765  S  SD  . MET A 1 99  ? -8.660  0.617   -1.619  1.00 18.26  ? 99  MET A SD  1 
ATOM   766  C  CE  . MET A 1 99  ? -6.960  0.464   -1.066  1.00 17.76  ? 99  MET A CE  1 
ATOM   767  N  N   . LEU A 1 100 ? -8.515  6.585   -2.689  1.00 17.00  ? 100 LEU A N   1 
ATOM   768  C  CA  . LEU A 1 100 ? -8.269  7.932   -2.134  1.00 18.10  ? 100 LEU A CA  1 
ATOM   769  C  C   . LEU A 1 100 ? -9.138  8.133   -0.902  1.00 16.56  ? 100 LEU A C   1 
ATOM   770  O  O   . LEU A 1 100 ? -10.263 7.608   -0.853  1.00 17.81  ? 100 LEU A O   1 
ATOM   771  C  CB  . LEU A 1 100 ? -8.607  9.003   -3.183  1.00 22.00  ? 100 LEU A CB  1 
ATOM   772  C  CG  . LEU A 1 100 ? -7.561  9.148   -4.280  1.00 24.91  ? 100 LEU A CG  1 
ATOM   773  C  CD1 . LEU A 1 100 ? -8.074  10.064  -5.379  1.00 27.05  ? 100 LEU A CD1 1 
ATOM   774  C  CD2 . LEU A 1 100 ? -6.237  9.637   -3.704  1.00 24.34  ? 100 LEU A CD2 1 
ATOM   775  N  N   . ALA A 1 101 ? -8.568  8.831   0.053   1.00 14.49  ? 101 ALA A N   1 
ATOM   776  C  CA  . ALA A 1 101 ? -9.272  9.326   1.248   1.00 14.61  ? 101 ALA A CA  1 
ATOM   777  C  C   . ALA A 1 101 ? -8.824  10.748  1.484   1.00 14.92  ? 101 ALA A C   1 
ATOM   778  O  O   . ALA A 1 101 ? -7.766  11.169  1.007   1.00 15.76  ? 101 ALA A O   1 
ATOM   779  C  CB  . ALA A 1 101 ? -8.962  8.487   2.478   1.00 15.19  ? 101 ALA A CB  1 
ATOM   780  N  N   . VAL A 1 102 ? -9.582  11.451  2.309   1.00 15.37  ? 102 VAL A N   1 
ATOM   781  C  CA  . VAL A 1 102 ? -9.172  12.778  2.824   1.00 15.61  ? 102 VAL A CA  1 
ATOM   782  C  C   . VAL A 1 102 ? -8.314  12.532  4.048   1.00 15.51  ? 102 VAL A C   1 
ATOM   783  O  O   . VAL A 1 102 ? -8.800  11.928  5.003   1.00 16.21  ? 102 VAL A O   1 
ATOM   784  C  CB  . VAL A 1 102 ? -10.407 13.646  3.137   1.00 15.01  ? 102 VAL A CB  1 
ATOM   785  C  CG1 . VAL A 1 102 ? -10.023 15.001  3.696   1.00 15.83  ? 102 VAL A CG1 1 
ATOM   786  C  CG2 . VAL A 1 102 ? -11.264 13.776  1.891   1.00 15.17  ? 102 VAL A CG2 1 
ATOM   787  N  N   . GLY A 1 103 ? -7.071  12.999  4.008   1.00 15.61  ? 103 GLY A N   1 
ATOM   788  C  CA  . GLY A 1 103 ? -6.131  12.758  5.106   1.00 15.67  ? 103 GLY A CA  1 
ATOM   789  C  C   . GLY A 1 103 ? -4.751  13.256  4.768   1.00 16.73  ? 103 GLY A C   1 
ATOM   790  O  O   . GLY A 1 103 ? -4.506  13.594  3.607   1.00 18.89  ? 103 GLY A O   1 
ATOM   791  N  N   . HIS A 1 104 ? -3.887  13.234  5.769   1.00 17.09  ? 104 HIS A N   1 
ATOM   792  C  CA  . HIS A 1 104 ? -2.505  13.747  5.674   1.00 18.57  ? 104 HIS A CA  1 
ATOM   793  C  C   . HIS A 1 104 ? -1.614  12.622  5.143   1.00 18.88  ? 104 HIS A C   1 
ATOM   794  O  O   . HIS A 1 104 ? -1.604  11.529  5.753   1.00 18.78  ? 104 HIS A O   1 
ATOM   795  C  CB  . HIS A 1 104 ? -2.023  14.276  7.024   1.00 18.44  ? 104 HIS A CB  1 
ATOM   796  C  CG  . HIS A 1 104 ? -0.646  14.842  6.904   1.00 19.79  ? 104 HIS A CG  1 
ATOM   797  N  ND1 . HIS A 1 104 ? -0.396  15.886  6.058   1.00 20.39  ? 104 HIS A ND1 1 
ATOM   798  C  CD2 . HIS A 1 104 ? 0.536   14.484  7.448   1.00 18.85  ? 104 HIS A CD2 1 
ATOM   799  C  CE1 . HIS A 1 104 ? 0.892   16.162  6.084   1.00 17.92  ? 104 HIS A CE1 1 
ATOM   800  N  NE2 . HIS A 1 104 ? 1.482   15.349  6.959   1.00 19.34  ? 104 HIS A NE2 1 
ATOM   801  N  N   . SER A 1 105 ? -0.830  12.926  4.107   1.00 20.03  ? 105 SER A N   1 
ATOM   802  C  CA  . SER A 1 105 ? 0.136   11.982  3.493   1.00 20.48  ? 105 SER A CA  1 
ATOM   803  C  C   . SER A 1 105 ? 1.330   12.770  2.953   1.00 21.40  ? 105 SER A C   1 
ATOM   804  O  O   . SER A 1 105 ? 1.164   13.489  1.951   1.00 25.10  ? 105 SER A O   1 
ATOM   805  C  CB  . SER A 1 105 ? -0.481  11.114  2.415   1.00 21.03  ? 105 SER A CB  1 
ATOM   806  O  OG  . SER A 1 105 ? 0.467   10.163  1.912   1.00 22.07  ? 105 SER A OG  1 
ATOM   807  N  N   . GLU A 1 106 ? 2.477   12.545  3.564   1.00 20.56  ? 106 GLU A N   1 
ATOM   808  C  CA  . GLU A 1 106 ? 3.791   13.034  3.085   1.00 25.66  ? 106 GLU A CA  1 
ATOM   809  C  C   . GLU A 1 106 ? 4.539   11.849  2.487   1.00 26.21  ? 106 GLU A C   1 
ATOM   810  O  O   . GLU A 1 106 ? 4.322   10.699  2.883   1.00 25.59  ? 106 GLU A O   1 
ATOM   811  C  CB  . GLU A 1 106 ? 4.560   13.672  4.242   1.00 26.97  ? 106 GLU A CB  1 
ATOM   812  C  CG  . GLU A 1 106 ? 3.954   14.993  4.684   1.00 28.74  ? 106 GLU A CG  1 
ATOM   813  C  CD  . GLU A 1 106 ? 4.516   15.590  5.966   1.00 30.53  ? 106 GLU A CD  1 
ATOM   814  O  OE1 . GLU A 1 106 ? 5.526   15.068  6.508   1.00 32.44  ? 106 GLU A OE1 1 
ATOM   815  O  OE2 . GLU A 1 106 ? 3.912   16.556  6.450   1.00 31.77  ? 106 GLU A OE2 1 
ATOM   816  N  N   . PRO A 1 107 ? 5.483   12.125  1.560   1.00 27.69  ? 107 PRO A N   1 
ATOM   817  C  CA  . PRO A 1 107 ? 6.255   11.070  0.899   1.00 27.25  ? 107 PRO A CA  1 
ATOM   818  C  C   . PRO A 1 107 ? 6.665   9.902   1.813   1.00 27.36  ? 107 PRO A C   1 
ATOM   819  O  O   . PRO A 1 107 ? 6.447   8.741   1.421   1.00 28.97  ? 107 PRO A O   1 
ATOM   820  C  CB  . PRO A 1 107 ? 7.449   11.889  0.379   1.00 27.73  ? 107 PRO A CB  1 
ATOM   821  C  CG  . PRO A 1 107 ? 6.803   13.191  -0.039  1.00 28.08  ? 107 PRO A CG  1 
ATOM   822  C  CD  . PRO A 1 107 ? 5.862   13.480  1.113   1.00 26.45  ? 107 PRO A CD  1 
ATOM   823  N  N   . GLY A 1 108 ? 7.182   10.183  3.012   1.00 23.39  ? 108 GLY A N   1 
ATOM   824  C  CA  . GLY A 1 108 ? 7.678   9.153   3.943   1.00 22.96  ? 108 GLY A CA  1 
ATOM   825  C  C   . GLY A 1 108 ? 6.579   8.375   4.664   1.00 19.64  ? 108 GLY A C   1 
ATOM   826  O  O   . GLY A 1 108 ? 6.889   7.463   5.462   1.00 18.23  ? 108 GLY A O   1 
ATOM   827  N  N   . ASP A 1 109 ? 5.325   8.788   4.503   1.00 20.61  ? 109 ASP A N   1 
ATOM   828  C  CA  . ASP A 1 109 ? 4.175   8.021   5.033   1.00 18.09  ? 109 ASP A CA  1 
ATOM   829  C  C   . ASP A 1 109 ? 3.884   6.817   4.149   1.00 17.86  ? 109 ASP A C   1 
ATOM   830  O  O   . ASP A 1 109 ? 3.188   5.886   4.628   1.00 15.06  ? 109 ASP A O   1 
ATOM   831  C  CB  . ASP A 1 109 ? 2.920   8.879   5.077   1.00 17.25  ? 109 ASP A CB  1 
ATOM   832  C  CG  . ASP A 1 109 ? 3.012   9.943   6.147   1.00 15.85  ? 109 ASP A CG  1 
ATOM   833  O  OD1 . ASP A 1 109 ? 3.517   9.596   7.220   1.00 16.37  ? 109 ASP A OD1 1 
ATOM   834  O  OD2 . ASP A 1 109 ? 2.537   11.048  5.881   1.00 19.19  ? 109 ASP A OD2 1 
ATOM   835  N  N   . CYS A 1 110 ? 4.444   6.787   2.941   1.00 15.94  ? 110 CYS A N   1 
ATOM   836  C  CA  . CYS A 1 110 ? 4.288   5.597   2.083   1.00 14.93  ? 110 CYS A CA  1 
ATOM   837  C  C   . CYS A 1 110 ? 4.643   4.370   2.913   1.00 13.84  ? 110 CYS A C   1 
ATOM   838  O  O   . CYS A 1 110 ? 5.678   4.365   3.563   1.00 14.82  ? 110 CYS A O   1 
ATOM   839  C  CB  . CYS A 1 110 ? 5.170   5.679   0.844   1.00 16.15  ? 110 CYS A CB  1 
ATOM   840  S  SG  . CYS A 1 110 ? 4.502   6.816   -0.381  1.00 19.67  ? 110 CYS A SG  1 
ATOM   841  N  N   . GLY A 1 111 ? 3.849   3.302   2.785   1.00 10.35  ? 111 GLY A N   1 
ATOM   842  C  CA  . GLY A 1 111 ? 4.071   2.035   3.451   1.00 11.46  ? 111 GLY A CA  1 
ATOM   843  C  C   . GLY A 1 111 ? 3.163   1.914   4.656   1.00 11.11  ? 111 GLY A C   1 
ATOM   844  O  O   . GLY A 1 111 ? 3.059   0.820   5.191   1.00 12.07  ? 111 GLY A O   1 
ATOM   845  N  N   . GLY A 1 112 ? 2.598   3.010   5.172   1.00 11.70  ? 112 GLY A N   1 
ATOM   846  C  CA  . GLY A 1 112 ? 1.628   2.909   6.274   1.00 11.41  ? 112 GLY A CA  1 
ATOM   847  C  C   . GLY A 1 112 ? 0.473   2.001   5.906   1.00 10.62  ? 112 GLY A C   1 
ATOM   848  O  O   . GLY A 1 112 ? -0.014  2.128   4.777   1.00 9.65   ? 112 GLY A O   1 
ATOM   849  N  N   . ILE A 1 113 ? 0.082   1.109   6.782   1.00 11.07  ? 113 ILE A N   1 
ATOM   850  C  CA  . ILE A 1 113 ? -1.067  0.201   6.494   1.00 10.66  ? 113 ILE A CA  1 
ATOM   851  C  C   . ILE A 1 113 ? -2.396  0.944   6.622   1.00 9.77   ? 113 ILE A C   1 
ATOM   852  O  O   . ILE A 1 113 ? -2.601  1.710   7.618   1.00 9.95   ? 113 ILE A O   1 
ATOM   853  C  CB  . ILE A 1 113 ? -0.987  -1.019  7.412   1.00 12.51  ? 113 ILE A CB  1 
ATOM   854  C  CG1 . ILE A 1 113 ? 0.065   -1.957  6.825   1.00 13.95  ? 113 ILE A CG1 1 
ATOM   855  C  CG2 . ILE A 1 113 ? -2.310  -1.762  7.582   1.00 13.23  ? 113 ILE A CG2 1 
ATOM   856  C  CD1 . ILE A 1 113 ? 0.572   -2.996  7.798   1.00 14.66  ? 113 ILE A CD1 1 
ATOM   857  N  N   . LEU A 1 114 ? -3.297  0.650   5.684   1.00 10.00  ? 114 LEU A N   1 
ATOM   858  C  CA  . LEU A 1 114 ? -4.758  0.853   5.788   1.00 9.98   ? 114 LEU A CA  1 
ATOM   859  C  C   . LEU A 1 114 ? -5.370  -0.497  6.133   1.00 10.28  ? 114 LEU A C   1 
ATOM   860  O  O   . LEU A 1 114 ? -5.109  -1.479  5.387   1.00 10.76  ? 114 LEU A O   1 
ATOM   861  C  CB  . LEU A 1 114 ? -5.267  1.361   4.447   1.00 9.66   ? 114 LEU A CB  1 
ATOM   862  C  CG  . LEU A 1 114 ? -6.769  1.532   4.302   1.00 10.04  ? 114 LEU A CG  1 
ATOM   863  C  CD1 . LEU A 1 114 ? -7.297  2.575   5.244   1.00 9.71   ? 114 LEU A CD1 1 
ATOM   864  C  CD2 . LEU A 1 114 ? -7.108  1.878   2.852   1.00 10.47  ? 114 LEU A CD2 1 
ATOM   865  N  N   . ARG A 1 115 ? -6.186  -0.516  7.174   1.00 10.04  ? 115 ARG A N   1 
ATOM   866  C  CA  . ARG A 1 115 ? -6.815  -1.770  7.650   1.00 10.54  ? 115 ARG A CA  1 
ATOM   867  C  C   . ARG A 1 115 ? -8.307  -1.542  7.859   1.00 11.84  ? 115 ARG A C   1 
ATOM   868  O  O   . ARG A 1 115 ? -8.742  -0.468  8.218   1.00 11.40  ? 115 ARG A O   1 
ATOM   869  C  CB  . ARG A 1 115 ? -6.164  -2.331  8.904   1.00 12.76  ? 115 ARG A CB  1 
ATOM   870  C  CG  . ARG A 1 115 ? -6.267  -1.363  10.065  1.00 13.66  ? 115 ARG A CG  1 
ATOM   871  C  CD  . ARG A 1 115 ? -5.475  -1.909  11.243  1.00 17.21  ? 115 ARG A CD  1 
ATOM   872  N  NE  . ARG A 1 115 ? -4.034  -1.743  11.131  1.00 20.48  ? 115 ARG A NE  1 
ATOM   873  C  CZ  . ARG A 1 115 ? -3.105  -2.726  11.159  1.00 22.46  ? 115 ARG A CZ  1 
ATOM   874  N  NH1 . ARG A 1 115 ? -3.425  -4.015  11.213  1.00 22.28  ? 115 ARG A NH1 1 
ATOM   875  N  NH2 . ARG A 1 115 ? -1.826  -2.405  11.082  1.00 23.29  ? 115 ARG A NH2 1 
ATOM   876  N  N   . CYS A 1 116 ? -9.064  -2.584  7.573   1.00 11.36  ? 116 CYS A N   1 
ATOM   877  C  CA  . CYS A 1 116 ? -10.541 -2.617  7.794   1.00 13.53  ? 116 CYS A CA  1 
ATOM   878  C  C   . CYS A 1 116 ? -10.833 -3.777  8.739   1.00 15.82  ? 116 CYS A C   1 
ATOM   879  O  O   . CYS A 1 116 ? -9.877  -4.371  9.290   1.00 17.62  ? 116 CYS A O   1 
ATOM   880  C  CB  . CYS A 1 116 ? -11.308 -2.729  6.485   1.00 12.17  ? 116 CYS A CB  1 
ATOM   881  S  SG  . CYS A 1 116 ? -11.102 -4.364  5.711   1.00 14.24  ? 116 CYS A SG  1 
ATOM   882  N  N   . GLN A 1 117 ? -12.115 -4.102  8.934   1.00 18.11  ? 117 GLN A N   1 
ATOM   883  C  CA  . GLN A 1 117 ? -12.504 -5.200  9.850   1.00 19.05  ? 117 GLN A CA  1 
ATOM   884  C  C   . GLN A 1 117 ? -12.029 -6.548  9.288   1.00 19.32  ? 117 GLN A C   1 
ATOM   885  O  O   . GLN A 1 117 ? -12.069 -7.566  10.008  1.00 24.87  ? 117 GLN A O   1 
ATOM   886  C  CB  . GLN A 1 117 ? -14.017 -5.162  10.048  1.00 18.86  ? 117 GLN A CB  1 
ATOM   887  C  CG  . GLN A 1 117 ? -14.786 -5.640  8.823   1.00 20.79  ? 117 GLN A CG  1 
ATOM   888  C  CD  . GLN A 1 117 ? -16.273 -5.609  9.041   1.00 25.38  ? 117 GLN A CD  1 
ATOM   889  O  OE1 . GLN A 1 117 ? -16.880 -4.544  9.089   1.00 29.76  ? 117 GLN A OE1 1 
ATOM   890  N  NE2 . GLN A 1 117 ? -16.859 -6.791  9.194   1.00 28.38  ? 117 GLN A NE2 1 
ATOM   891  N  N   . HIS A 1 118 ? -11.657 -6.625  8.027   1.00 19.46  ? 118 HIS A N   1 
ATOM   892  C  CA  . HIS A 1 118 ? -11.250 -7.920  7.423   1.00 20.13  ? 118 HIS A CA  1 
ATOM   893  C  C   . HIS A 1 118 ? -9.719  -8.092  7.447   1.00 22.44  ? 118 HIS A C   1 
ATOM   894  O  O   . HIS A 1 118 ? -9.277  -9.183  7.027   1.00 27.66  ? 118 HIS A O   1 
ATOM   895  C  CB  . HIS A 1 118 ? -11.859 -7.993  6.030   1.00 19.73  ? 118 HIS A CB  1 
ATOM   896  C  CG  . HIS A 1 118 ? -13.343 -7.830  6.009   1.00 22.10  ? 118 HIS A CG  1 
ATOM   897  N  ND1 . HIS A 1 118 ? -13.938 -6.704  5.508   1.00 20.66  ? 118 HIS A ND1 1 
ATOM   898  C  CD2 . HIS A 1 118 ? -14.357 -8.681  6.322   1.00 22.71  ? 118 HIS A CD2 1 
ATOM   899  C  CE1 . HIS A 1 118 ? -15.256 -6.833  5.566   1.00 23.93  ? 118 HIS A CE1 1 
ATOM   900  N  NE2 . HIS A 1 118 ? -15.532 -8.025  6.073   1.00 21.35  ? 118 HIS A NE2 1 
ATOM   901  N  N   . GLY A 1 119 ? -8.936  -7.074  7.876   1.00 21.35  ? 119 GLY A N   1 
ATOM   902  C  CA  . GLY A 1 119 ? -7.460  -7.114  7.839   1.00 18.80  ? 119 GLY A CA  1 
ATOM   903  C  C   . GLY A 1 119 ? -6.821  -5.984  7.036   1.00 18.16  ? 119 GLY A C   1 
ATOM   904  O  O   . GLY A 1 119 ? -7.431  -4.909  6.879   1.00 16.78  ? 119 GLY A O   1 
ATOM   905  N  N   . VAL A 1 120 ? -5.616  -6.219  6.510   1.00 15.94  ? 120 VAL A N   1 
ATOM   906  C  CA  . VAL A 1 120 ? -4.893  -5.195  5.719   1.00 15.65  ? 120 VAL A CA  1 
ATOM   907  C  C   . VAL A 1 120 ? -5.554  -5.010  4.373   1.00 14.93  ? 120 VAL A C   1 
ATOM   908  O  O   . VAL A 1 120 ? -5.726  -6.016  3.609   1.00 15.52  ? 120 VAL A O   1 
ATOM   909  C  CB  . VAL A 1 120 ? -3.413  -5.547  5.549   1.00 14.22  ? 120 VAL A CB  1 
ATOM   910  C  CG1 . VAL A 1 120 ? -2.737  -4.518  4.653   1.00 14.42  ? 120 VAL A CG1 1 
ATOM   911  C  CG2 . VAL A 1 120 ? -2.728  -5.676  6.883   1.00 14.67  ? 120 VAL A CG2 1 
ATOM   912  N  N   . VAL A 1 121 ? -5.896  -3.773  4.055   1.00 13.84  ? 121 VAL A N   1 
ATOM   913  C  CA  . VAL A 1 121 ? -6.504  -3.361  2.765   1.00 13.43  ? 121 VAL A CA  1 
ATOM   914  C  C   . VAL A 1 121 ? -5.412  -2.954  1.757   1.00 12.48  ? 121 VAL A C   1 
ATOM   915  O  O   . VAL A 1 121 ? -5.560  -3.157  0.583   1.00 13.22  ? 121 VAL A O   1 
ATOM   916  C  CB  . VAL A 1 121 ? -7.498  -2.216  3.039   1.00 13.10  ? 121 VAL A CB  1 
ATOM   917  C  CG1 . VAL A 1 121 ? -8.020  -1.605  1.751   1.00 12.92  ? 121 VAL A CG1 1 
ATOM   918  C  CG2 . VAL A 1 121 ? -8.595  -2.667  3.987   1.00 14.33  ? 121 VAL A CG2 1 
ATOM   919  N  N   . GLY A 1 122 ? -4.411  -2.197  2.198   1.00 11.69  ? 122 GLY A N   1 
ATOM   920  C  CA  . GLY A 1 122 ? -3.435  -1.593  1.296   1.00 11.70  ? 122 GLY A CA  1 
ATOM   921  C  C   . GLY A 1 122 ? -2.418  -0.796  2.069   1.00 9.71   ? 122 GLY A C   1 
ATOM   922  O  O   . GLY A 1 122 ? -2.424  -0.845  3.321   1.00 9.66   ? 122 GLY A O   1 
ATOM   923  N  N   . ILE A 1 123 ? -1.553  -0.084  1.333   1.00 9.29   ? 123 ILE A N   1 
ATOM   924  C  CA  . ILE A 1 123 ? -0.491  0.735   1.960   1.00 9.27   ? 123 ILE A CA  1 
ATOM   925  C  C   . ILE A 1 123 ? -0.511  2.124   1.330   1.00 9.63   ? 123 ILE A C   1 
ATOM   926  O  O   . ILE A 1 123 ? -0.873  2.268   0.164   1.00 9.98   ? 123 ILE A O   1 
ATOM   927  C  CB  . ILE A 1 123 ? 0.906   0.092   1.858   1.00 9.91   ? 123 ILE A CB  1 
ATOM   928  C  CG1 . ILE A 1 123 ? 1.332   -0.290  0.433   1.00 10.35  ? 123 ILE A CG1 1 
ATOM   929  C  CG2 . ILE A 1 123 ? 1.043   -1.054  2.835   1.00 9.85   ? 123 ILE A CG2 1 
ATOM   930  C  CD1 . ILE A 1 123 ? 2.814   -0.597  0.250   1.00 10.54  ? 123 ILE A CD1 1 
ATOM   931  N  N   . VAL A 1 124 ? -0.166  3.116   2.126   1.00 10.01  ? 124 VAL A N   1 
ATOM   932  C  CA  . VAL A 1 124 ? -0.065  4.496   1.623   1.00 11.58  ? 124 VAL A CA  1 
ATOM   933  C  C   . VAL A 1 124 ? 0.903   4.480   0.446   1.00 11.84  ? 124 VAL A C   1 
ATOM   934  O  O   . VAL A 1 124 ? 2.039   3.940   0.553   1.00 11.74  ? 124 VAL A O   1 
ATOM   935  C  CB  . VAL A 1 124 ? 0.444   5.415   2.732   1.00 10.58  ? 124 VAL A CB  1 
ATOM   936  C  CG1 . VAL A 1 124 ? 0.768   6.803   2.216   1.00 11.62  ? 124 VAL A CG1 1 
ATOM   937  C  CG2 . VAL A 1 124 ? -0.527  5.489   3.900   1.00 11.40  ? 124 VAL A CG2 1 
ATOM   938  N  N   . SER A 1 125 ? 0.481   5.131   -0.627  1.00 12.96  ? 125 SER A N   1 
ATOM   939  C  CA  . SER A 1 125 ? 1.261   5.230   -1.876  1.00 13.97  ? 125 SER A CA  1 
ATOM   940  C  C   . SER A 1 125 ? 1.357   6.697   -2.324  1.00 16.96  ? 125 SER A C   1 
ATOM   941  O  O   . SER A 1 125 ? 2.387   7.064   -2.941  1.00 18.48  ? 125 SER A O   1 
ATOM   942  C  CB  . SER A 1 125 ? 0.668   4.379   -2.917  1.00 14.96  ? 125 SER A CB  1 
ATOM   943  O  OG  . SER A 1 125 ? 1.467   4.429   -4.098  1.00 16.19  ? 125 SER A OG  1 
ATOM   944  N  N   . THR A 1 126 ? 0.347   7.531   -2.052  1.00 18.46  ? 126 THR A N   1 
ATOM   945  C  CA  . THR A 1 126 ? 0.332   8.928   -2.552  1.00 18.60  ? 126 THR A CA  1 
ATOM   946  C  C   . THR A 1 126 ? -0.142  9.907   -1.474  1.00 20.30  ? 126 THR A C   1 
ATOM   947  O  O   . THR A 1 126 ? -0.737  9.489   -0.451  1.00 19.71  ? 126 THR A O   1 
ATOM   948  C  CB  . THR A 1 126 ? -0.537  9.086   -3.802  1.00 18.38  ? 126 THR A CB  1 
ATOM   949  O  OG1 . THR A 1 126 ? -1.916  9.110   -3.392  1.00 20.45  ? 126 THR A OG1 1 
ATOM   950  C  CG2 . THR A 1 126 ? -0.281  8.041   -4.872  1.00 17.51  ? 126 THR A CG2 1 
ATOM   951  N  N   . GLY A 1 127 ? 0.122   11.194  -1.724  1.00 21.88  ? 127 GLY A N   1 
ATOM   952  C  CA  . GLY A 1 127 ? -0.101  12.306  -0.779  1.00 26.62  ? 127 GLY A CA  1 
ATOM   953  C  C   . GLY A 1 127 ? -0.200  13.617  -1.543  1.00 29.32  ? 127 GLY A C   1 
ATOM   954  O  O   . GLY A 1 127 ? -0.046  13.573  -2.783  1.00 33.78  ? 127 GLY A O   1 
ATOM   955  N  N   . GLY A 1 128 ? -0.539  14.705  -0.856  1.00 35.72  ? 128 GLY A N   1 
ATOM   956  C  CA  . GLY A 1 128 ? -0.708  16.043  -1.463  1.00 35.69  ? 128 GLY A CA  1 
ATOM   957  C  C   . GLY A 1 128 ? -2.160  16.499  -1.509  1.00 37.76  ? 128 GLY A C   1 
ATOM   958  O  O   . GLY A 1 128 ? -3.071  15.668  -1.781  1.00 36.83  ? 128 GLY A O   1 
ATOM   959  N  N   . ASN A 1 129 ? -2.374  17.803  -1.306  1.00 35.76  ? 129 ASN A N   1 
ATOM   960  C  CA  . ASN A 1 129 ? -3.704  18.453  -1.466  1.00 35.40  ? 129 ASN A CA  1 
ATOM   961  C  C   . ASN A 1 129 ? -4.678  17.886  -0.429  1.00 28.42  ? 129 ASN A C   1 
ATOM   962  O  O   . ASN A 1 129 ? -5.881  17.786  -0.745  1.00 33.93  ? 129 ASN A O   1 
ATOM   963  C  CB  . ASN A 1 129 ? -4.272  18.259  -2.879  1.00 33.47  ? 129 ASN A CB  1 
ATOM   964  C  CG  . ASN A 1 129 ? -3.794  19.304  -3.861  1.00 37.55  ? 129 ASN A CG  1 
ATOM   965  O  OD1 . ASN A 1 129 ? -3.540  20.442  -3.477  1.00 38.39  ? 129 ASN A OD1 1 
ATOM   966  N  ND2 . ASN A 1 129 ? -3.681  18.931  -5.127  1.00 38.02  ? 129 ASN A ND2 1 
ATOM   967  N  N   . GLY A 1 130 ? -4.186  17.557  0.770   1.00 25.28  ? 130 GLY A N   1 
ATOM   968  C  CA  . GLY A 1 130 ? -4.999  16.985  1.864   1.00 24.89  ? 130 GLY A CA  1 
ATOM   969  C  C   . GLY A 1 130 ? -5.631  15.652  1.493   1.00 23.11  ? 130 GLY A C   1 
ATOM   970  O  O   . GLY A 1 130 ? -6.655  15.327  2.054   1.00 20.44  ? 130 GLY A O   1 
ATOM   971  N  N   . LEU A 1 131 ? -5.059  14.913  0.541   1.00 21.27  ? 131 LEU A N   1 
ATOM   972  C  CA  . LEU A 1 131 ? -5.547  13.581  0.132   1.00 20.54  ? 131 LEU A CA  1 
ATOM   973  C  C   . LEU A 1 131 ? -4.435  12.579  0.445   1.00 19.62  ? 131 LEU A C   1 
ATOM   974  O  O   . LEU A 1 131 ? -3.248  12.911  0.370   1.00 20.26  ? 131 LEU A O   1 
ATOM   975  C  CB  . LEU A 1 131 ? -5.916  13.565  -1.347  1.00 24.20  ? 131 LEU A CB  1 
ATOM   976  C  CG  . LEU A 1 131 ? -7.096  14.455  -1.748  1.00 26.84  ? 131 LEU A CG  1 
ATOM   977  C  CD1 . LEU A 1 131 ? -7.346  14.366  -3.241  1.00 28.26  ? 131 LEU A CD1 1 
ATOM   978  C  CD2 . LEU A 1 131 ? -8.359  14.094  -0.991  1.00 27.65  ? 131 LEU A CD2 1 
ATOM   979  N  N   . VAL A 1 132 ? -4.833  11.375  0.788   1.00 17.09  ? 132 VAL A N   1 
ATOM   980  C  CA  . VAL A 1 132 ? -3.904  10.228  0.926   1.00 16.37  ? 132 VAL A CA  1 
ATOM   981  C  C   . VAL A 1 132 ? -4.443  9.152   -0.013  1.00 14.27  ? 132 VAL A C   1 
ATOM   982  O  O   . VAL A 1 132 ? -5.663  8.887   -0.003  1.00 16.07  ? 132 VAL A O   1 
ATOM   983  C  CB  . VAL A 1 132 ? -3.828  9.784   2.387   1.00 15.15  ? 132 VAL A CB  1 
ATOM   984  C  CG1 . VAL A 1 132 ? -5.199  9.479   2.953   1.00 15.90  ? 132 VAL A CG1 1 
ATOM   985  C  CG2 . VAL A 1 132 ? -2.878  8.605   2.561   1.00 15.73  ? 132 VAL A CG2 1 
ATOM   986  N  N   . GLY A 1 133 ? -3.560  8.577   -0.835  1.00 15.22  ? 133 GLY A N   1 
ATOM   987  C  CA  . GLY A 1 133 ? -3.869  7.461   -1.715  1.00 13.09  ? 133 GLY A CA  1 
ATOM   988  C  C   . GLY A 1 133 ? -3.223  6.189   -1.184  1.00 12.57  ? 133 GLY A C   1 
ATOM   989  O  O   . GLY A 1 133 ? -2.069  6.252   -0.714  1.00 12.90  ? 133 GLY A O   1 
ATOM   990  N  N   . PHE A 1 134 ? -3.941  5.087   -1.305  1.00 12.11  ? 134 PHE A N   1 
ATOM   991  C  CA  . PHE A 1 134 ? -3.528  3.755   -0.813  1.00 11.08  ? 134 PHE A CA  1 
ATOM   992  C  C   . PHE A 1 134 ? -3.488  2.809   -1.999  1.00 12.50  ? 134 PHE A C   1 
ATOM   993  O  O   . PHE A 1 134 ? -4.467  2.745   -2.756  1.00 14.77  ? 134 PHE A O   1 
ATOM   994  C  CB  . PHE A 1 134 ? -4.503  3.194   0.218   1.00 10.49  ? 134 PHE A CB  1 
ATOM   995  C  CG  . PHE A 1 134 ? -4.785  4.136   1.343   1.00 10.62  ? 134 PHE A CG  1 
ATOM   996  C  CD1 . PHE A 1 134 ? -3.925  4.236   2.423   1.00 10.91  ? 134 PHE A CD1 1 
ATOM   997  C  CD2 . PHE A 1 134 ? -5.920  4.942   1.298   1.00 11.32  ? 134 PHE A CD2 1 
ATOM   998  C  CE1 . PHE A 1 134 ? -4.201  5.114   3.470   1.00 10.62  ? 134 PHE A CE1 1 
ATOM   999  C  CE2 . PHE A 1 134 ? -6.194  5.805   2.346   1.00 11.31  ? 134 PHE A CE2 1 
ATOM   1000 C  CZ  . PHE A 1 134 ? -5.325  5.904   3.430   1.00 11.24  ? 134 PHE A CZ  1 
ATOM   1001 N  N   . ALA A 1 135 ? -2.403  2.065   -2.135  1.00 11.45  ? 135 ALA A N   1 
ATOM   1002 C  CA  . ALA A 1 135 ? -2.302  0.968   -3.114  1.00 11.60  ? 135 ALA A CA  1 
ATOM   1003 C  C   . ALA A 1 135 ? -3.073  -0.223  -2.565  1.00 12.35  ? 135 ALA A C   1 
ATOM   1004 O  O   . ALA A 1 135 ? -2.719  -0.750  -1.489  1.00 13.24  ? 135 ALA A O   1 
ATOM   1005 C  CB  . ALA A 1 135 ? -0.856  0.629   -3.376  1.00 11.08  ? 135 ALA A CB  1 
ATOM   1006 N  N   . ASP A 1 136 ? -4.127  -0.658  -3.255  1.00 13.68  ? 136 ASP A N   1 
ATOM   1007 C  CA  . ASP A 1 136 ? -4.942  -1.803  -2.812  1.00 14.53  ? 136 ASP A CA  1 
ATOM   1008 C  C   . ASP A 1 136 ? -4.144  -3.117  -2.939  1.00 13.53  ? 136 ASP A C   1 
ATOM   1009 O  O   . ASP A 1 136 ? -3.302  -3.225  -3.882  1.00 15.63  ? 136 ASP A O   1 
ATOM   1010 C  CB  . ASP A 1 136 ? -6.249  -1.867  -3.607  1.00 15.98  ? 136 ASP A CB  1 
ATOM   1011 C  CG  . ASP A 1 136 ? -7.118  -3.016  -3.175  1.00 17.24  ? 136 ASP A CG  1 
ATOM   1012 O  OD1 . ASP A 1 136 ? -7.463  -3.099  -2.010  1.00 18.19  ? 136 ASP A OD1 1 
ATOM   1013 O  OD2 . ASP A 1 136 ? -7.412  -3.876  -4.043  1.00 20.09  ? 136 ASP A OD2 1 
ATOM   1014 N  N   . VAL A 1 137 ? -4.321  -4.049  -2.014  1.00 14.37  ? 137 VAL A N   1 
ATOM   1015 C  CA  . VAL A 1 137 ? -3.719  -5.405  -2.155  1.00 15.06  ? 137 VAL A CA  1 
ATOM   1016 C  C   . VAL A 1 137 ? -4.822  -6.462  -2.113  1.00 16.67  ? 137 VAL A C   1 
ATOM   1017 O  O   . VAL A 1 137 ? -4.481  -7.636  -2.158  1.00 18.75  ? 137 VAL A O   1 
ATOM   1018 C  CB  . VAL A 1 137 ? -2.628  -5.656  -1.112  1.00 14.74  ? 137 VAL A CB  1 
ATOM   1019 C  CG1 . VAL A 1 137 ? -1.474  -4.686  -1.347  1.00 14.02  ? 137 VAL A CG1 1 
ATOM   1020 C  CG2 . VAL A 1 137 ? -3.151  -5.549  0.312   1.00 13.33  ? 137 VAL A CG2 1 
ATOM   1021 N  N   . ARG A 1 138 ? -6.090  -6.045  -1.981  1.00 17.78  ? 138 ARG A N   1 
ATOM   1022 C  CA  . ARG A 1 138 ? -7.201  -7.005  -1.747  1.00 17.54  ? 138 ARG A CA  1 
ATOM   1023 C  C   . ARG A 1 138 ? -7.443  -7.833  -3.015  1.00 19.02  ? 138 ARG A C   1 
ATOM   1024 O  O   . ARG A 1 138 ? -8.031  -8.903  -2.885  1.00 22.21  ? 138 ARG A O   1 
ATOM   1025 C  CB  . ARG A 1 138 ? -8.456  -6.252  -1.301  1.00 15.90  ? 138 ARG A CB  1 
ATOM   1026 C  CG  . ARG A 1 138 ? -8.298  -5.590  0.061   1.00 15.03  ? 138 ARG A CG  1 
ATOM   1027 C  CD  . ARG A 1 138 ? -9.617  -4.920  0.459   1.00 14.95  ? 138 ARG A CD  1 
ATOM   1028 N  NE  . ARG A 1 138 ? -9.828  -3.816  -0.408  1.00 15.48  ? 138 ARG A NE  1 
ATOM   1029 C  CZ  . ARG A 1 138 ? -10.820 -2.946  -0.346  1.00 14.69  ? 138 ARG A CZ  1 
ATOM   1030 N  NH1 . ARG A 1 138 ? -11.799 -3.142  0.525   1.00 14.85  ? 138 ARG A NH1 1 
ATOM   1031 N  NH2 . ARG A 1 138 ? -10.811 -1.899  -1.157  1.00 15.11  ? 138 ARG A NH2 1 
ATOM   1032 N  N   . ASP A 1 139 ? -7.079  -7.344  -4.190  1.00 21.19  ? 139 ASP A N   1 
ATOM   1033 C  CA  . ASP A 1 139 ? -7.208  -8.160  -5.431  1.00 23.67  ? 139 ASP A CA  1 
ATOM   1034 C  C   . ASP A 1 139 ? -6.094  -9.223  -5.523  1.00 26.74  ? 139 ASP A C   1 
ATOM   1035 O  O   . ASP A 1 139 ? -6.213  -10.002 -6.479  1.00 26.43  ? 139 ASP A O   1 
ATOM   1036 C  CB  . ASP A 1 139 ? -7.282  -7.288  -6.679  1.00 27.23  ? 139 ASP A CB  1 
ATOM   1037 C  CG  . ASP A 1 139 ? -6.031  -6.492  -6.984  1.00 30.63  ? 139 ASP A CG  1 
ATOM   1038 O  OD1 . ASP A 1 139 ? -5.480  -5.897  -6.032  1.00 28.99  ? 139 ASP A OD1 1 
ATOM   1039 O  OD2 . ASP A 1 139 ? -5.636  -6.436  -8.168  1.00 30.19  ? 139 ASP A OD2 1 
ATOM   1040 N  N   . LEU A 1 140 ? -5.130  -9.312  -4.575  1.00 23.84  ? 140 LEU A N   1 
ATOM   1041 C  CA  . LEU A 1 140 ? -3.916  -10.191 -4.633  1.00 23.86  ? 140 LEU A CA  1 
ATOM   1042 C  C   . LEU A 1 140 ? -4.150  -11.446 -3.793  1.00 23.72  ? 140 LEU A C   1 
ATOM   1043 O  O   . LEU A 1 140 ? -3.501  -11.660 -2.719  1.00 23.36  ? 140 LEU A O   1 
ATOM   1044 C  CB  . LEU A 1 140 ? -2.669  -9.398  -4.193  1.00 22.31  ? 140 LEU A CB  1 
ATOM   1045 C  CG  . LEU A 1 140 ? -2.401  -8.125  -4.993  1.00 23.20  ? 140 LEU A CG  1 
ATOM   1046 C  CD1 . LEU A 1 140 ? -1.195  -7.372  -4.427  1.00 23.65  ? 140 LEU A CD1 1 
ATOM   1047 C  CD2 . LEU A 1 140 ? -2.176  -8.401  -6.465  1.00 24.08  ? 140 LEU A CD2 1 
ATOM   1048 N  N   . LEU A 1 141 ? -5.091  -12.264 -4.284  1.00 30.40  ? 141 LEU A N   1 
ATOM   1049 C  CA  . LEU A 1 141 ? -5.541  -13.527 -3.650  1.00 33.26  ? 141 LEU A CA  1 
ATOM   1050 C  C   . LEU A 1 141 ? -4.334  -14.443 -3.492  1.00 32.64  ? 141 LEU A C   1 
ATOM   1051 O  O   . LEU A 1 141 ? -4.215  -15.148 -2.455  1.00 33.20  ? 141 LEU A O   1 
ATOM   1052 C  CB  . LEU A 1 141 ? -6.612  -14.164 -4.541  1.00 32.90  ? 141 LEU A CB  1 
ATOM   1053 C  CG  . LEU A 1 141 ? -7.828  -13.284 -4.797  1.00 34.33  ? 141 LEU A CG  1 
ATOM   1054 C  CD1 . LEU A 1 141 ? -8.925  -14.075 -5.490  1.00 34.22  ? 141 LEU A CD1 1 
ATOM   1055 C  CD2 . LEU A 1 141 ? -8.334  -12.681 -3.495  1.00 32.57  ? 141 LEU A CD2 1 
ATOM   1056 N  N   . TRP A 1 142 ? -3.445  -14.420 -4.494  0.50 33.87  ? 142 TRP A N   1 
ATOM   1057 C  CA  . TRP A 1 142 ? -2.217  -15.255 -4.555  0.50 32.73  ? 142 TRP A CA  1 
ATOM   1058 C  C   . TRP A 1 142 ? -1.326  -14.983 -3.338  0.50 32.43  ? 142 TRP A C   1 
ATOM   1059 O  O   . TRP A 1 142 ? -0.516  -15.868 -3.013  0.50 34.59  ? 142 TRP A O   1 
ATOM   1060 C  CB  . TRP A 1 142 ? -1.468  -15.052 -5.881  0.50 31.91  ? 142 TRP A CB  1 
ATOM   1061 C  CG  . TRP A 1 142 ? -0.891  -13.688 -6.111  0.50 30.98  ? 142 TRP A CG  1 
ATOM   1062 C  CD1 . TRP A 1 142 ? -1.374  -12.733 -6.956  0.50 31.53  ? 142 TRP A CD1 1 
ATOM   1063 C  CD2 . TRP A 1 142 ? 0.308   -13.141 -5.529  0.50 30.43  ? 142 TRP A CD2 1 
ATOM   1064 N  NE1 . TRP A 1 142 ? -0.571  -11.624 -6.929  0.50 31.45  ? 142 TRP A NE1 1 
ATOM   1065 C  CE2 . TRP A 1 142 ? 0.465   -11.844 -6.060  0.50 30.71  ? 142 TRP A CE2 1 
ATOM   1066 C  CE3 . TRP A 1 142 ? 1.250   -13.609 -4.606  0.50 29.94  ? 142 TRP A CE3 1 
ATOM   1067 C  CZ2 . TRP A 1 142 ? 1.532   -11.020 -5.704  0.50 29.89  ? 142 TRP A CZ2 1 
ATOM   1068 C  CZ3 . TRP A 1 142 ? 2.305   -12.793 -4.256  0.50 30.47  ? 142 TRP A CZ3 1 
ATOM   1069 C  CH2 . TRP A 1 142 ? 2.437   -11.515 -4.797  0.50 28.94  ? 142 TRP A CH2 1 
ATOM   1070 N  N   . LEU A 1 143 ? -1.487  -13.826 -2.681  1.00 32.10  ? 143 LEU A N   1 
ATOM   1071 C  CA  . LEU A 1 143 ? -0.776  -13.509 -1.410  1.00 30.36  ? 143 LEU A CA  1 
ATOM   1072 C  C   . LEU A 1 143 ? -1.147  -14.494 -0.290  1.00 34.63  ? 143 LEU A C   1 
ATOM   1073 O  O   . LEU A 1 143 ? -0.375  -14.581 0.683   1.00 30.53  ? 143 LEU A O   1 
ATOM   1074 C  CB  . LEU A 1 143 ? -1.093  -12.088 -0.927  1.00 30.15  ? 143 LEU A CB  1 
ATOM   1075 C  CG  . LEU A 1 143 ? -0.397  -10.927 -1.625  1.00 28.11  ? 143 LEU A CG  1 
ATOM   1076 C  CD1 . LEU A 1 143 ? -0.977  -9.615  -1.130  1.00 26.45  ? 143 LEU A CD1 1 
ATOM   1077 C  CD2 . LEU A 1 143 ? 1.103   -10.957 -1.385  1.00 27.67  ? 143 LEU A CD2 1 
ATOM   1078 N  N   . ASP A 1 144 ? -2.320  -15.137 -0.366  1.00 41.86  ? 144 ASP A N   1 
ATOM   1079 C  CA  . ASP A 1 144 ? -2.853  -16.012 0.713   1.00 49.46  ? 144 ASP A CA  1 
ATOM   1080 C  C   . ASP A 1 144 ? -2.156  -17.381 0.733   1.00 56.72  ? 144 ASP A C   1 
ATOM   1081 O  O   . ASP A 1 144 ? -2.016  -17.932 1.851   1.00 59.79  ? 144 ASP A O   1 
ATOM   1082 C  CB  . ASP A 1 144 ? -4.372  -16.155 0.595   1.00 47.56  ? 144 ASP A CB  1 
ATOM   1083 C  CG  . ASP A 1 144 ? -5.106  -15.016 1.276   1.00 48.68  ? 144 ASP A CG  1 
ATOM   1084 O  OD1 . ASP A 1 144 ? -4.591  -14.533 2.306   1.00 46.65  ? 144 ASP A OD1 1 
ATOM   1085 O  OD2 . ASP A 1 144 ? -6.168  -14.605 0.759   1.00 51.00  ? 144 ASP A OD2 1 
ATOM   1086 N  N   . GLU A 1 145 ? -1.710  -17.900 -0.421  1.00 64.01  ? 145 GLU A N   1 
ATOM   1087 C  CA  . GLU A 1 145 ? -1.229  -19.307 -0.571  1.00 68.17  ? 145 GLU A CA  1 
ATOM   1088 C  C   . GLU A 1 145 ? 0.209   -19.361 -1.111  1.00 73.81  ? 145 GLU A C   1 
ATOM   1089 O  O   . GLU A 1 145 ? 0.703   -18.329 -1.619  1.00 76.03  ? 145 GLU A O   1 
ATOM   1090 C  CB  . GLU A 1 145 ? -2.165  -20.083 -1.498  1.00 68.13  ? 145 GLU A CB  1 
ATOM   1091 C  CG  . GLU A 1 145 ? -2.164  -19.578 -2.933  1.00 67.34  ? 145 GLU A CG  1 
ATOM   1092 C  CD  . GLU A 1 145 ? -3.542  -19.304 -3.504  1.00 68.80  ? 145 GLU A CD  1 
ATOM   1093 O  OE1 . GLU A 1 145 ? -3.740  -19.545 -4.711  1.00 72.73  ? 145 GLU A OE1 1 
ATOM   1094 O  OE2 . GLU A 1 145 ? -4.412  -18.843 -2.741  1.00 67.60  ? 145 GLU A OE2 1 
ATOM   1095 N  N   . GLU A 1 146 ? 0.840   -20.537 -1.000  1.00 77.72  ? 146 GLU A N   1 
ATOM   1096 C  CA  . GLU A 1 146 ? 2.120   -20.906 -1.665  1.00 75.15  ? 146 GLU A CA  1 
ATOM   1097 C  C   . GLU A 1 146 ? 3.217   -19.923 -1.237  1.00 76.89  ? 146 GLU A C   1 
ATOM   1098 O  O   . GLU A 1 146 ? 4.039   -20.201 -0.361  1.00 75.82  ? 146 GLU A O   1 
ATOM   1099 C  CB  . GLU A 1 146 ? 1.883   -20.975 -3.179  1.00 74.09  ? 146 GLU A CB  1 
ATOM   1100 C  CG  . GLU A 1 146 ? 2.874   -20.197 -4.028  1.00 76.42  ? 146 GLU A CG  1 
ATOM   1101 C  CD  . GLU A 1 146 ? 4.200   -20.889 -4.285  1.00 79.53  ? 146 GLU A CD  1 
ATOM   1102 O  OE1 . GLU A 1 146 ? 4.811   -20.610 -5.340  1.00 75.30  ? 146 GLU A OE1 1 
ATOM   1103 O  OE2 . GLU A 1 146 ? 4.620   -21.702 -3.434  1.00 81.08  ? 146 GLU A OE2 1 
HETATM 1104 N  N1  . K2S B 2 .   ? -8.675  -4.625  -11.959 0.70 25.06  ? 201 K2S A N1  1 
HETATM 1105 C  C4  . K2S B 2 .   ? -9.642  -3.675  -9.909  0.70 26.46  ? 201 K2S A C4  1 
HETATM 1106 C  C5  . K2S B 2 .   ? -7.791  -2.845  -12.973 0.70 24.25  ? 201 K2S A C5  1 
HETATM 1107 C  C6  . K2S B 2 .   ? -7.097  -2.088  -14.058 0.70 24.42  ? 201 K2S A C6  1 
HETATM 1108 N  N   . K2S B 2 .   ? -9.648  -0.099  -11.929 0.70 25.51  ? 201 K2S A N   1 
HETATM 1109 C  C   . K2S B 2 .   ? -10.944 -0.452  -11.340 0.70 25.10  ? 201 K2S A C   1 
HETATM 1110 O  O   . K2S B 2 .   ? -8.544  -0.730  -9.819  0.70 25.03  ? 201 K2S A O   1 
HETATM 1111 C  C1  . K2S B 2 .   ? -9.546  1.266   -12.452 0.70 26.03  ? 201 K2S A C1  1 
HETATM 1112 C  C2  . K2S B 2 .   ? -8.355  -2.401  -11.814 0.70 24.62  ? 201 K2S A C2  1 
HETATM 1113 C  C3  . K2S B 2 .   ? -8.908  -3.548  -11.203 0.70 25.17  ? 201 K2S A C3  1 
HETATM 1114 N  N2  . K2S B 2 .   ? -7.984  -4.171  -13.031 0.70 25.16  ? 201 K2S A N2  1 
HETATM 1115 O  O1  . K2S B 2 .   ? -7.189  -0.059  -11.781 0.70 25.58  ? 201 K2S A O1  1 
HETATM 1116 S  S   . K2S B 2 .   ? -8.320  -0.735  -11.231 0.70 25.27  ? 201 K2S A S   1 
HETATM 1117 ZN ZN  . ZN  C 3 .   ? -13.028 -5.062  4.809   1.00 17.36  ? 202 ZN  A ZN  1 
HETATM 1118 S  S   . DMS D 4 .   ? -7.806  -8.756  11.114  1.00 114.83 ? 203 DMS A S   1 
HETATM 1119 O  O   . DMS D 4 .   ? -8.570  -9.632  12.067  1.00 117.68 ? 203 DMS A O   1 
HETATM 1120 C  C1  . DMS D 4 .   ? -8.447  -7.118  11.347  1.00 115.28 ? 203 DMS A C1  1 
HETATM 1121 C  C2  . DMS D 4 .   ? -6.213  -8.501  11.852  1.00 114.99 ? 203 DMS A C2  1 
HETATM 1122 S  S   . DMS E 4 .   ? 2.950   -2.228  -14.800 1.00 60.06  ? 204 DMS A S   1 
HETATM 1123 O  O   . DMS E 4 .   ? 3.318   -0.777  -14.650 1.00 56.91  ? 204 DMS A O   1 
HETATM 1124 C  C1  . DMS E 4 .   ? 1.385   -2.241  -15.647 1.00 59.61  ? 204 DMS A C1  1 
HETATM 1125 C  C2  . DMS E 4 .   ? 3.952   -2.857  -16.129 1.00 60.13  ? 204 DMS A C2  1 
HETATM 1126 S  S   . DMS F 4 .   ? 3.685   1.298   14.091  1.00 100.46 ? 205 DMS A S   1 
HETATM 1127 O  O   . DMS F 4 .   ? 2.801   1.770   15.209  1.00 94.22  ? 205 DMS A O   1 
HETATM 1128 C  C1  . DMS F 4 .   ? 4.001   -0.424  14.389  1.00 98.32  ? 205 DMS A C1  1 
HETATM 1129 C  C2  . DMS F 4 .   ? 2.646   1.116   12.664  1.00 93.86  ? 205 DMS A C2  1 
HETATM 1130 S  S   . DMS G 4 .   ? -9.395  14.906  7.840   1.00 65.66  ? 206 DMS A S   1 
HETATM 1131 O  O   . DMS G 4 .   ? -8.530  15.999  7.275   1.00 57.77  ? 206 DMS A O   1 
HETATM 1132 C  C1  . DMS G 4 .   ? -8.945  14.752  9.551   1.00 62.20  ? 206 DMS A C1  1 
HETATM 1133 C  C2  . DMS G 4 .   ? -11.020 15.608  8.050   1.00 62.41  ? 206 DMS A C2  1 
HETATM 1134 S  S   . DMS H 4 .   ? 10.942  10.737  -9.471  1.00 96.23  ? 207 DMS A S   1 
HETATM 1135 O  O   . DMS H 4 .   ? 10.548  9.949   -10.695 1.00 94.01  ? 207 DMS A O   1 
HETATM 1136 C  C1  . DMS H 4 .   ? 12.713  10.815  -9.487  1.00 99.92  ? 207 DMS A C1  1 
HETATM 1137 C  C2  . DMS H 4 .   ? 10.634  12.440  -9.857  1.00 95.33  ? 207 DMS A C2  1 
HETATM 1138 S  S   . SO4 I 5 .   ? -3.999  13.674  -19.008 1.00 160.97 ? 208 SO4 A S   1 
HETATM 1139 O  O1  . SO4 I 5 .   ? -4.693  12.564  -19.603 1.00 165.43 ? 208 SO4 A O1  1 
HETATM 1140 O  O2  . SO4 I 5 .   ? -4.654  14.902  -19.370 1.00 160.61 ? 208 SO4 A O2  1 
HETATM 1141 O  O3  . SO4 I 5 .   ? -4.003  13.528  -17.578 1.00 164.00 ? 208 SO4 A O3  1 
HETATM 1142 O  O4  . SO4 I 5 .   ? -2.641  13.701  -19.482 1.00 165.19 ? 208 SO4 A O4  1 
HETATM 1143 O  O   . HOH J 6 .   ? 3.063   -5.395  8.353   1.00 26.85  ? 301 HOH A O   1 
HETATM 1144 O  O   . HOH J 6 .   ? -0.910  -10.906 -8.998  0.50 36.59  ? 302 HOH A O   1 
HETATM 1145 O  O   . HOH J 6 .   ? -3.479  -11.914 10.692  1.00 47.96  ? 303 HOH A O   1 
HETATM 1146 O  O   . HOH J 6 .   ? -2.753  -18.512 -6.497  1.00 34.29  ? 304 HOH A O   1 
HETATM 1147 O  O   . HOH J 6 .   ? 6.077   5.790   13.168  1.00 31.05  ? 305 HOH A O   1 
HETATM 1148 O  O   . HOH J 6 .   ? -10.103 5.587   -6.139  1.00 38.77  ? 306 HOH A O   1 
HETATM 1149 O  O   . HOH J 6 .   ? 7.575   8.308   14.951  1.00 39.17  ? 307 HOH A O   1 
HETATM 1150 O  O   . HOH J 6 .   ? -1.798  18.235  8.790   1.00 35.25  ? 308 HOH A O   1 
HETATM 1151 O  O   . HOH J 6 .   ? 4.023   -16.625 2.218   1.00 27.05  ? 309 HOH A O   1 
HETATM 1152 O  O   . HOH J 6 .   ? 9.528   15.459  1.195   1.00 37.99  ? 310 HOH A O   1 
HETATM 1153 O  O   . HOH J 6 .   ? 3.594   9.943   -5.778  1.00 22.31  ? 311 HOH A O   1 
HETATM 1154 O  O   . HOH J 6 .   ? -4.112  17.292  -6.941  1.00 45.46  ? 312 HOH A O   1 
HETATM 1155 O  O   . HOH J 6 .   ? 8.205   -16.274 0.446   0.50 23.06  ? 313 HOH A O   1 
HETATM 1156 O  O   . HOH J 6 .   ? -4.094  -13.152 4.321   1.00 39.06  ? 314 HOH A O   1 
HETATM 1157 O  O   . HOH J 6 .   ? -1.536  15.767  15.849  1.00 35.15  ? 315 HOH A O   1 
HETATM 1158 O  O   . HOH J 6 .   ? -5.455  14.111  -9.235  1.00 35.79  ? 316 HOH A O   1 
HETATM 1159 O  O   . HOH J 6 .   ? 11.197  6.624   -7.006  1.00 27.94  ? 317 HOH A O   1 
HETATM 1160 O  O   . HOH J 6 .   ? 18.816  -4.875  0.203   1.00 29.12  ? 318 HOH A O   1 
HETATM 1161 O  O   . HOH J 6 .   ? -13.893 -2.420  -3.109  1.00 34.55  ? 319 HOH A O   1 
HETATM 1162 O  O   . HOH J 6 .   ? -12.011 -10.921 3.930   1.00 22.05  ? 320 HOH A O   1 
HETATM 1163 O  O   . HOH J 6 .   ? 11.734  -0.245  1.913   1.00 34.94  ? 321 HOH A O   1 
HETATM 1164 O  O   . HOH J 6 .   ? -12.161 10.291  3.051   1.00 12.09  ? 322 HOH A O   1 
HETATM 1165 O  O   . HOH J 6 .   ? -2.937  11.278  -4.278  1.00 34.88  ? 323 HOH A O   1 
HETATM 1166 O  O   . HOH J 6 .   ? -3.749  22.899  -4.148  0.70 22.11  ? 324 HOH A O   1 
HETATM 1167 O  O   . HOH J 6 .   ? 19.227  -4.392  -7.039  1.00 24.49  ? 325 HOH A O   1 
HETATM 1168 O  O   . HOH J 6 .   ? -7.149  -6.859  -10.214 1.00 41.37  ? 326 HOH A O   1 
HETATM 1169 O  O   . HOH J 6 .   ? 1.199   -13.554 8.336   1.00 35.95  ? 327 HOH A O   1 
HETATM 1170 O  O   . HOH J 6 .   ? -7.517  -3.888  -6.627  1.00 21.25  ? 328 HOH A O   1 
HETATM 1171 O  O   . HOH J 6 .   ? 6.946   0.576   1.418   1.00 14.90  ? 329 HOH A O   1 
HETATM 1172 O  O   . HOH J 6 .   ? -5.051  -8.117  -10.071 1.00 48.14  ? 330 HOH A O   1 
HETATM 1173 O  O   . HOH J 6 .   ? 3.144   18.153  -6.295  1.00 38.73  ? 331 HOH A O   1 
HETATM 1174 O  O   . HOH J 6 .   ? 1.420   5.505   -14.920 1.00 36.80  ? 332 HOH A O   1 
HETATM 1175 O  O   . HOH J 6 .   ? 13.897  -7.359  1.614   1.00 28.33  ? 333 HOH A O   1 
HETATM 1176 O  O   . HOH J 6 .   ? 2.934   18.421  8.008   1.00 21.79  ? 334 HOH A O   1 
HETATM 1177 O  O   . HOH J 6 .   ? 3.297   -16.540 -4.864  1.00 40.49  ? 335 HOH A O   1 
HETATM 1178 O  O   . HOH J 6 .   ? -9.477  10.881  9.768   1.00 24.70  ? 336 HOH A O   1 
HETATM 1179 O  O   . HOH J 6 .   ? 5.796   17.460  8.038   1.00 26.40  ? 337 HOH A O   1 
HETATM 1180 O  O   . HOH J 6 .   ? 6.953   -14.911 -9.355  1.00 32.92  ? 338 HOH A O   1 
HETATM 1181 O  O   . HOH J 6 .   ? -9.908  -4.709  -4.374  1.00 21.03  ? 339 HOH A O   1 
HETATM 1182 O  O   . HOH J 6 .   ? 8.341   7.482   0.052   1.00 23.94  ? 340 HOH A O   1 
HETATM 1183 O  O   . HOH J 6 .   ? 2.667   9.919   0.444   1.00 24.37  ? 341 HOH A O   1 
HETATM 1184 O  O   . HOH J 6 .   ? 2.479   6.105   7.194   1.00 12.13  ? 342 HOH A O   1 
HETATM 1185 O  O   . HOH J 6 .   ? 4.603   11.153  -15.976 1.00 44.34  ? 343 HOH A O   1 
HETATM 1186 O  O   . HOH J 6 .   ? 2.903   -18.630 10.879  1.00 51.99  ? 344 HOH A O   1 
HETATM 1187 O  O   . HOH J 6 .   ? -6.383  13.828  -21.291 1.00 42.29  ? 345 HOH A O   1 
HETATM 1188 O  O   . HOH J 6 .   ? -1.463  -6.296  11.692  1.00 27.34  ? 346 HOH A O   1 
HETATM 1189 O  O   . HOH J 6 .   ? 4.526   4.277   7.990   1.00 22.37  ? 347 HOH A O   1 
HETATM 1190 O  O   . HOH J 6 .   ? -13.062 4.235   9.578   1.00 30.49  ? 348 HOH A O   1 
HETATM 1191 O  O   . HOH J 6 .   ? 12.019  -6.684  6.149   1.00 39.95  ? 349 HOH A O   1 
HETATM 1192 O  O   . HOH J 6 .   ? 9.023   2.360   -8.532  1.00 20.47  ? 350 HOH A O   1 
HETATM 1193 O  O   . HOH J 6 .   ? 9.225   1.164   8.422   1.00 33.50  ? 351 HOH A O   1 
HETATM 1194 O  O   . HOH J 6 .   ? 12.782  -13.218 -8.973  1.00 30.26  ? 352 HOH A O   1 
HETATM 1195 O  O   . HOH J 6 .   ? -2.349  -1.470  -5.730  1.00 16.12  ? 353 HOH A O   1 
HETATM 1196 O  O   . HOH J 6 .   ? 2.969   7.102   -5.600  1.00 19.21  ? 354 HOH A O   1 
HETATM 1197 O  O   . HOH J 6 .   ? -3.998  15.139  13.863  1.00 22.28  ? 355 HOH A O   1 
HETATM 1198 O  O   . HOH J 6 .   ? 13.723  1.599   -4.749  1.00 39.67  ? 356 HOH A O   1 
HETATM 1199 O  O   . HOH J 6 .   ? 9.847   6.082   3.696   1.00 25.35  ? 357 HOH A O   1 
HETATM 1200 O  O   . HOH J 6 .   ? -4.072  -3.797  -13.424 0.70 27.07  ? 358 HOH A O   1 
HETATM 1201 O  O   . HOH J 6 .   ? -1.799  1.822   -6.374  1.00 20.05  ? 359 HOH A O   1 
HETATM 1202 O  O   . HOH J 6 .   ? -19.037 3.364   -3.674  1.00 40.09  ? 360 HOH A O   1 
HETATM 1203 O  O   . HOH J 6 .   ? 7.730   5.813   7.873   1.00 38.37  ? 361 HOH A O   1 
HETATM 1204 O  O   . HOH J 6 .   ? -7.059  16.792  4.343   1.00 26.68  ? 362 HOH A O   1 
HETATM 1205 O  O   . HOH J 6 .   ? 6.365   -2.611  -13.665 1.00 26.66  ? 363 HOH A O   1 
HETATM 1206 O  O   . HOH J 6 .   ? -17.077 -6.829  1.340   1.00 19.65  ? 364 HOH A O   1 
HETATM 1207 O  O   . HOH J 6 .   ? 9.396   -3.277  8.086   1.00 32.25  ? 365 HOH A O   1 
HETATM 1208 O  O   . HOH J 6 .   ? -7.311  9.488   14.954  1.00 31.53  ? 366 HOH A O   1 
HETATM 1209 O  O   . HOH J 6 .   ? 6.564   14.770  -2.536  1.00 36.82  ? 367 HOH A O   1 
HETATM 1210 O  O   . HOH J 6 .   ? 15.138  -5.163  2.581   1.00 30.54  ? 368 HOH A O   1 
HETATM 1211 O  O   . HOH J 6 .   ? -1.980  14.840  2.427   1.00 28.27  ? 369 HOH A O   1 
HETATM 1212 O  O   . HOH J 6 .   ? -6.875  -15.954 -2.171  1.00 36.09  ? 370 HOH A O   1 
HETATM 1213 O  O   . HOH J 6 .   ? 1.713   13.990  -4.935  1.00 32.15  ? 371 HOH A O   1 
HETATM 1214 O  O   . HOH J 6 .   ? 12.570  -13.104 7.758   1.00 49.61  ? 372 HOH A O   1 
HETATM 1215 O  O   . HOH J 6 .   ? -10.975 12.109  6.758   1.00 22.06  ? 373 HOH A O   1 
HETATM 1216 O  O   . HOH J 6 .   ? -0.889  14.036  -6.049  1.00 44.14  ? 374 HOH A O   1 
HETATM 1217 O  O   . HOH J 6 .   ? -13.630 -9.887  10.216  1.00 41.61  ? 375 HOH A O   1 
HETATM 1218 O  O   . HOH J 6 .   ? 0.667   -17.216 1.413   1.00 50.79  ? 376 HOH A O   1 
HETATM 1219 O  O   . HOH J 6 .   ? 3.139   10.930  -8.465  1.00 23.76  ? 377 HOH A O   1 
HETATM 1220 O  O   . HOH J 6 .   ? 12.597  0.298   -6.753  1.00 29.69  ? 378 HOH A O   1 
HETATM 1221 O  O   . HOH J 6 .   ? -12.312 -4.430  -3.123  1.00 22.08  ? 379 HOH A O   1 
HETATM 1222 O  O   . HOH J 6 .   ? -10.833 -8.642  -2.583  1.00 22.77  ? 380 HOH A O   1 
HETATM 1223 O  O   . HOH J 6 .   ? -9.573  -3.072  11.788  1.00 33.38  ? 381 HOH A O   1 
HETATM 1224 O  O   . HOH J 6 .   ? 15.188  -11.597 -8.313  1.00 22.60  ? 382 HOH A O   1 
HETATM 1225 O  O   . HOH J 6 .   ? -12.006 -7.076  12.800  1.00 34.37  ? 383 HOH A O   1 
HETATM 1226 O  O   . HOH J 6 .   ? 0.474   -4.228  11.285  1.00 29.24  ? 384 HOH A O   1 
HETATM 1227 O  O   . HOH J 6 .   ? 16.428  -0.642  -4.693  1.00 27.28  ? 385 HOH A O   1 
HETATM 1228 O  O   . HOH J 6 .   ? -4.465  11.914  -7.005  1.00 50.42  ? 386 HOH A O   1 
HETATM 1229 O  O   . HOH J 6 .   ? 8.037   -8.332  -13.371 1.00 34.50  ? 387 HOH A O   1 
HETATM 1230 O  O   . HOH J 6 .   ? 8.445   12.726  3.249   1.00 27.92  ? 388 HOH A O   1 
HETATM 1231 O  O   . HOH J 6 .   ? 12.725  -1.541  3.896   1.00 38.43  ? 389 HOH A O   1 
HETATM 1232 O  O   . HOH J 6 .   ? 15.918  -14.323 -7.230  1.00 37.79  ? 390 HOH A O   1 
HETATM 1233 O  O   . HOH J 6 .   ? -15.472 4.089   -5.234  1.00 28.80  ? 391 HOH A O   1 
HETATM 1234 O  O   . HOH J 6 .   ? -3.391  0.917   10.289  1.00 19.63  ? 392 HOH A O   1 
HETATM 1235 O  O   . HOH J 6 .   ? -2.477  -6.742  -10.922 1.00 34.14  ? 393 HOH A O   1 
HETATM 1236 O  O   . HOH J 6 .   ? 3.096   18.119  -9.812  1.00 35.69  ? 394 HOH A O   1 
HETATM 1237 O  O   . HOH J 6 .   ? 6.273   -11.774 6.063   0.50 27.80  ? 395 HOH A O   1 
HETATM 1238 O  O   . HOH J 6 .   ? 1.205   -17.890 6.992   1.00 45.73  ? 396 HOH A O   1 
HETATM 1239 O  O   . HOH J 6 .   ? 10.060  -3.247  -13.803 1.00 29.74  ? 397 HOH A O   1 
HETATM 1240 O  O   . HOH J 6 .   ? -6.030  -5.257  11.110  1.00 33.82  ? 398 HOH A O   1 
HETATM 1241 O  O   . HOH J 6 .   ? -5.164  12.608  8.284   1.00 20.19  ? 399 HOH A O   1 
HETATM 1242 O  O   . HOH J 6 .   ? -3.394  6.770   16.735  1.00 22.78  ? 400 HOH A O   1 
HETATM 1243 O  O   . HOH J 6 .   ? 5.867   -11.866 -11.067 0.50 35.33  ? 401 HOH A O   1 
HETATM 1244 O  O   . HOH J 6 .   ? -15.956 -9.587  2.415   1.00 28.53  ? 402 HOH A O   1 
HETATM 1245 O  O   . HOH J 6 .   ? 2.150   8.332   -8.589  1.00 26.84  ? 403 HOH A O   1 
HETATM 1246 O  O   . HOH J 6 .   ? 13.581  0.752   2.049   1.00 42.78  ? 404 HOH A O   1 
HETATM 1247 O  O   . HOH J 6 .   ? -13.249 9.763   9.437   1.00 27.15  ? 405 HOH A O   1 
HETATM 1248 O  O   . HOH J 6 .   ? 1.549   0.769   9.303   1.00 19.24  ? 406 HOH A O   1 
HETATM 1249 O  O   . HOH J 6 .   ? -7.559  11.437  7.624   1.00 23.01  ? 407 HOH A O   1 
HETATM 1250 O  O   . HOH J 6 .   ? 0.172   19.292  -1.422  1.00 35.58  ? 408 HOH A O   1 
HETATM 1251 O  O   . HOH J 6 .   ? 10.289  8.936   -0.877  1.00 35.45  ? 409 HOH A O   1 
HETATM 1252 O  O   . HOH J 6 .   ? -18.410 -8.347  6.691   1.00 44.55  ? 410 HOH A O   1 
HETATM 1253 O  O   . HOH J 6 .   ? 13.155  -12.413 3.871   0.50 47.68  ? 411 HOH A O   1 
HETATM 1254 O  O   . HOH J 6 .   ? 3.292   -1.058  7.476   1.00 23.81  ? 412 HOH A O   1 
HETATM 1255 O  O   . HOH J 6 .   ? -3.045  16.459  10.392  1.00 34.14  ? 413 HOH A O   1 
HETATM 1256 O  O   . HOH J 6 .   ? -12.655 0.411   -1.460  1.00 27.06  ? 414 HOH A O   1 
HETATM 1257 O  O   . HOH J 6 .   ? -3.963  -8.177  9.794   1.00 31.93  ? 415 HOH A O   1 
HETATM 1258 O  O   . HOH J 6 .   ? -2.862  13.590  -3.919  1.00 48.47  ? 416 HOH A O   1 
HETATM 1259 O  O   . HOH J 6 .   ? 3.671   -8.493  10.207  1.00 40.98  ? 417 HOH A O   1 
HETATM 1260 O  O   . HOH J 6 .   ? -12.487 10.094  5.840   1.00 16.13  ? 418 HOH A O   1 
HETATM 1261 O  O   . HOH J 6 .   ? 19.120  -13.474 -4.248  1.00 37.16  ? 419 HOH A O   1 
HETATM 1262 O  O   . HOH J 6 .   ? 13.087  10.603  -3.674  1.00 39.56  ? 420 HOH A O   1 
HETATM 1263 O  O   . HOH J 6 .   ? -8.048  10.914  -11.244 1.00 37.65  ? 421 HOH A O   1 
HETATM 1264 O  O   . HOH J 6 .   ? 5.966   -9.281  -11.649 1.00 32.21  ? 422 HOH A O   1 
HETATM 1265 O  O   . HOH J 6 .   ? 5.509   -4.376  -14.063 1.00 39.01  ? 423 HOH A O   1 
HETATM 1266 O  O   . HOH J 6 .   ? -0.280  0.199   11.692  1.00 26.11  ? 424 HOH A O   1 
HETATM 1267 O  O   . HOH J 6 .   ? 6.545   -2.467  8.372   1.00 30.58  ? 425 HOH A O   1 
HETATM 1268 O  O   . HOH J 6 .   ? -14.039 -1.457  8.588   1.00 34.38  ? 426 HOH A O   1 
HETATM 1269 O  O   . HOH J 6 .   ? 9.877   -1.359  4.840   1.00 29.96  ? 427 HOH A O   1 
HETATM 1270 O  O   . HOH J 6 .   ? -7.624  -12.171 10.531  1.00 39.05  ? 428 HOH A O   1 
HETATM 1271 O  O   . HOH J 6 .   ? 8.156   -11.830 7.830   1.00 32.92  ? 429 HOH A O   1 
HETATM 1272 O  O   . HOH J 6 .   ? 5.666   3.388   -15.273 1.00 45.94  ? 430 HOH A O   1 
HETATM 1273 O  O   . HOH J 6 .   ? -17.328 -0.138  4.487   1.00 28.72  ? 431 HOH A O   1 
HETATM 1274 O  O   . HOH J 6 .   ? -2.926  14.056  -7.039  1.00 53.31  ? 432 HOH A O   1 
HETATM 1275 O  O   . HOH J 6 .   ? -2.719  17.285  4.476   1.00 36.09  ? 433 HOH A O   1 
HETATM 1276 O  O   . HOH J 6 .   ? -1.459  17.258  2.300   1.00 41.87  ? 434 HOH A O   1 
HETATM 1277 O  O   . HOH J 6 .   ? 2.723   16.072  1.056   1.00 51.06  ? 435 HOH A O   1 
HETATM 1278 O  O   . HOH J 6 .   ? 15.012  2.109   -1.796  1.00 41.80  ? 436 HOH A O   1 
HETATM 1279 O  O   . HOH J 6 .   ? 9.256   0.738   2.937   1.00 19.22  ? 437 HOH A O   1 
HETATM 1280 O  O   . HOH J 6 .   ? 2.320   11.458  -3.968  1.00 27.44  ? 438 HOH A O   1 
HETATM 1281 O  O   . HOH J 6 .   ? 22.249  -10.438 -4.557  1.00 30.41  ? 439 HOH A O   1 
HETATM 1282 O  O   . HOH J 6 .   ? 1.399   11.302  18.093  1.00 44.16  ? 440 HOH A O   1 
HETATM 1283 O  O   . HOH J 6 .   ? -17.514 -4.960  3.277   1.00 31.25  ? 441 HOH A O   1 
HETATM 1284 O  O   . HOH J 6 .   ? 13.588  -15.096 1.473   0.50 34.83  ? 442 HOH A O   1 
HETATM 1285 O  O   . HOH J 6 .   ? 4.730   5.741   -15.027 1.00 37.46  ? 443 HOH A O   1 
HETATM 1286 O  O   . HOH J 6 .   ? -5.390  -12.621 -8.135  1.00 33.40  ? 444 HOH A O   1 
HETATM 1287 O  O   . HOH J 6 .   ? 2.509   15.760  -3.805  1.00 34.35  ? 445 HOH A O   1 
HETATM 1288 O  O   . HOH J 6 .   ? 12.813  -9.847  3.113   0.50 23.89  ? 446 HOH A O   1 
HETATM 1289 O  O   . HOH J 6 .   ? 18.740  -0.813  -0.970  1.00 35.06  ? 447 HOH A O   1 
HETATM 1290 O  O   . HOH J 6 .   ? -19.451 -7.227  0.053   1.00 42.39  ? 448 HOH A O   1 
HETATM 1291 O  O   . HOH J 6 .   ? 2.915   5.379   16.876  1.00 46.50  ? 449 HOH A O   1 
HETATM 1292 O  O   . HOH J 6 .   ? 10.216  -19.604 9.504   1.00 46.08  ? 450 HOH A O   1 
HETATM 1293 O  O   . HOH J 6 .   ? -5.342  -15.524 7.169   1.00 45.27  ? 451 HOH A O   1 
HETATM 1294 O  O   . HOH J 6 .   ? -5.169  -16.991 -6.436  1.00 44.90  ? 452 HOH A O   1 
HETATM 1295 O  O   . HOH J 6 .   ? -5.499  15.120  8.608   1.00 44.20  ? 453 HOH A O   1 
HETATM 1296 O  O   . HOH J 6 .   ? -3.997  -10.208 -9.125  1.00 38.11  ? 454 HOH A O   1 
HETATM 1297 O  O   . HOH J 6 .   ? 5.355   -8.883  11.265  1.00 35.95  ? 455 HOH A O   1 
HETATM 1298 O  O   . HOH J 6 .   ? 3.513   12.287  -1.375  1.00 33.89  ? 456 HOH A O   1 
HETATM 1299 O  O   . HOH J 6 .   ? 5.639   15.423  -14.393 1.00 44.86  ? 457 HOH A O   1 
HETATM 1300 O  O   . HOH J 6 .   ? -5.316  16.557  5.909   1.00 43.23  ? 458 HOH A O   1 
HETATM 1301 O  O   . HOH J 6 .   ? 3.486   13.937  -2.544  1.00 45.49  ? 459 HOH A O   1 
HETATM 1302 O  O   . HOH J 6 .   ? -12.368 -2.467  -7.505  1.00 36.25  ? 460 HOH A O   1 
HETATM 1303 O  O   . HOH J 6 .   ? 0.315   -11.564 -10.714 0.50 32.79  ? 461 HOH A O   1 
HETATM 1304 O  O   . HOH J 6 .   ? 14.452  -3.501  4.451   1.00 46.06  ? 462 HOH A O   1 
HETATM 1305 O  O   . HOH J 6 .   ? -9.374  -7.898  -10.508 1.00 33.72  ? 463 HOH A O   1 
HETATM 1306 O  O   . HOH J 6 .   ? 10.797  9.603   2.967   1.00 43.53  ? 464 HOH A O   1 
HETATM 1307 O  O   . HOH J 6 .   ? 12.201  7.478   -5.116  1.00 46.48  ? 465 HOH A O   1 
HETATM 1308 O  O   . HOH J 6 .   ? -14.374 6.531   9.032   1.00 45.85  ? 466 HOH A O   1 
HETATM 1309 O  O   . HOH J 6 .   ? -18.821 -2.636  3.277   1.00 52.18  ? 467 HOH A O   1 
HETATM 1310 O  O   . HOH J 6 .   ? -6.007  13.598  -6.877  1.00 42.59  ? 468 HOH A O   1 
HETATM 1311 O  O   . HOH J 6 .   ? -2.421  1.105   -15.682 1.00 39.03  ? 469 HOH A O   1 
HETATM 1312 O  O   . HOH J 6 .   ? 10.345  8.123   1.484   1.00 35.75  ? 470 HOH A O   1 
HETATM 1313 O  O   . HOH J 6 .   ? 11.934  -8.614  5.541   1.00 32.96  ? 471 HOH A O   1 
HETATM 1314 O  O   . HOH J 6 .   ? 10.539  -10.959 7.320   1.00 39.70  ? 472 HOH A O   1 
HETATM 1315 O  O   . HOH J 6 .   ? 6.328   9.844   20.484  1.00 46.03  ? 473 HOH A O   1 
HETATM 1316 O  O   . HOH J 6 .   ? -1.360  5.610   17.506  1.00 38.86  ? 474 HOH A O   1 
HETATM 1317 O  O   . HOH J 6 .   ? -4.806  -14.991 -8.288  1.00 29.08  ? 475 HOH A O   1 
HETATM 1318 O  O   . HOH J 6 .   ? 2.592   -13.477 -8.760  1.00 35.80  ? 476 HOH A O   1 
HETATM 1319 O  O   . HOH J 6 .   ? 0.092   17.418  -5.734  1.00 48.92  ? 477 HOH A O   1 
HETATM 1320 O  O   . HOH J 6 .   ? -1.899  -9.238  -10.700 1.00 48.56  ? 478 HOH A O   1 
HETATM 1321 O  O   . HOH J 6 .   ? 3.361   12.416  18.734  1.00 28.27  ? 479 HOH A O   1 
HETATM 1322 O  O   . HOH J 6 .   ? 15.158  10.713  1.625   0.50 36.10  ? 480 HOH A O   1 
HETATM 1323 O  O   . HOH J 6 .   ? -10.517 -4.160  -6.968  1.00 24.92  ? 481 HOH A O   1 
HETATM 1324 O  O   . HOH J 6 .   ? -6.957  15.129  11.963  1.00 44.15  ? 482 HOH A O   1 
HETATM 1325 O  O   . HOH J 6 .   ? 7.660   -9.886  10.287  1.00 43.18  ? 483 HOH A O   1 
HETATM 1326 O  O   . HOH J 6 .   ? 11.435  2.088   3.341   1.00 29.38  ? 484 HOH A O   1 
HETATM 1327 O  O   . HOH J 6 .   ? -9.650  11.925  12.098  1.00 30.97  ? 485 HOH A O   1 
HETATM 1328 O  O   . HOH J 6 .   ? 3.060   9.626   -17.561 1.00 40.41  ? 486 HOH A O   1 
HETATM 1329 O  O   . HOH J 6 .   ? 11.991  5.333   3.031   1.00 39.85  ? 487 HOH A O   1 
HETATM 1330 O  O   . HOH J 6 .   ? 4.147   8.730   19.914  1.00 44.95  ? 488 HOH A O   1 
HETATM 1331 O  O   . HOH J 6 .   ? -7.230  13.768  14.357  1.00 52.81  ? 489 HOH A O   1 
HETATM 1332 O  O   . HOH J 6 .   ? -8.225  11.477  14.109  1.00 38.33  ? 490 HOH A O   1 
HETATM 1333 O  O   . HOH J 6 .   ? -1.731  3.620   -16.116 1.00 40.84  ? 491 HOH A O   1 
HETATM 1334 O  O   . HOH J 6 .   ? 13.697  9.196   3.191   1.00 44.33  ? 492 HOH A O   1 
HETATM 1335 O  O   . HOH J 6 .   ? 0.292   -17.628 -7.427  1.00 43.52  ? 493 HOH A O   1 
HETATM 1336 O  O   . HOH J 6 .   ? 21.461  -12.648 -4.733  1.00 46.09  ? 494 HOH A O   1 
HETATM 1337 O  O   . HOH J 6 .   ? -3.344  7.798   -19.615 1.00 41.83  ? 495 HOH A O   1 
HETATM 1338 O  O   . HOH J 6 .   ? 16.254  1.203   2.447   1.00 36.35  ? 496 HOH A O   1 
HETATM 1339 O  O   . HOH J 6 .   ? 12.969  6.609   0.905   1.00 47.82  ? 497 HOH A O   1 
HETATM 1340 O  O   . HOH J 6 .   ? -2.645  5.459   -17.551 1.00 46.31  ? 498 HOH A O   1 
HETATM 1341 O  O   . HOH J 6 .   ? 7.917   -23.368 10.440  1.00 44.65  ? 499 HOH A O   1 
HETATM 1342 O  O   . HOH J 6 .   ? -4.652  3.495   -18.529 1.00 54.57  ? 500 HOH A O   1 
# 
